data_4Y4F
#
_entry.id   4Y4F
#
_cell.length_a   78.589
_cell.length_b   149.728
_cell.length_c   101.386
_cell.angle_alpha   90.000
_cell.angle_beta   96.460
_cell.angle_gamma   90.000
#
_symmetry.space_group_name_H-M   'P 1 21 1'
#
loop_
_entity.id
_entity.type
_entity.pdbx_description
1 polymer 'Antigen-presenting glycoprotein CD1d1'
2 polymer Beta-2-microglobulin
3 polymer 'Chimeric TCR Valpha14/Jalpha18 chain (mouse variable domain/ human constant domain)'
4 polymer 'Chimeric TCR Vbeta8.2 chain (mouse variable domain, human constant domain)'
5 branched 2-acetamido-2-deoxy-beta-D-glucopyranose-(1-4)-2-acetamido-2-deoxy-beta-D-glucopyranose
6 non-polymer 2-acetamido-2-deoxy-beta-D-glucopyranose
7 non-polymer (1R)-1,5-anhydro-1-[(1E,3S,4S,5R)-4,5-dihydroxy-3-(nonacosanoylamino)nonadec-1-en-1-yl]-D-galactitol
#
loop_
_entity_poly.entity_id
_entity_poly.type
_entity_poly.pdbx_seq_one_letter_code
_entity_poly.pdbx_strand_id
1 'polypeptide(L)'
;SEAQQKNYTFRCLQMSSFANRSWSRTDSVVWLGDLQTHRWSNDSATISFTKPWSQGKLSNQQWEKLQHMFQVYRVSFTRD
IQELVKMMSPKEDYPIEIQLSAGCEMYPGNASESFLHVAFQGKYVVRFWGTSWQTVPGAPSWLDLPIKVLNADQGTSATV
QMLLNDTCPLFVRGLLEAGKSDLEKQEKPVAWLSSVPSSAHGHRQLVCHVSGFYPKPVWVMWMRGDQEQQGTHRGDFLPN
ADETWYLQATLDVEAGEEAGLACRVKHSSLGGQDIILYWHHHHHH
;
A,E
2 'polypeptide(L)'
;IQKTPQIQVYSRHPPENGKPNILNCYVTQFHPPHIEIQMLKNGKKIPKVEMSDMSFSKDWSFYILAHTEFTPTETDTYAC
RVKHASMAEPKTVYWDRDM
;
B,F
3 'polypeptide(L)'
;MKTQVEQSPQSLVVRQGENCVLQCNYSVTPDNHLRWFKQDTGKGLVSLTVLVDQKDKTSNGRYSATLDKDAKHSTLHITA
TLLDDTATYICVVGDRGSALGRLHFGAGTQLIVIPDIQNPDPAVYQLRDSKSSDKSVCLFTDFDSQTNVSQSKDSDVYIT
DKCVLDMRSMDFKSNSAVAWSNKSDFACANAFNNSIIPEDTFFPSPESS
;
C,G
4 'polypeptide(L)'
;MEAAVTQSPRNKVAVTGGKVTLSCNQTNNHNNMYWYRQDTGHGLRLIHYSYGAGSTEKGDIPDGYKASRPSQENFSLILE
LATPSQTSVYFCASGDEGYTQYFGPGTRLLVLEDLRNVTPPKVSLFEPSKAEISHTQKATLVCLATGFYPDHVELSWWVN
GKEVHSGVCTDPQPLKEQPALNDSRYSLSSRLRVSATFWQNPRNHFRCQVQFYGLSENDEWTQDRAKPVTQIVSAEAWGR
A
;
D,H
#
# COMPACT_ATOMS: atom_id res chain seq x y z
N ASN A 7 33.05 -7.15 30.85
CA ASN A 7 32.46 -8.19 29.96
C ASN A 7 31.06 -7.82 29.47
N TYR A 8 31.00 -7.27 28.25
CA TYR A 8 29.74 -6.88 27.64
C TYR A 8 29.07 -8.04 26.92
N THR A 9 27.76 -8.18 27.12
CA THR A 9 26.97 -9.18 26.42
C THR A 9 26.08 -8.51 25.39
N PHE A 10 26.25 -8.92 24.13
CA PHE A 10 25.51 -8.36 23.00
C PHE A 10 24.31 -9.25 22.68
N ARG A 11 23.15 -8.62 22.52
CA ARG A 11 21.91 -9.37 22.34
C ARG A 11 21.07 -8.83 21.19
N CYS A 12 20.66 -9.73 20.30
CA CYS A 12 19.64 -9.44 19.30
C CYS A 12 18.37 -10.16 19.72
N LEU A 13 17.40 -9.40 20.22
CA LEU A 13 16.18 -9.97 20.77
C LEU A 13 15.00 -9.89 19.82
N GLN A 14 14.65 -11.03 19.24
CA GLN A 14 13.51 -11.15 18.33
C GLN A 14 12.31 -11.75 19.05
N MET A 15 11.13 -11.21 18.76
CA MET A 15 9.88 -11.71 19.32
C MET A 15 8.77 -11.76 18.27
N SER A 16 8.25 -12.97 18.03
CA SER A 16 7.25 -13.19 16.99
C SER A 16 5.92 -13.71 17.55
N SER A 17 4.84 -13.07 17.12
CA SER A 17 3.49 -13.46 17.54
C SER A 17 2.72 -14.02 16.36
N PHE A 18 2.28 -15.27 16.49
CA PHE A 18 1.46 -15.92 15.47
C PHE A 18 0.07 -16.21 16.06
N ALA A 19 -0.87 -15.29 15.81
CA ALA A 19 -2.22 -15.38 16.39
C ALA A 19 -3.05 -16.51 15.80
N ASN A 20 -3.14 -16.54 14.47
CA ASN A 20 -3.85 -17.58 13.76
C ASN A 20 -3.10 -17.99 12.48
N ARG A 21 -3.76 -18.76 11.63
CA ARG A 21 -3.15 -19.30 10.41
C ARG A 21 -2.60 -18.23 9.44
N SER A 22 -3.11 -17.01 9.55
CA SER A 22 -2.72 -15.94 8.62
C SER A 22 -2.04 -14.74 9.29
N TRP A 23 -2.59 -14.26 10.39
CA TRP A 23 -2.09 -13.07 11.08
C TRP A 23 -0.85 -13.34 11.89
N SER A 24 0.12 -12.44 11.81
CA SER A 24 1.37 -12.54 12.56
C SER A 24 2.19 -11.25 12.51
N ARG A 25 3.11 -11.09 13.44
CA ARG A 25 4.08 -9.98 13.41
C ARG A 25 5.39 -10.31 14.13
N THR A 26 6.45 -9.60 13.76
CA THR A 26 7.79 -9.80 14.31
C THR A 26 8.49 -8.47 14.58
N ASP A 27 8.84 -8.25 15.85
CA ASP A 27 9.56 -7.07 16.30
C ASP A 27 10.90 -7.47 16.90
N SER A 28 11.91 -6.64 16.67
CA SER A 28 13.25 -6.91 17.20
C SER A 28 13.86 -5.70 17.91
N VAL A 29 14.62 -5.98 18.96
CA VAL A 29 15.38 -4.97 19.69
C VAL A 29 16.81 -5.47 19.92
N VAL A 30 17.78 -4.57 19.92
CA VAL A 30 19.18 -4.97 20.03
C VAL A 30 19.89 -4.23 21.16
N TRP A 31 20.52 -4.99 22.06
CA TRP A 31 21.22 -4.41 23.21
C TRP A 31 22.69 -4.72 23.19
N LEU A 32 23.50 -3.68 23.43
CA LEU A 32 24.90 -3.84 23.81
C LEU A 32 25.01 -3.45 25.28
N GLY A 33 25.21 -4.45 26.13
CA GLY A 33 25.14 -4.25 27.57
C GLY A 33 23.71 -3.92 27.98
N ASP A 34 23.57 -2.85 28.75
CA ASP A 34 22.24 -2.36 29.15
C ASP A 34 21.76 -1.20 28.27
N LEU A 35 22.44 -1.00 27.14
CA LEU A 35 22.11 0.06 26.19
C LEU A 35 21.58 -0.49 24.87
N GLN A 36 20.49 0.10 24.39
CA GLN A 36 19.87 -0.29 23.14
C GLN A 36 20.58 0.34 21.94
N THR A 37 20.90 -0.48 20.94
CA THR A 37 21.59 -0.01 19.75
C THR A 37 20.70 0.04 18.51
N HIS A 38 19.81 -0.95 18.37
CA HIS A 38 18.92 -1.01 17.21
C HIS A 38 17.49 -1.35 17.57
N ARG A 39 16.57 -0.83 16.77
CA ARG A 39 15.17 -1.24 16.82
C ARG A 39 14.72 -1.65 15.43
N TRP A 40 14.00 -2.77 15.35
CA TRP A 40 13.40 -3.21 14.08
C TRP A 40 11.97 -3.60 14.24
N SER A 41 11.09 -2.60 14.11
CA SER A 41 9.65 -2.81 14.20
C SER A 41 9.14 -3.59 12.99
N ASN A 42 8.02 -4.28 13.16
CA ASN A 42 7.39 -5.03 12.08
C ASN A 42 7.02 -4.14 10.90
N ASP A 43 6.64 -2.90 11.20
CA ASP A 43 6.21 -1.92 10.20
C ASP A 43 7.39 -1.41 9.39
N SER A 44 8.55 -1.26 10.03
CA SER A 44 9.74 -0.75 9.38
C SER A 44 10.41 -1.83 8.53
N ALA A 45 10.47 -1.57 7.23
CA ALA A 45 11.14 -2.45 6.28
C ALA A 45 12.64 -2.50 6.52
N THR A 46 13.20 -1.40 7.03
CA THR A 46 14.62 -1.31 7.35
C THR A 46 14.86 -1.27 8.86
N ILE A 47 16.06 -1.66 9.28
CA ILE A 47 16.45 -1.62 10.68
C ILE A 47 16.82 -0.19 11.05
N SER A 48 16.43 0.23 12.25
CA SER A 48 16.68 1.60 12.72
C SER A 48 17.80 1.64 13.75
N PHE A 49 18.72 2.60 13.57
CA PHE A 49 19.76 2.88 14.56
C PHE A 49 19.15 3.71 15.70
N THR A 50 19.47 3.35 16.94
CA THR A 50 19.02 4.14 18.10
C THR A 50 20.19 4.83 18.79
N LYS A 51 21.39 4.64 18.24
CA LYS A 51 22.59 5.35 18.68
C LYS A 51 23.34 5.87 17.45
N PRO A 52 24.02 7.03 17.59
CA PRO A 52 24.86 7.56 16.51
C PRO A 52 25.98 6.61 16.09
N TRP A 53 26.28 5.62 16.92
CA TRP A 53 27.38 4.70 16.67
C TRP A 53 26.94 3.28 16.41
N SER A 54 25.64 3.11 16.14
CA SER A 54 25.04 1.78 15.98
C SER A 54 25.54 0.98 14.78
N GLN A 55 26.16 1.65 13.80
CA GLN A 55 26.73 0.96 12.65
C GLN A 55 28.12 0.40 12.95
N GLY A 56 28.59 0.59 14.18
CA GLY A 56 29.91 0.12 14.59
C GLY A 56 31.01 0.64 13.70
N LYS A 57 31.95 -0.23 13.34
CA LYS A 57 33.02 0.13 12.41
C LYS A 57 32.74 -0.43 11.00
N LEU A 58 31.47 -0.73 10.73
CA LEU A 58 31.07 -1.28 9.43
C LEU A 58 30.90 -0.19 8.38
N SER A 59 31.32 -0.51 7.16
CA SER A 59 31.11 0.38 6.02
C SER A 59 29.63 0.36 5.60
N ASN A 60 29.24 1.34 4.79
CA ASN A 60 27.86 1.44 4.32
C ASN A 60 27.40 0.25 3.50
N GLN A 61 28.30 -0.27 2.67
CA GLN A 61 28.03 -1.46 1.87
C GLN A 61 27.86 -2.70 2.76
N GLN A 62 28.74 -2.84 3.76
CA GLN A 62 28.70 -3.96 4.70
C GLN A 62 27.39 -4.03 5.48
N TRP A 63 26.92 -2.88 5.97
CA TRP A 63 25.67 -2.82 6.71
C TRP A 63 24.50 -3.13 5.82
N GLU A 64 24.56 -2.67 4.58
CA GLU A 64 23.50 -2.88 3.60
C GLU A 64 23.35 -4.38 3.28
N LYS A 65 24.48 -5.03 2.98
CA LYS A 65 24.50 -6.47 2.70
C LYS A 65 24.00 -7.27 3.89
N LEU A 66 24.14 -6.70 5.08
CA LEU A 66 23.75 -7.35 6.33
C LEU A 66 22.30 -7.07 6.68
N GLN A 67 21.81 -5.89 6.32
CA GLN A 67 20.41 -5.55 6.54
C GLN A 67 19.51 -6.34 5.59
N HIS A 68 19.92 -6.42 4.32
CA HIS A 68 19.18 -7.16 3.30
C HIS A 68 19.08 -8.62 3.63
N MET A 69 20.14 -9.15 4.25
CA MET A 69 20.16 -10.54 4.71
C MET A 69 19.05 -10.80 5.75
N PHE A 70 18.99 -9.93 6.77
CA PHE A 70 17.96 -10.02 7.80
C PHE A 70 16.56 -9.77 7.24
N GLN A 71 16.46 -8.78 6.35
CA GLN A 71 15.19 -8.43 5.72
C GLN A 71 14.55 -9.66 5.07
N VAL A 72 15.35 -10.41 4.33
CA VAL A 72 14.91 -11.66 3.70
C VAL A 72 14.55 -12.69 4.78
N TYR A 73 15.39 -12.81 5.80
CA TYR A 73 15.18 -13.75 6.90
C TYR A 73 13.79 -13.60 7.56
N ARG A 74 13.41 -12.37 7.91
CA ARG A 74 12.13 -12.10 8.57
C ARG A 74 10.95 -12.72 7.81
N VAL A 75 10.91 -12.49 6.50
CA VAL A 75 9.87 -13.09 5.63
C VAL A 75 10.02 -14.61 5.59
N SER A 76 11.26 -15.06 5.38
CA SER A 76 11.57 -16.48 5.36
C SER A 76 11.09 -17.17 6.64
N PHE A 77 11.38 -16.54 7.77
CA PHE A 77 11.00 -17.03 9.09
C PHE A 77 9.47 -17.10 9.29
N THR A 78 8.76 -16.10 8.77
CA THR A 78 7.29 -16.03 8.93
C THR A 78 6.59 -17.21 8.27
N ARG A 79 6.96 -17.50 7.01
CA ARG A 79 6.36 -18.60 6.28
C ARG A 79 6.82 -19.95 6.82
N ASP A 80 8.07 -19.99 7.29
CA ASP A 80 8.66 -21.22 7.81
C ASP A 80 7.95 -21.75 9.04
N ILE A 81 7.64 -20.86 9.98
CA ILE A 81 6.90 -21.24 11.18
C ILE A 81 5.52 -21.78 10.80
N GLN A 82 4.79 -21.00 10.00
CA GLN A 82 3.47 -21.40 9.53
C GLN A 82 3.46 -22.77 8.86
N GLU A 83 4.56 -23.09 8.17
CA GLU A 83 4.72 -24.39 7.53
C GLU A 83 5.06 -25.49 8.54
N LEU A 84 5.82 -25.12 9.57
CA LEU A 84 6.16 -26.05 10.64
C LEU A 84 4.93 -26.36 11.50
N VAL A 85 4.02 -25.39 11.60
CA VAL A 85 2.74 -25.57 12.29
C VAL A 85 1.89 -26.58 11.54
N LYS A 86 1.84 -26.42 10.21
CA LYS A 86 1.14 -27.37 9.34
C LYS A 86 1.80 -28.75 9.41
N MET A 87 3.13 -28.76 9.48
CA MET A 87 3.91 -30.00 9.53
C MET A 87 3.66 -30.75 10.84
N MET A 88 3.28 -30.02 11.88
CA MET A 88 3.05 -30.59 13.21
C MET A 88 1.58 -30.87 13.52
N SER A 89 0.70 -30.02 12.98
CA SER A 89 -0.73 -30.07 13.29
C SER A 89 -1.29 -31.50 13.33
N PRO A 90 -2.12 -31.81 14.36
CA PRO A 90 -2.61 -30.86 15.36
C PRO A 90 -1.75 -30.75 16.63
N LYS A 91 -0.57 -31.37 16.63
CA LYS A 91 0.31 -31.40 17.81
C LYS A 91 0.66 -30.02 18.36
N GLU A 92 0.65 -29.01 17.50
CA GLU A 92 0.82 -27.62 17.91
C GLU A 92 -0.28 -26.76 17.29
N ASP A 93 -0.72 -25.75 18.03
CA ASP A 93 -1.85 -24.92 17.60
C ASP A 93 -1.68 -23.45 18.00
N TYR A 94 -2.27 -22.56 17.20
CA TYR A 94 -2.27 -21.13 17.47
C TYR A 94 -3.08 -20.80 18.73
N PRO A 95 -2.72 -19.72 19.46
CA PRO A 95 -1.67 -18.75 19.14
C PRO A 95 -0.28 -19.26 19.47
N ILE A 96 0.70 -18.88 18.65
CA ILE A 96 2.08 -19.30 18.85
C ILE A 96 2.97 -18.09 19.13
N GLU A 97 3.80 -18.23 20.16
CA GLU A 97 4.69 -17.16 20.59
C GLU A 97 6.14 -17.65 20.58
N ILE A 98 6.96 -17.06 19.72
CA ILE A 98 8.36 -17.47 19.58
C ILE A 98 9.32 -16.30 19.80
N GLN A 99 10.33 -16.54 20.64
CA GLN A 99 11.36 -15.54 20.94
C GLN A 99 12.74 -16.07 20.58
N LEU A 100 13.62 -15.15 20.19
CA LEU A 100 15.01 -15.49 19.89
C LEU A 100 15.98 -14.56 20.61
N SER A 101 16.88 -15.13 21.40
CA SER A 101 17.95 -14.38 22.03
C SER A 101 19.28 -14.79 21.42
N ALA A 102 19.77 -14.01 20.47
CA ALA A 102 21.00 -14.32 19.78
C ALA A 102 22.02 -13.18 19.85
N GLY A 103 23.29 -13.54 19.99
CA GLY A 103 24.36 -12.56 20.05
C GLY A 103 25.68 -13.18 20.48
N CYS A 104 26.54 -12.36 21.06
CA CYS A 104 27.86 -12.81 21.51
C CYS A 104 28.37 -11.97 22.68
N GLU A 105 28.92 -12.65 23.70
CA GLU A 105 29.50 -11.97 24.85
C GLU A 105 31.01 -11.81 24.66
N MET A 106 31.50 -10.61 24.96
CA MET A 106 32.90 -10.25 24.74
C MET A 106 33.76 -10.41 25.99
N TYR A 107 34.97 -10.91 25.80
CA TYR A 107 35.92 -11.11 26.89
C TYR A 107 37.28 -10.47 26.56
N PRO A 108 38.15 -10.29 27.57
CA PRO A 108 39.51 -9.74 27.36
C PRO A 108 40.28 -10.44 26.24
N GLY A 109 41.04 -9.65 25.49
CA GLY A 109 41.71 -10.14 24.29
C GLY A 109 40.77 -10.15 23.11
N ASN A 110 40.89 -11.16 22.25
CA ASN A 110 39.97 -11.34 21.13
C ASN A 110 39.03 -12.51 21.37
N ALA A 111 38.77 -12.80 22.65
CA ALA A 111 37.95 -13.95 23.05
C ALA A 111 36.47 -13.58 23.19
N SER A 112 35.61 -14.44 22.67
CA SER A 112 34.16 -14.26 22.73
C SER A 112 33.42 -15.60 22.57
N GLU A 113 32.20 -15.66 23.10
CA GLU A 113 31.35 -16.82 22.90
C GLU A 113 29.96 -16.39 22.40
N SER A 114 29.52 -17.03 21.31
CA SER A 114 28.23 -16.70 20.68
C SER A 114 27.14 -17.69 21.04
N PHE A 115 25.89 -17.22 20.95
CA PHE A 115 24.71 -18.01 21.30
C PHE A 115 23.54 -17.72 20.38
N LEU A 116 22.68 -18.72 20.21
CA LEU A 116 21.38 -18.54 19.55
C LEU A 116 20.40 -19.41 20.29
N HIS A 117 19.47 -18.78 21.01
CA HIS A 117 18.52 -19.47 21.87
C HIS A 117 17.11 -19.17 21.45
N VAL A 118 16.32 -20.23 21.22
CA VAL A 118 14.94 -20.09 20.76
C VAL A 118 13.95 -20.55 21.82
N ALA A 119 12.97 -19.71 22.11
CA ALA A 119 11.92 -20.04 23.05
C ALA A 119 10.57 -20.23 22.36
N PHE A 120 9.92 -21.35 22.66
CA PHE A 120 8.61 -21.65 22.12
C PHE A 120 7.59 -21.59 23.25
N GLN A 121 6.59 -20.72 23.06
CA GLN A 121 5.55 -20.47 24.07
C GLN A 121 6.15 -20.16 25.44
N GLY A 122 7.09 -19.23 25.47
CA GLY A 122 7.70 -18.77 26.72
C GLY A 122 8.64 -19.75 27.39
N LYS A 123 8.95 -20.85 26.72
CA LYS A 123 9.88 -21.84 27.25
C LYS A 123 11.06 -22.05 26.31
N TYR A 124 12.27 -22.01 26.87
CA TYR A 124 13.50 -22.26 26.13
C TYR A 124 13.53 -23.72 25.65
N VAL A 125 13.58 -23.90 24.33
CA VAL A 125 13.45 -25.23 23.71
C VAL A 125 14.58 -25.62 22.76
N VAL A 126 15.09 -24.65 22.00
CA VAL A 126 16.04 -24.92 20.92
C VAL A 126 17.22 -23.94 20.94
N ARG A 127 18.39 -24.46 20.61
CA ARG A 127 19.60 -23.65 20.50
C ARG A 127 20.43 -24.07 19.29
N PHE A 128 21.16 -23.12 18.70
CA PHE A 128 22.12 -23.46 17.66
C PHE A 128 23.45 -23.75 18.34
N TRP A 129 24.04 -24.89 18.02
CA TRP A 129 25.29 -25.30 18.65
C TRP A 129 26.26 -25.92 17.68
N GLY A 130 27.41 -25.28 17.55
CA GLY A 130 28.47 -25.74 16.67
C GLY A 130 28.11 -25.56 15.21
N THR A 131 27.54 -26.61 14.62
CA THR A 131 27.22 -26.62 13.19
C THR A 131 25.75 -26.88 12.90
N SER A 132 24.96 -27.12 13.94
CA SER A 132 23.57 -27.54 13.76
C SER A 132 22.62 -27.08 14.86
N TRP A 133 21.33 -27.11 14.56
CA TRP A 133 20.28 -26.88 15.53
C TRP A 133 20.07 -28.11 16.36
N GLN A 134 19.77 -27.92 17.64
CA GLN A 134 19.44 -29.03 18.53
C GLN A 134 18.42 -28.61 19.59
N THR A 135 17.65 -29.58 20.08
CA THR A 135 16.73 -29.32 21.18
C THR A 135 17.48 -29.35 22.50
N VAL A 136 17.01 -28.54 23.44
CA VAL A 136 17.61 -28.48 24.77
C VAL A 136 16.93 -29.51 25.68
N PRO A 137 17.51 -29.78 26.87
CA PRO A 137 16.82 -30.66 27.81
C PRO A 137 15.50 -30.07 28.29
N GLY A 138 14.47 -30.89 28.38
CA GLY A 138 13.14 -30.45 28.80
C GLY A 138 12.17 -30.26 27.65
N ALA A 139 12.71 -30.01 26.46
CA ALA A 139 11.92 -29.77 25.25
C ALA A 139 11.14 -31.01 24.80
N PRO A 140 9.93 -30.81 24.23
CA PRO A 140 9.09 -31.92 23.75
C PRO A 140 9.68 -32.63 22.53
N SER A 141 9.36 -33.91 22.38
CA SER A 141 9.98 -34.77 21.38
C SER A 141 9.50 -34.51 19.95
N TRP A 142 8.35 -33.86 19.80
CA TRP A 142 7.82 -33.58 18.46
C TRP A 142 8.66 -32.56 17.73
N LEU A 143 9.42 -31.78 18.51
CA LEU A 143 10.32 -30.77 17.96
C LEU A 143 11.48 -31.34 17.17
N ASP A 144 11.68 -32.66 17.27
CA ASP A 144 12.75 -33.35 16.54
C ASP A 144 12.60 -33.20 15.02
N LEU A 145 11.36 -33.20 14.54
CA LEU A 145 11.10 -33.06 13.10
C LEU A 145 11.42 -31.66 12.57
N PRO A 146 10.82 -30.60 13.16
CA PRO A 146 11.22 -29.26 12.73
C PRO A 146 12.73 -29.05 12.76
N ILE A 147 13.38 -29.54 13.81
CA ILE A 147 14.83 -29.49 13.94
C ILE A 147 15.53 -30.17 12.76
N LYS A 148 15.09 -31.38 12.43
CA LYS A 148 15.65 -32.15 11.31
C LYS A 148 15.53 -31.39 9.99
N VAL A 149 14.40 -30.72 9.79
CA VAL A 149 14.12 -29.95 8.58
C VAL A 149 15.03 -28.73 8.50
N LEU A 150 15.18 -28.00 9.61
CA LEU A 150 16.07 -26.84 9.66
C LEU A 150 17.51 -27.23 9.42
N ASN A 151 17.92 -28.37 9.98
CA ASN A 151 19.26 -28.91 9.79
C ASN A 151 19.51 -29.41 8.38
N ALA A 152 18.44 -29.71 7.66
CA ALA A 152 18.54 -30.08 6.24
C ALA A 152 19.02 -28.91 5.41
N ASP A 153 18.57 -27.71 5.75
CA ASP A 153 18.93 -26.48 5.05
C ASP A 153 20.38 -26.08 5.35
N GLN A 154 21.26 -26.42 4.41
CA GLN A 154 22.71 -26.19 4.59
C GLN A 154 23.11 -24.74 4.38
N GLY A 155 22.31 -24.00 3.63
CA GLY A 155 22.54 -22.56 3.43
C GLY A 155 22.44 -21.80 4.75
N THR A 156 21.30 -21.96 5.42
CA THR A 156 21.05 -21.36 6.73
C THR A 156 22.14 -21.73 7.74
N SER A 157 22.51 -23.01 7.75
CA SER A 157 23.54 -23.51 8.66
C SER A 157 24.88 -22.82 8.44
N ALA A 158 25.29 -22.69 7.19
CA ALA A 158 26.53 -22.01 6.83
C ALA A 158 26.47 -20.54 7.19
N THR A 159 25.34 -19.92 6.92
CA THR A 159 25.10 -18.50 7.22
C THR A 159 25.16 -18.24 8.72
N VAL A 160 24.47 -19.06 9.51
CA VAL A 160 24.40 -18.89 10.96
C VAL A 160 25.77 -19.13 11.61
N GLN A 161 26.51 -20.10 11.09
CA GLN A 161 27.87 -20.36 11.56
C GLN A 161 28.77 -19.16 11.36
N MET A 162 28.68 -18.55 10.16
CA MET A 162 29.43 -17.33 9.85
C MET A 162 29.05 -16.18 10.78
N LEU A 163 27.74 -16.01 11.00
CA LEU A 163 27.24 -14.90 11.81
C LEU A 163 27.61 -15.04 13.28
N LEU A 164 27.51 -16.25 13.81
CA LEU A 164 27.85 -16.51 15.20
C LEU A 164 29.35 -16.58 15.43
N ASN A 165 30.06 -17.27 14.53
CA ASN A 165 31.52 -17.41 14.65
C ASN A 165 32.30 -16.14 14.31
N ASP A 166 31.92 -15.47 13.22
CA ASP A 166 32.70 -14.34 12.69
C ASP A 166 32.00 -12.98 12.83
N THR A 167 30.82 -12.86 12.24
CA THR A 167 30.16 -11.56 12.05
C THR A 167 29.67 -10.90 13.35
N CYS A 168 29.34 -11.69 14.37
CA CYS A 168 28.95 -11.14 15.66
C CYS A 168 30.13 -10.50 16.41
N PRO A 169 31.18 -11.29 16.75
CA PRO A 169 32.28 -10.71 17.53
C PRO A 169 33.06 -9.63 16.79
N LEU A 170 33.12 -9.71 15.47
CA LEU A 170 33.78 -8.70 14.66
C LEU A 170 33.06 -7.36 14.75
N PHE A 171 31.72 -7.43 14.71
CA PHE A 171 30.88 -6.23 14.76
C PHE A 171 30.88 -5.58 16.13
N VAL A 172 30.82 -6.38 17.17
CA VAL A 172 30.76 -5.88 18.55
C VAL A 172 32.09 -5.25 18.98
N ARG A 173 33.20 -5.84 18.52
CA ARG A 173 34.53 -5.25 18.72
C ARG A 173 34.60 -3.87 18.08
N GLY A 174 33.86 -3.68 16.98
CA GLY A 174 33.73 -2.39 16.33
C GLY A 174 32.80 -1.44 17.06
N LEU A 175 31.74 -1.99 17.66
CA LEU A 175 30.77 -1.21 18.43
C LEU A 175 31.39 -0.56 19.66
N LEU A 176 32.24 -1.31 20.35
CA LEU A 176 32.86 -0.85 21.59
C LEU A 176 33.78 0.35 21.38
N GLU A 177 34.45 0.38 20.23
CA GLU A 177 35.30 1.51 19.83
C GLU A 177 34.45 2.74 19.52
N ALA A 178 33.39 2.53 18.74
CA ALA A 178 32.54 3.62 18.27
C ALA A 178 31.64 4.20 19.37
N GLY A 179 31.36 3.39 20.39
CA GLY A 179 30.47 3.82 21.47
C GLY A 179 31.14 4.04 22.81
N LYS A 180 32.48 4.12 22.82
CA LYS A 180 33.25 4.28 24.06
C LYS A 180 32.69 5.36 25.00
N SER A 181 32.48 6.56 24.45
CA SER A 181 32.00 7.71 25.23
C SER A 181 30.65 7.47 25.90
N ASP A 182 29.77 6.72 25.24
CA ASP A 182 28.47 6.37 25.79
C ASP A 182 28.51 5.19 26.74
N LEU A 183 29.38 4.22 26.43
CA LEU A 183 29.52 3.01 27.24
C LEU A 183 30.28 3.30 28.53
N GLU A 184 31.41 3.97 28.41
CA GLU A 184 32.22 4.34 29.58
C GLU A 184 31.73 5.63 30.24
N LYS A 185 30.50 6.03 29.91
CA LYS A 185 29.88 7.23 30.48
C LYS A 185 29.64 7.09 31.97
N GLN A 186 29.71 8.21 32.69
CA GLN A 186 29.45 8.24 34.12
C GLN A 186 28.34 9.24 34.43
N GLU A 187 27.36 8.80 35.23
CA GLU A 187 26.23 9.64 35.62
C GLU A 187 26.00 9.61 37.12
N LYS A 188 25.94 10.80 37.72
CA LYS A 188 25.82 10.92 39.17
C LYS A 188 24.41 10.59 39.66
N PRO A 189 24.32 9.67 40.65
CA PRO A 189 23.04 9.31 41.27
C PRO A 189 22.46 10.41 42.13
N VAL A 190 21.14 10.52 42.16
CA VAL A 190 20.44 11.48 43.01
C VAL A 190 19.65 10.70 44.07
N ALA A 191 19.80 11.08 45.34
CA ALA A 191 19.20 10.34 46.44
C ALA A 191 18.20 11.17 47.28
N TRP A 192 17.10 10.54 47.64
CA TRP A 192 16.09 11.13 48.55
C TRP A 192 15.46 10.08 49.43
N LEU A 193 14.89 10.52 50.55
CA LEU A 193 14.37 9.59 51.57
C LEU A 193 12.88 9.77 51.85
N SER A 194 12.23 8.67 52.25
CA SER A 194 10.83 8.66 52.66
C SER A 194 10.53 7.43 53.52
N SER A 195 9.42 7.47 54.25
CA SER A 195 9.00 6.33 55.08
C SER A 195 7.52 6.03 54.89
N VAL A 196 7.15 4.77 55.07
CA VAL A 196 5.77 4.31 54.89
C VAL A 196 5.30 3.38 56.02
N PRO A 197 4.05 3.58 56.49
CA PRO A 197 3.50 2.77 57.60
C PRO A 197 3.41 1.29 57.27
N ARG A 204 7.87 1.65 60.61
CA ARG A 204 7.95 2.43 59.37
C ARG A 204 9.09 1.94 58.48
N GLN A 205 8.74 1.62 57.23
CA GLN A 205 9.73 1.17 56.23
C GLN A 205 10.43 2.37 55.61
N LEU A 206 11.66 2.62 56.06
CA LEU A 206 12.43 3.78 55.63
C LEU A 206 13.11 3.51 54.28
N VAL A 207 12.76 4.33 53.28
CA VAL A 207 13.19 4.11 51.90
C VAL A 207 14.29 5.09 51.49
N CYS A 208 15.33 4.56 50.84
CA CYS A 208 16.38 5.39 50.24
C CYS A 208 16.32 5.27 48.72
N HIS A 209 15.62 6.22 48.09
CA HIS A 209 15.48 6.25 46.64
C HIS A 209 16.75 6.74 46.01
N VAL A 210 17.22 6.04 44.99
CA VAL A 210 18.43 6.43 44.25
C VAL A 210 18.14 6.36 42.76
N SER A 211 18.45 7.45 42.04
CA SER A 211 18.09 7.55 40.62
C SER A 211 19.09 8.31 39.78
N GLY A 212 19.28 7.85 38.54
CA GLY A 212 20.10 8.55 37.57
C GLY A 212 21.57 8.18 37.52
N PHE A 213 21.89 6.95 37.91
CA PHE A 213 23.28 6.51 37.93
C PHE A 213 23.63 5.56 36.79
N TYR A 214 24.80 5.81 36.19
CA TYR A 214 25.37 4.94 35.18
C TYR A 214 26.88 4.91 35.37
N PRO A 215 27.51 3.71 35.28
CA PRO A 215 26.96 2.39 34.96
C PRO A 215 26.05 1.80 36.04
N LYS A 216 25.60 0.57 35.80
CA LYS A 216 24.64 -0.13 36.65
C LYS A 216 25.16 -0.52 38.05
N PRO A 217 26.46 -0.90 38.17
CA PRO A 217 26.98 -1.23 39.51
C PRO A 217 26.90 -0.06 40.49
N VAL A 218 26.34 -0.34 41.67
CA VAL A 218 26.14 0.67 42.71
C VAL A 218 26.21 0.02 44.09
N TRP A 219 26.43 0.83 45.12
CA TRP A 219 26.44 0.36 46.50
C TRP A 219 25.63 1.29 47.36
N VAL A 220 24.46 0.83 47.77
CA VAL A 220 23.56 1.62 48.60
C VAL A 220 23.30 0.89 49.90
N MET A 221 23.78 1.46 51.01
CA MET A 221 23.66 0.84 52.31
C MET A 221 23.23 1.85 53.38
N TRP A 222 22.31 1.44 54.24
CA TRP A 222 21.90 2.22 55.40
C TRP A 222 22.91 2.09 56.51
N MET A 223 23.33 3.22 57.07
CA MET A 223 24.32 3.23 58.14
C MET A 223 23.92 4.15 59.29
N ARG A 224 23.98 3.62 60.51
CA ARG A 224 23.84 4.43 61.72
C ARG A 224 25.23 4.89 62.14
N GLY A 225 25.72 5.92 61.45
CA GLY A 225 27.09 6.39 61.61
C GLY A 225 28.07 5.48 60.90
N ASP A 226 28.41 4.37 61.54
CA ASP A 226 29.33 3.37 60.98
C ASP A 226 28.68 2.00 60.84
N GLN A 227 27.59 1.78 61.58
CA GLN A 227 26.92 0.49 61.62
C GLN A 227 26.16 0.17 60.33
N GLU A 228 26.78 -0.63 59.48
CA GLU A 228 26.13 -1.13 58.25
C GLU A 228 24.98 -2.05 58.66
N GLN A 229 23.76 -1.56 58.46
CA GLN A 229 22.54 -2.19 58.97
C GLN A 229 22.30 -3.60 58.39
N GLN A 230 21.95 -4.52 59.28
CA GLN A 230 21.66 -5.90 58.89
C GLN A 230 20.27 -6.03 58.25
N GLY A 231 19.44 -5.00 58.41
CA GLY A 231 18.08 -5.00 57.90
C GLY A 231 17.88 -4.30 56.57
N THR A 232 18.98 -3.98 55.89
CA THR A 232 18.94 -3.32 54.59
C THR A 232 18.49 -4.30 53.50
N HIS A 233 17.37 -3.97 52.85
CA HIS A 233 16.79 -4.80 51.80
C HIS A 233 16.78 -4.05 50.49
N ARG A 234 17.72 -4.41 49.61
CA ARG A 234 17.82 -3.80 48.28
C ARG A 234 16.72 -4.33 47.36
N GLY A 235 16.15 -3.44 46.55
CA GLY A 235 15.09 -3.81 45.62
C GLY A 235 15.63 -4.23 44.27
N ASP A 236 14.82 -4.06 43.23
CA ASP A 236 15.20 -4.40 41.86
C ASP A 236 15.71 -3.16 41.11
N PHE A 237 16.69 -3.36 40.24
CA PHE A 237 17.18 -2.30 39.37
C PHE A 237 16.14 -1.95 38.32
N LEU A 238 15.62 -0.72 38.39
CA LEU A 238 14.58 -0.26 37.48
C LEU A 238 15.10 0.86 36.55
N PRO A 239 14.71 0.83 35.26
CA PRO A 239 15.31 1.77 34.30
C PRO A 239 14.69 3.16 34.31
N ASN A 240 15.41 4.13 33.75
CA ASN A 240 14.89 5.46 33.51
C ASN A 240 14.78 5.73 32.00
N ALA A 241 14.02 6.77 31.66
CA ALA A 241 13.82 7.16 30.26
C ALA A 241 15.12 7.61 29.58
N ASP A 242 15.92 8.38 30.31
CA ASP A 242 17.16 8.95 29.75
C ASP A 242 18.37 8.02 29.84
N GLU A 243 18.09 6.71 29.85
CA GLU A 243 19.11 5.66 29.93
C GLU A 243 20.02 5.76 31.16
N THR A 244 19.38 5.88 32.32
CA THR A 244 20.05 5.84 33.62
C THR A 244 19.30 4.86 34.52
N TRP A 245 19.85 4.59 35.71
CA TRP A 245 19.26 3.58 36.60
C TRP A 245 18.63 4.11 37.85
N TYR A 246 17.55 3.44 38.27
CA TYR A 246 16.86 3.74 39.52
C TYR A 246 16.86 2.51 40.43
N LEU A 247 17.07 2.74 41.73
CA LEU A 247 17.04 1.68 42.73
C LEU A 247 16.58 2.23 44.08
N GLN A 248 15.95 1.38 44.89
CA GLN A 248 15.56 1.77 46.24
C GLN A 248 15.96 0.74 47.30
N ALA A 249 16.19 1.22 48.51
CA ALA A 249 16.56 0.37 49.65
C ALA A 249 15.63 0.62 50.84
N THR A 250 14.95 -0.43 51.28
CA THR A 250 13.99 -0.34 52.39
C THR A 250 14.53 -0.96 53.67
N LEU A 251 14.44 -0.19 54.76
CA LEU A 251 14.91 -0.63 56.08
C LEU A 251 13.74 -0.87 57.02
N ASP A 252 13.81 -1.96 57.79
CA ASP A 252 12.74 -2.35 58.70
C ASP A 252 13.03 -1.87 60.13
N VAL A 253 12.39 -0.77 60.51
CA VAL A 253 12.59 -0.17 61.85
C VAL A 253 11.27 0.22 62.53
N GLU A 254 11.33 0.39 63.85
CA GLU A 254 10.19 0.84 64.64
C GLU A 254 10.17 2.37 64.77
N ALA A 255 9.05 2.90 65.27
CA ALA A 255 8.85 4.35 65.39
C ALA A 255 9.79 4.99 66.41
N GLY A 256 10.21 6.23 66.11
CA GLY A 256 11.09 6.99 66.99
C GLY A 256 12.55 6.88 66.65
N GLU A 257 12.90 5.91 65.80
CA GLU A 257 14.28 5.62 65.42
C GLU A 257 14.67 6.30 64.10
N GLU A 258 13.94 7.35 63.74
CA GLU A 258 14.16 8.06 62.48
C GLU A 258 15.46 8.87 62.46
N ALA A 259 15.74 9.58 63.55
CA ALA A 259 16.94 10.39 63.69
C ALA A 259 18.18 9.54 63.96
N GLY A 260 19.35 10.07 63.60
CA GLY A 260 20.62 9.41 63.84
C GLY A 260 21.09 8.47 62.74
N LEU A 261 20.23 8.27 61.73
CA LEU A 261 20.52 7.34 60.63
C LEU A 261 20.77 8.07 59.31
N ALA A 262 21.45 7.40 58.40
CA ALA A 262 21.82 7.96 57.10
C ALA A 262 21.92 6.91 56.00
N CYS A 263 21.71 7.33 54.75
CA CYS A 263 21.88 6.46 53.58
C CYS A 263 23.14 6.87 52.82
N ARG A 264 24.07 5.93 52.68
CA ARG A 264 25.30 6.17 51.93
C ARG A 264 25.28 5.46 50.58
N VAL A 265 25.72 6.17 49.54
CA VAL A 265 25.74 5.65 48.18
C VAL A 265 27.14 5.74 47.56
N LYS A 266 27.68 4.59 47.17
CA LYS A 266 28.95 4.52 46.46
C LYS A 266 28.72 4.34 44.95
N HIS A 267 29.43 5.12 44.14
CA HIS A 267 29.36 5.00 42.69
C HIS A 267 30.64 5.44 42.03
N SER A 268 30.90 4.90 40.83
CA SER A 268 32.07 5.23 40.03
C SER A 268 32.06 6.66 39.50
N SER A 269 30.85 7.25 39.44
CA SER A 269 30.64 8.61 38.95
C SER A 269 31.20 9.68 39.89
N LEU A 270 31.25 9.36 41.18
CA LEU A 270 31.71 10.29 42.22
C LEU A 270 33.21 10.16 42.48
N GLY A 271 33.70 8.91 42.54
CA GLY A 271 35.12 8.63 42.76
C GLY A 271 35.61 9.04 44.13
N GLY A 272 35.17 8.33 45.15
CA GLY A 272 35.53 8.62 46.54
C GLY A 272 34.56 9.57 47.22
N GLN A 273 33.96 10.47 46.43
CA GLN A 273 33.02 11.47 46.93
C GLN A 273 31.67 10.84 47.27
N ASP A 274 31.68 9.93 48.24
CA ASP A 274 30.49 9.17 48.62
C ASP A 274 29.36 10.08 49.09
N ILE A 275 28.18 9.89 48.51
CA ILE A 275 26.99 10.62 48.94
C ILE A 275 26.54 10.07 50.29
N ILE A 276 26.43 10.97 51.27
CA ILE A 276 25.90 10.63 52.58
C ILE A 276 24.70 11.54 52.86
N LEU A 277 23.53 10.93 53.02
CA LEU A 277 22.28 11.68 53.18
C LEU A 277 21.60 11.37 54.51
N TYR A 278 21.62 12.36 55.40
CA TYR A 278 21.06 12.22 56.75
C TYR A 278 19.56 12.50 56.76
N TRP A 279 18.84 11.81 57.63
CA TRP A 279 17.41 12.04 57.78
C TRP A 279 17.11 13.04 58.87
N GLN B 2 1.00 -18.92 30.75
CA GLN B 2 0.77 -17.45 30.89
C GLN B 2 1.43 -16.87 32.13
N LYS B 3 2.06 -15.71 31.97
CA LYS B 3 2.72 -15.00 33.07
C LYS B 3 1.96 -13.72 33.42
N THR B 4 1.68 -13.55 34.71
CA THR B 4 0.93 -12.40 35.21
C THR B 4 1.84 -11.18 35.47
N PRO B 5 1.46 -10.00 34.94
CA PRO B 5 2.33 -8.81 34.94
C PRO B 5 2.59 -8.19 36.31
N GLN B 6 3.71 -7.47 36.42
CA GLN B 6 4.07 -6.74 37.64
C GLN B 6 4.27 -5.26 37.31
N ILE B 7 3.57 -4.39 38.04
CA ILE B 7 3.58 -2.94 37.79
C ILE B 7 4.30 -2.18 38.90
N GLN B 8 5.28 -1.37 38.52
CA GLN B 8 6.07 -0.58 39.48
C GLN B 8 6.18 0.89 39.05
N VAL B 9 5.56 1.78 39.82
CA VAL B 9 5.51 3.22 39.50
C VAL B 9 6.50 4.01 40.35
N TYR B 10 7.27 4.87 39.70
CA TYR B 10 8.33 5.66 40.35
C TYR B 10 8.65 6.90 39.53
N SER B 11 9.22 7.92 40.18
CA SER B 11 9.60 9.16 39.50
C SER B 11 11.11 9.25 39.23
N ARG B 12 11.47 9.91 38.13
CA ARG B 12 12.86 10.04 37.71
C ARG B 12 13.69 10.87 38.71
N HIS B 13 13.24 12.07 39.00
CA HIS B 13 13.88 12.94 39.99
C HIS B 13 13.14 12.89 41.30
N PRO B 14 13.69 13.50 42.37
CA PRO B 14 12.94 13.61 43.63
C PRO B 14 11.55 14.25 43.43
N PRO B 15 10.51 13.67 44.06
CA PRO B 15 9.14 14.13 43.82
C PRO B 15 8.84 15.42 44.56
N GLU B 16 9.03 16.55 43.89
CA GLU B 16 8.84 17.87 44.49
C GLU B 16 7.51 18.48 44.05
N ASN B 17 6.67 18.82 45.03
CA ASN B 17 5.36 19.41 44.78
C ASN B 17 5.47 20.76 44.07
N GLY B 18 4.96 20.82 42.84
CA GLY B 18 4.97 22.03 42.05
C GLY B 18 6.08 22.09 41.01
N LYS B 19 7.08 21.22 41.16
CA LYS B 19 8.21 21.16 40.23
C LYS B 19 8.00 20.10 39.14
N PRO B 20 8.21 20.47 37.86
CA PRO B 20 8.06 19.54 36.74
C PRO B 20 9.00 18.34 36.85
N ASN B 21 8.50 17.17 36.48
CA ASN B 21 9.22 15.91 36.69
C ASN B 21 8.82 14.85 35.66
N ILE B 22 9.48 13.69 35.72
CA ILE B 22 9.15 12.55 34.86
C ILE B 22 8.72 11.35 35.72
N LEU B 23 7.58 10.76 35.37
CA LEU B 23 7.07 9.58 36.06
C LEU B 23 7.28 8.35 35.18
N ASN B 24 7.74 7.27 35.81
CA ASN B 24 8.00 6.01 35.11
C ASN B 24 7.08 4.89 35.57
N CYS B 25 6.37 4.29 34.62
CA CYS B 25 5.62 3.05 34.86
C CYS B 25 6.31 1.89 34.16
N TYR B 26 6.74 0.90 34.94
CA TYR B 26 7.56 -0.19 34.43
C TYR B 26 6.90 -1.54 34.68
N VAL B 27 6.36 -2.12 33.61
CA VAL B 27 5.66 -3.41 33.67
C VAL B 27 6.60 -4.55 33.27
N THR B 28 6.60 -5.62 34.07
CA THR B 28 7.48 -6.77 33.84
C THR B 28 6.78 -8.12 34.00
N GLN B 29 7.54 -9.18 33.73
CA GLN B 29 7.17 -10.57 34.05
C GLN B 29 5.85 -11.08 33.44
N PHE B 30 5.51 -10.57 32.26
CA PHE B 30 4.27 -10.97 31.59
C PHE B 30 4.50 -11.73 30.29
N HIS B 31 3.59 -12.66 29.99
CA HIS B 31 3.58 -13.43 28.75
C HIS B 31 2.20 -13.97 28.58
N PRO B 32 1.61 -13.83 27.37
CA PRO B 32 2.08 -13.28 26.09
C PRO B 32 2.41 -11.78 26.12
N PRO B 33 3.11 -11.27 25.07
CA PRO B 33 3.56 -9.89 25.03
C PRO B 33 2.52 -8.84 24.64
N HIS B 34 1.32 -9.25 24.21
CA HIS B 34 0.29 -8.26 23.87
C HIS B 34 -0.34 -7.67 25.10
N ILE B 35 -0.22 -6.35 25.23
CA ILE B 35 -0.57 -5.62 26.45
C ILE B 35 -0.96 -4.16 26.16
N GLU B 36 -1.91 -3.65 26.92
CA GLU B 36 -2.32 -2.25 26.80
C GLU B 36 -2.06 -1.52 28.13
N ILE B 37 -1.30 -0.43 28.04
CA ILE B 37 -0.84 0.31 29.23
C ILE B 37 -1.18 1.80 29.14
N GLN B 38 -1.89 2.30 30.16
CA GLN B 38 -2.27 3.71 30.23
C GLN B 38 -1.74 4.35 31.51
N MET B 39 -1.15 5.54 31.36
CA MET B 39 -0.76 6.35 32.52
C MET B 39 -1.86 7.37 32.79
N LEU B 40 -2.38 7.36 34.02
CA LEU B 40 -3.57 8.16 34.36
C LEU B 40 -3.28 9.35 35.27
N LYS B 41 -3.98 10.45 35.00
CA LYS B 41 -3.98 11.61 35.89
C LYS B 41 -5.42 11.84 36.36
N ASN B 42 -5.66 11.51 37.63
CA ASN B 42 -7.00 11.53 38.22
C ASN B 42 -7.99 10.60 37.51
N GLY B 43 -7.50 9.41 37.15
CA GLY B 43 -8.31 8.39 36.47
C GLY B 43 -8.53 8.64 34.99
N LYS B 44 -7.88 9.68 34.45
CA LYS B 44 -8.02 10.06 33.05
C LYS B 44 -6.74 9.82 32.24
N LYS B 45 -6.91 9.31 31.03
CA LYS B 45 -5.78 8.94 30.15
C LYS B 45 -5.01 10.16 29.65
N ILE B 46 -3.73 10.22 29.98
CA ILE B 46 -2.82 11.29 29.55
C ILE B 46 -2.57 11.18 28.04
N PRO B 47 -2.69 12.31 27.31
CA PRO B 47 -2.51 12.35 25.85
C PRO B 47 -1.21 11.74 25.34
N LYS B 48 -0.08 12.43 25.56
CA LYS B 48 1.20 12.03 24.99
C LYS B 48 2.06 11.23 25.98
N VAL B 49 1.75 9.95 26.11
CA VAL B 49 2.53 9.03 26.92
C VAL B 49 3.56 8.32 26.04
N GLU B 50 4.84 8.49 26.38
CA GLU B 50 5.92 7.83 25.64
C GLU B 50 6.05 6.37 26.04
N MET B 51 6.39 5.54 25.05
CA MET B 51 6.57 4.11 25.26
C MET B 51 7.89 3.65 24.64
N SER B 52 8.67 2.90 25.40
CA SER B 52 9.86 2.25 24.87
C SER B 52 9.47 0.98 24.14
N ASP B 53 10.38 0.46 23.33
CA ASP B 53 10.16 -0.79 22.59
C ASP B 53 10.19 -1.96 23.57
N MET B 54 9.31 -2.93 23.35
CA MET B 54 9.23 -4.09 24.23
C MET B 54 10.45 -4.99 24.09
N SER B 55 10.87 -5.59 25.20
CA SER B 55 12.02 -6.47 25.25
C SER B 55 11.79 -7.56 26.30
N PHE B 56 12.74 -8.49 26.42
CA PHE B 56 12.64 -9.55 27.44
C PHE B 56 14.00 -9.84 28.08
N SER B 57 13.96 -10.49 29.25
CA SER B 57 15.18 -10.80 30.01
C SER B 57 15.65 -12.23 29.79
N LYS B 58 16.74 -12.62 30.47
CA LYS B 58 17.32 -13.96 30.36
C LYS B 58 16.37 -15.05 30.85
N ASP B 59 15.31 -14.65 31.56
CA ASP B 59 14.28 -15.57 32.03
C ASP B 59 13.08 -15.59 31.08
N TRP B 60 13.22 -14.91 29.95
CA TRP B 60 12.24 -14.90 28.84
C TRP B 60 10.99 -14.10 29.07
N SER B 61 10.87 -13.44 30.22
CA SER B 61 9.68 -12.65 30.53
C SER B 61 9.78 -11.24 29.97
N PHE B 62 8.68 -10.77 29.37
CA PHE B 62 8.63 -9.48 28.68
C PHE B 62 8.59 -8.28 29.64
N TYR B 63 9.20 -7.18 29.21
CA TYR B 63 9.15 -5.92 29.95
C TYR B 63 9.05 -4.71 29.03
N ILE B 64 8.42 -3.65 29.54
CA ILE B 64 8.23 -2.41 28.78
C ILE B 64 8.11 -1.21 29.73
N LEU B 65 8.84 -0.14 29.42
CA LEU B 65 8.84 1.08 30.22
C LEU B 65 7.97 2.17 29.59
N ALA B 66 7.11 2.77 30.40
CA ALA B 66 6.28 3.89 29.98
C ALA B 66 6.66 5.12 30.80
N HIS B 67 6.74 6.28 30.15
CA HIS B 67 7.08 7.52 30.85
C HIS B 67 6.39 8.74 30.33
N THR B 68 5.93 9.57 31.26
CA THR B 68 5.27 10.84 30.95
C THR B 68 5.83 11.98 31.81
N GLU B 69 5.68 13.21 31.32
CA GLU B 69 6.02 14.40 32.10
C GLU B 69 4.89 14.71 33.06
N PHE B 70 5.23 14.92 34.34
CA PHE B 70 4.23 15.26 35.35
C PHE B 70 4.74 16.30 36.34
N THR B 71 3.83 17.19 36.77
CA THR B 71 4.13 18.18 37.79
C THR B 71 3.25 17.89 39.00
N PRO B 72 3.79 17.14 39.98
CA PRO B 72 3.02 16.64 41.12
C PRO B 72 2.54 17.74 42.08
N THR B 73 1.35 17.54 42.64
CA THR B 73 0.81 18.37 43.70
C THR B 73 0.27 17.45 44.80
N GLU B 74 -0.06 18.03 45.95
CA GLU B 74 -0.61 17.27 47.08
C GLU B 74 -2.02 16.72 46.79
N THR B 75 -2.70 17.33 45.83
CA THR B 75 -4.08 16.96 45.48
C THR B 75 -4.20 15.91 44.35
N ASP B 76 -3.31 16.01 43.36
CA ASP B 76 -3.38 15.17 42.15
C ASP B 76 -2.98 13.72 42.37
N THR B 77 -3.69 12.82 41.69
CA THR B 77 -3.40 11.39 41.74
C THR B 77 -2.87 10.88 40.40
N TYR B 78 -1.83 10.04 40.46
CA TYR B 78 -1.23 9.44 39.28
C TYR B 78 -1.21 7.92 39.39
N ALA B 79 -1.66 7.25 38.32
CA ALA B 79 -1.80 5.79 38.31
C ALA B 79 -1.38 5.18 36.97
N CYS B 80 -1.27 3.85 36.94
CA CYS B 80 -0.92 3.12 35.74
C CYS B 80 -1.86 1.94 35.48
N ARG B 81 -2.76 2.12 34.53
CA ARG B 81 -3.77 1.11 34.18
C ARG B 81 -3.23 0.14 33.12
N VAL B 82 -3.29 -1.15 33.43
CA VAL B 82 -2.75 -2.20 32.56
C VAL B 82 -3.80 -3.28 32.28
N LYS B 83 -4.05 -3.53 30.99
CA LYS B 83 -4.95 -4.60 30.56
C LYS B 83 -4.15 -5.72 29.88
N HIS B 84 -4.30 -6.94 30.38
CA HIS B 84 -3.58 -8.11 29.86
C HIS B 84 -4.43 -9.35 29.89
N ALA B 85 -4.18 -10.25 28.95
CA ALA B 85 -4.98 -11.48 28.76
C ALA B 85 -4.99 -12.42 29.97
N SER B 86 -3.91 -12.41 30.76
CA SER B 86 -3.80 -13.27 31.94
C SER B 86 -4.79 -12.90 33.05
N MET B 87 -5.18 -11.63 33.10
CA MET B 87 -6.12 -11.13 34.10
C MET B 87 -7.50 -10.94 33.49
N ALA B 88 -8.53 -11.34 34.22
CA ALA B 88 -9.92 -11.12 33.80
C ALA B 88 -10.30 -9.64 33.92
N GLU B 89 -9.76 -9.00 34.96
CA GLU B 89 -10.03 -7.58 35.22
C GLU B 89 -8.75 -6.76 35.09
N PRO B 90 -8.84 -5.57 34.46
CA PRO B 90 -7.71 -4.63 34.40
C PRO B 90 -7.17 -4.28 35.80
N LYS B 91 -5.86 -4.03 35.88
CA LYS B 91 -5.23 -3.69 37.15
C LYS B 91 -4.56 -2.32 37.10
N THR B 92 -4.83 -1.51 38.13
CA THR B 92 -4.30 -0.16 38.22
C THR B 92 -3.48 0.00 39.50
N VAL B 93 -2.25 0.50 39.34
CA VAL B 93 -1.35 0.73 40.47
C VAL B 93 -1.07 2.23 40.63
N TYR B 94 -1.38 2.74 41.81
CA TYR B 94 -1.24 4.17 42.11
C TYR B 94 0.16 4.55 42.57
N TRP B 95 0.60 5.75 42.16
CA TRP B 95 1.92 6.27 42.52
C TRP B 95 1.95 6.72 43.95
N ASP B 96 3.07 6.46 44.62
CA ASP B 96 3.21 6.72 46.04
C ASP B 96 4.57 7.34 46.34
N ARG B 97 4.57 8.40 47.16
CA ARG B 97 5.81 9.08 47.54
C ARG B 97 6.08 8.93 49.04
N THR C 3 4.10 -15.01 -12.16
CA THR C 3 5.27 -15.53 -12.94
C THR C 3 6.59 -14.87 -12.52
N GLN C 4 7.28 -15.54 -11.58
CA GLN C 4 8.55 -15.06 -11.08
C GLN C 4 9.74 -15.67 -11.83
N VAL C 5 9.45 -16.66 -12.69
CA VAL C 5 10.45 -17.30 -13.53
C VAL C 5 10.13 -17.04 -15.00
N GLU C 6 11.12 -16.55 -15.75
CA GLU C 6 10.95 -16.26 -17.17
C GLU C 6 12.04 -16.92 -18.02
N GLN C 7 11.63 -17.68 -19.03
CA GLN C 7 12.56 -18.37 -19.91
C GLN C 7 12.62 -17.77 -21.32
N SER C 8 13.82 -17.76 -21.89
CA SER C 8 14.05 -17.25 -23.23
C SER C 8 15.05 -18.14 -23.98
N PRO C 9 14.83 -18.37 -25.29
CA PRO C 9 13.67 -17.98 -26.10
C PRO C 9 12.43 -18.80 -25.73
N GLN C 10 11.27 -18.41 -26.25
CA GLN C 10 10.06 -19.21 -26.04
C GLN C 10 10.18 -20.53 -26.77
N SER C 11 10.75 -20.49 -27.98
CA SER C 11 11.11 -21.67 -28.75
C SER C 11 12.23 -21.34 -29.74
N LEU C 12 13.00 -22.35 -30.13
CA LEU C 12 14.06 -22.18 -31.13
C LEU C 12 14.24 -23.44 -31.97
N VAL C 13 14.80 -23.27 -33.16
CA VAL C 13 15.04 -24.39 -34.08
C VAL C 13 16.50 -24.41 -34.53
N VAL C 14 17.21 -25.49 -34.19
CA VAL C 14 18.62 -25.65 -34.57
C VAL C 14 18.83 -26.90 -35.41
N ARG C 15 19.96 -26.94 -36.11
CA ARG C 15 20.36 -28.11 -36.87
C ARG C 15 21.29 -28.99 -36.05
N GLN C 16 21.21 -30.30 -36.29
CA GLN C 16 22.07 -31.28 -35.63
C GLN C 16 23.52 -30.86 -35.67
N GLY C 17 24.16 -30.84 -34.50
CA GLY C 17 25.58 -30.53 -34.40
C GLY C 17 25.88 -29.16 -33.81
N GLU C 18 24.99 -28.19 -34.05
CA GLU C 18 25.20 -26.83 -33.58
C GLU C 18 24.94 -26.70 -32.08
N ASN C 19 25.49 -25.65 -31.47
CA ASN C 19 25.28 -25.36 -30.07
C ASN C 19 24.12 -24.39 -29.85
N CYS C 20 23.42 -24.56 -28.73
CA CYS C 20 22.35 -23.64 -28.36
C CYS C 20 22.41 -23.31 -26.88
N VAL C 21 22.10 -22.06 -26.55
CA VAL C 21 22.13 -21.58 -25.17
C VAL C 21 20.71 -21.16 -24.77
N LEU C 22 20.28 -21.65 -23.62
CA LEU C 22 18.94 -21.38 -23.11
C LEU C 22 19.01 -20.53 -21.86
N GLN C 23 18.18 -19.49 -21.81
CA GLN C 23 18.20 -18.51 -20.73
C GLN C 23 17.12 -18.78 -19.68
N CYS C 24 17.39 -18.33 -18.45
CA CYS C 24 16.39 -18.32 -17.39
C CYS C 24 16.63 -17.15 -16.42
N ASN C 25 15.62 -16.30 -16.29
CA ASN C 25 15.67 -15.18 -15.37
C ASN C 25 14.53 -15.26 -14.37
N TYR C 26 14.84 -14.94 -13.11
CA TYR C 26 13.87 -15.10 -12.03
C TYR C 26 13.98 -13.98 -11.00
N SER C 27 12.92 -13.80 -10.23
CA SER C 27 12.89 -12.82 -9.16
C SER C 27 12.58 -13.47 -7.81
N VAL C 28 12.49 -14.80 -7.82
CA VAL C 28 12.18 -15.60 -6.63
C VAL C 28 13.10 -15.26 -5.45
N THR C 29 12.48 -14.94 -4.31
CA THR C 29 13.21 -14.60 -3.09
C THR C 29 12.82 -15.52 -1.95
N PRO C 30 13.79 -16.26 -1.38
CA PRO C 30 15.19 -16.31 -1.78
C PRO C 30 15.43 -17.35 -2.87
N ASP C 31 16.61 -17.34 -3.46
CA ASP C 31 16.98 -18.32 -4.49
C ASP C 31 18.00 -19.32 -3.95
N ASN C 32 17.50 -20.37 -3.29
CA ASN C 32 18.38 -21.40 -2.76
C ASN C 32 19.09 -22.16 -3.87
N HIS C 33 18.31 -22.71 -4.80
CA HIS C 33 18.85 -23.52 -5.88
C HIS C 33 18.06 -23.37 -7.15
N LEU C 34 18.71 -23.66 -8.27
CA LEU C 34 18.07 -23.67 -9.57
C LEU C 34 18.33 -24.99 -10.26
N ARG C 35 17.27 -25.60 -10.80
CA ARG C 35 17.36 -26.90 -11.44
C ARG C 35 16.90 -26.83 -12.89
N TRP C 36 17.56 -27.60 -13.75
CA TRP C 36 17.13 -27.72 -15.15
C TRP C 36 16.49 -29.06 -15.42
N PHE C 37 15.36 -29.02 -16.11
CA PHE C 37 14.62 -30.23 -16.46
C PHE C 37 14.55 -30.39 -17.97
N LYS C 38 14.57 -31.65 -18.41
CA LYS C 38 14.31 -32.00 -19.79
C LYS C 38 13.00 -32.79 -19.83
N GLN C 39 12.04 -32.31 -20.61
CA GLN C 39 10.76 -32.99 -20.76
C GLN C 39 10.44 -33.30 -22.22
N ASP C 40 10.69 -34.54 -22.62
CA ASP C 40 10.29 -35.02 -23.93
C ASP C 40 8.77 -34.96 -24.05
N THR C 41 8.28 -34.60 -25.23
CA THR C 41 6.85 -34.41 -25.46
C THR C 41 6.08 -35.66 -25.05
N GLY C 42 5.18 -35.51 -24.09
CA GLY C 42 4.40 -36.62 -23.56
C GLY C 42 5.03 -37.31 -22.36
N LYS C 43 6.35 -37.26 -22.28
CA LYS C 43 7.08 -37.89 -21.19
C LYS C 43 7.14 -37.01 -19.93
N GLY C 44 7.92 -37.45 -18.94
CA GLY C 44 8.02 -36.76 -17.66
C GLY C 44 9.22 -35.85 -17.54
N LEU C 45 9.58 -35.52 -16.30
CA LEU C 45 10.58 -34.49 -16.02
C LEU C 45 11.93 -35.07 -15.59
N VAL C 46 12.84 -35.21 -16.56
CA VAL C 46 14.19 -35.71 -16.30
C VAL C 46 15.10 -34.56 -15.88
N SER C 47 15.66 -34.67 -14.67
CA SER C 47 16.57 -33.64 -14.16
C SER C 47 17.91 -33.68 -14.89
N LEU C 48 18.40 -32.51 -15.28
CA LEU C 48 19.65 -32.41 -16.01
C LEU C 48 20.80 -31.98 -15.11
N THR C 49 20.55 -30.95 -14.29
CA THR C 49 21.50 -30.51 -13.27
C THR C 49 20.84 -29.57 -12.27
N VAL C 50 21.55 -29.30 -11.16
CA VAL C 50 21.08 -28.36 -10.15
C VAL C 50 22.21 -27.45 -9.65
N LEU C 51 22.04 -26.14 -9.88
CA LEU C 51 23.01 -25.14 -9.46
C LEU C 51 22.61 -24.56 -8.10
N VAL C 52 23.61 -24.25 -7.26
CA VAL C 52 23.36 -23.93 -5.85
C VAL C 52 24.14 -22.73 -5.27
N ASP C 53 25.31 -22.45 -5.83
CA ASP C 53 26.17 -21.39 -5.29
C ASP C 53 25.84 -20.02 -5.86
N GLN C 54 26.36 -18.98 -5.20
CA GLN C 54 26.18 -17.59 -5.64
C GLN C 54 26.63 -17.43 -7.09
N LYS C 55 27.85 -17.86 -7.37
CA LYS C 55 28.35 -18.01 -8.72
C LYS C 55 28.67 -19.49 -8.90
N ASP C 56 27.93 -20.15 -9.79
CA ASP C 56 28.01 -21.60 -9.94
C ASP C 56 28.09 -22.03 -11.40
N LYS C 57 28.82 -23.12 -11.64
CA LYS C 57 28.91 -23.77 -12.95
C LYS C 57 28.88 -25.27 -12.76
N THR C 58 28.12 -25.98 -13.58
CA THR C 58 28.11 -27.44 -13.59
C THR C 58 28.17 -27.96 -15.02
N SER C 59 28.42 -29.27 -15.16
CA SER C 59 28.38 -29.93 -16.46
C SER C 59 27.98 -31.40 -16.33
N ASN C 60 26.93 -31.76 -17.05
CA ASN C 60 26.45 -33.14 -17.11
C ASN C 60 26.47 -33.61 -18.56
N GLY C 61 27.60 -34.17 -18.97
CA GLY C 61 27.80 -34.60 -20.36
C GLY C 61 27.94 -33.41 -21.28
N ARG C 62 27.13 -33.39 -22.33
CA ARG C 62 27.08 -32.27 -23.27
C ARG C 62 26.34 -31.07 -22.69
N TYR C 63 25.60 -31.29 -21.61
CA TYR C 63 24.90 -30.23 -20.89
C TYR C 63 25.84 -29.52 -19.93
N SER C 64 25.76 -28.20 -19.92
CA SER C 64 26.50 -27.38 -18.96
C SER C 64 25.70 -26.14 -18.63
N ALA C 65 25.61 -25.82 -17.34
CA ALA C 65 24.78 -24.72 -16.87
C ALA C 65 25.55 -23.77 -15.97
N THR C 66 25.12 -22.51 -15.95
CA THR C 66 25.75 -21.49 -15.12
C THR C 66 24.70 -20.76 -14.28
N LEU C 67 25.07 -20.45 -13.03
CA LEU C 67 24.19 -19.69 -12.14
C LEU C 67 24.90 -18.46 -11.59
N ASP C 68 24.30 -17.30 -11.81
CA ASP C 68 24.74 -16.04 -11.22
C ASP C 68 23.60 -15.46 -10.41
N LYS C 69 23.61 -15.75 -9.11
CA LYS C 69 22.54 -15.34 -8.20
C LYS C 69 22.39 -13.82 -8.03
N ASP C 70 23.50 -13.10 -8.14
CA ASP C 70 23.50 -11.64 -8.04
C ASP C 70 22.66 -11.02 -9.16
N ALA C 71 22.74 -11.61 -10.36
CA ALA C 71 21.95 -11.17 -11.49
C ALA C 71 20.62 -11.93 -11.56
N LYS C 72 20.47 -12.91 -10.69
CA LYS C 72 19.31 -13.82 -10.67
C LYS C 72 19.04 -14.38 -12.07
N HIS C 73 20.10 -14.91 -12.67
CA HIS C 73 20.11 -15.33 -14.07
C HIS C 73 20.84 -16.63 -14.24
N SER C 74 20.34 -17.47 -15.15
CA SER C 74 20.95 -18.77 -15.43
C SER C 74 20.90 -19.11 -16.91
N THR C 75 21.95 -19.76 -17.40
CA THR C 75 21.96 -20.30 -18.77
C THR C 75 22.23 -21.80 -18.80
N LEU C 76 21.69 -22.45 -19.82
CA LEU C 76 21.99 -23.86 -20.09
C LEU C 76 22.51 -23.97 -21.53
N HIS C 77 23.79 -24.30 -21.67
CA HIS C 77 24.39 -24.51 -22.98
C HIS C 77 24.34 -25.96 -23.32
N ILE C 78 23.87 -26.28 -24.53
CA ILE C 78 23.93 -27.64 -25.04
C ILE C 78 24.98 -27.71 -26.14
N THR C 79 26.01 -28.53 -25.93
CA THR C 79 27.09 -28.68 -26.91
C THR C 79 26.76 -29.82 -27.87
N ALA C 80 26.97 -29.56 -29.15
CA ALA C 80 26.74 -30.54 -30.23
C ALA C 80 25.39 -31.24 -30.11
N THR C 81 24.32 -30.49 -30.41
CA THR C 81 22.95 -31.00 -30.29
C THR C 81 22.72 -32.26 -31.09
N LEU C 82 22.04 -33.22 -30.47
CA LEU C 82 21.59 -34.43 -31.15
C LEU C 82 20.08 -34.35 -31.33
N LEU C 83 19.56 -35.24 -32.17
CA LEU C 83 18.12 -35.32 -32.42
C LEU C 83 17.34 -35.60 -31.14
N ASP C 84 17.97 -36.33 -30.22
CA ASP C 84 17.41 -36.67 -28.90
C ASP C 84 17.05 -35.45 -28.04
N ASP C 85 17.73 -34.34 -28.27
CA ASP C 85 17.57 -33.13 -27.46
C ASP C 85 16.26 -32.37 -27.71
N THR C 86 15.54 -32.78 -28.75
CA THR C 86 14.24 -32.21 -29.08
C THR C 86 13.26 -32.43 -27.93
N ALA C 87 13.09 -31.41 -27.10
CA ALA C 87 12.27 -31.46 -25.89
C ALA C 87 12.07 -30.06 -25.33
N THR C 88 11.14 -29.93 -24.38
CA THR C 88 10.98 -28.68 -23.65
C THR C 88 11.94 -28.68 -22.46
N TYR C 89 12.65 -27.57 -22.28
CA TYR C 89 13.61 -27.44 -21.18
C TYR C 89 13.13 -26.47 -20.12
N ILE C 90 12.95 -26.97 -18.90
CA ILE C 90 12.27 -26.21 -17.85
C ILE C 90 13.24 -25.76 -16.75
N CYS C 91 13.13 -24.48 -16.41
CA CYS C 91 13.90 -23.87 -15.33
C CYS C 91 13.05 -23.86 -14.05
N VAL C 92 13.65 -24.26 -12.93
CA VAL C 92 12.93 -24.31 -11.66
C VAL C 92 13.77 -23.77 -10.50
N VAL C 93 13.25 -22.76 -9.83
CA VAL C 93 13.92 -22.13 -8.68
C VAL C 93 13.22 -22.53 -7.38
N GLY C 94 14.01 -22.99 -6.41
CA GLY C 94 13.50 -23.35 -5.08
C GLY C 94 13.93 -22.35 -4.03
N ASP C 95 12.98 -21.92 -3.18
CA ASP C 95 13.23 -20.82 -2.25
C ASP C 95 13.79 -21.20 -0.88
N ARG C 96 13.94 -22.50 -0.63
CA ARG C 96 14.56 -22.98 0.61
C ARG C 96 15.48 -24.17 0.34
N GLY C 97 16.42 -24.40 1.25
CA GLY C 97 17.30 -25.57 1.17
C GLY C 97 16.77 -26.76 1.94
N SER C 98 15.48 -26.73 2.26
CA SER C 98 14.81 -27.81 2.98
C SER C 98 13.41 -28.07 2.41
N ALA C 99 12.64 -28.90 3.09
CA ALA C 99 11.29 -29.25 2.66
C ALA C 99 10.27 -28.12 2.90
N LEU C 100 10.70 -27.07 3.59
CA LEU C 100 9.88 -25.87 3.80
C LEU C 100 9.70 -25.07 2.51
N GLY C 101 10.53 -25.37 1.51
CA GLY C 101 10.56 -24.62 0.26
C GLY C 101 9.43 -24.91 -0.70
N ARG C 102 9.09 -23.90 -1.50
CA ARG C 102 8.18 -24.07 -2.62
C ARG C 102 8.98 -23.87 -3.89
N LEU C 103 8.74 -24.73 -4.88
CA LEU C 103 9.43 -24.66 -6.15
C LEU C 103 8.66 -23.77 -7.13
N HIS C 104 9.40 -22.97 -7.90
CA HIS C 104 8.81 -22.05 -8.85
C HIS C 104 9.22 -22.43 -10.24
N PHE C 105 8.23 -22.79 -11.05
CA PHE C 105 8.47 -23.37 -12.38
C PHE C 105 8.38 -22.36 -13.50
N GLY C 106 9.34 -22.42 -14.42
CA GLY C 106 9.27 -21.67 -15.67
C GLY C 106 8.37 -22.38 -16.67
N ALA C 107 7.92 -21.64 -17.68
CA ALA C 107 7.02 -22.19 -18.71
C ALA C 107 7.75 -23.14 -19.65
N GLY C 108 9.07 -23.00 -19.74
CA GLY C 108 9.90 -23.89 -20.54
C GLY C 108 10.31 -23.30 -21.87
N THR C 109 11.55 -23.57 -22.27
CA THR C 109 12.04 -23.26 -23.60
C THR C 109 11.88 -24.50 -24.47
N GLN C 110 11.25 -24.33 -25.63
CA GLN C 110 11.05 -25.45 -26.55
C GLN C 110 12.23 -25.54 -27.54
N LEU C 111 12.76 -26.75 -27.70
CA LEU C 111 13.83 -26.98 -28.64
C LEU C 111 13.43 -28.01 -29.69
N ILE C 112 13.62 -27.65 -30.96
CA ILE C 112 13.46 -28.58 -32.08
C ILE C 112 14.79 -28.67 -32.82
N VAL C 113 15.32 -29.89 -32.92
CA VAL C 113 16.58 -30.14 -33.61
C VAL C 113 16.30 -30.79 -34.96
N ILE C 114 16.80 -30.17 -36.02
CA ILE C 114 16.64 -30.69 -37.39
C ILE C 114 17.70 -31.76 -37.67
N PRO C 115 17.26 -32.97 -38.08
CA PRO C 115 18.15 -34.10 -38.34
C PRO C 115 19.14 -33.87 -39.48
N ASP C 116 20.30 -34.51 -39.39
CA ASP C 116 21.33 -34.41 -40.41
C ASP C 116 21.26 -35.61 -41.35
N ILE C 117 20.54 -35.45 -42.47
CA ILE C 117 20.41 -36.51 -43.46
C ILE C 117 21.66 -36.55 -44.34
N GLN C 118 22.43 -37.63 -44.18
CA GLN C 118 23.72 -37.79 -44.84
C GLN C 118 23.62 -37.97 -46.36
N ASN C 119 23.05 -39.10 -46.77
CA ASN C 119 22.92 -39.43 -48.19
C ASN C 119 21.46 -39.63 -48.59
N PRO C 120 20.74 -38.52 -48.88
CA PRO C 120 19.32 -38.59 -49.20
C PRO C 120 19.05 -39.35 -50.50
N ASP C 121 17.98 -40.14 -50.50
CA ASP C 121 17.57 -40.89 -51.68
C ASP C 121 16.04 -40.94 -51.77
N PRO C 122 15.40 -39.78 -52.03
CA PRO C 122 13.94 -39.66 -51.97
C PRO C 122 13.23 -40.65 -52.88
N ALA C 123 12.18 -41.28 -52.35
CA ALA C 123 11.37 -42.24 -53.10
C ALA C 123 9.96 -42.35 -52.51
N VAL C 124 9.01 -42.78 -53.34
CA VAL C 124 7.65 -43.05 -52.89
C VAL C 124 7.35 -44.54 -53.14
N TYR C 125 7.03 -45.27 -52.07
CA TYR C 125 6.73 -46.69 -52.15
C TYR C 125 5.27 -47.00 -51.80
N GLN C 126 4.75 -48.09 -52.37
CA GLN C 126 3.41 -48.57 -52.03
C GLN C 126 3.50 -49.77 -51.09
N LEU C 127 2.79 -49.68 -49.97
CA LEU C 127 2.82 -50.72 -48.95
C LEU C 127 1.40 -51.23 -48.70
N ARG C 128 1.23 -52.55 -48.70
CA ARG C 128 -0.09 -53.16 -48.60
C ARG C 128 -0.38 -53.80 -47.25
N ASP C 129 -1.65 -53.79 -46.86
CA ASP C 129 -2.12 -54.40 -45.62
C ASP C 129 -1.83 -55.90 -45.62
N SER C 130 -1.38 -56.41 -44.47
CA SER C 130 -1.06 -57.83 -44.34
C SER C 130 -2.33 -58.68 -44.26
N LYS C 131 -3.34 -58.17 -43.55
CA LYS C 131 -4.58 -58.91 -43.33
C LYS C 131 -5.62 -58.67 -44.43
N SER C 132 -5.44 -57.62 -45.23
CA SER C 132 -6.39 -57.25 -46.28
C SER C 132 -5.68 -56.48 -47.40
N SER C 133 -5.00 -57.21 -48.28
CA SER C 133 -4.07 -56.63 -49.25
C SER C 133 -4.66 -55.70 -50.33
N ASP C 134 -5.97 -55.44 -50.24
CA ASP C 134 -6.62 -54.49 -51.14
C ASP C 134 -6.28 -53.04 -50.77
N LYS C 135 -6.37 -52.72 -49.48
CA LYS C 135 -6.10 -51.38 -48.99
C LYS C 135 -4.61 -51.20 -48.74
N SER C 136 -4.08 -50.08 -49.22
CA SER C 136 -2.64 -49.81 -49.14
C SER C 136 -2.33 -48.37 -48.73
N VAL C 137 -1.04 -48.09 -48.53
CA VAL C 137 -0.56 -46.74 -48.20
C VAL C 137 0.61 -46.32 -49.09
N CYS C 138 0.81 -45.01 -49.19
CA CYS C 138 1.92 -44.45 -49.96
C CYS C 138 2.94 -43.77 -49.05
N LEU C 139 4.16 -44.28 -49.06
CA LEU C 139 5.21 -43.81 -48.16
C LEU C 139 6.28 -43.00 -48.89
N PHE C 140 6.27 -41.69 -48.66
CA PHE C 140 7.34 -40.82 -49.12
C PHE C 140 8.42 -40.83 -48.05
N THR C 141 9.62 -41.24 -48.44
CA THR C 141 10.70 -41.46 -47.48
C THR C 141 12.09 -41.19 -48.06
N ASP C 142 13.10 -41.18 -47.18
CA ASP C 142 14.52 -41.01 -47.53
C ASP C 142 14.87 -39.65 -48.18
N PHE C 143 14.01 -38.67 -47.99
CA PHE C 143 14.27 -37.31 -48.48
C PHE C 143 15.00 -36.47 -47.45
N ASP C 144 15.68 -35.42 -47.91
CA ASP C 144 16.48 -34.56 -47.04
C ASP C 144 15.61 -33.59 -46.24
N SER C 145 16.24 -32.85 -45.32
CA SER C 145 15.54 -31.93 -44.42
C SER C 145 14.86 -30.77 -45.14
N GLN C 146 15.53 -30.21 -46.15
CA GLN C 146 15.03 -29.06 -46.92
C GLN C 146 13.62 -29.27 -47.49
N THR C 147 13.28 -30.52 -47.80
CA THR C 147 11.97 -30.85 -48.38
C THR C 147 10.85 -30.76 -47.34
N ASN C 148 9.84 -29.96 -47.64
CA ASN C 148 8.65 -29.82 -46.80
C ASN C 148 7.47 -30.58 -47.36
N VAL C 149 6.64 -31.13 -46.48
CA VAL C 149 5.44 -31.87 -46.89
C VAL C 149 4.18 -31.07 -46.57
N SER C 150 3.45 -30.71 -47.62
CA SER C 150 2.19 -29.97 -47.49
C SER C 150 1.07 -30.88 -47.02
N GLN C 151 0.23 -30.36 -46.12
CA GLN C 151 -0.94 -31.09 -45.60
C GLN C 151 -1.92 -31.42 -46.73
N SER C 152 -2.85 -32.33 -46.45
CA SER C 152 -3.80 -32.78 -47.45
C SER C 152 -4.87 -31.72 -47.76
N LYS C 153 -4.90 -31.30 -49.02
CA LYS C 153 -5.87 -30.30 -49.50
C LYS C 153 -7.25 -30.92 -49.65
N ASP C 154 -7.31 -32.09 -50.28
CA ASP C 154 -8.55 -32.85 -50.40
C ASP C 154 -8.88 -33.51 -49.06
N SER C 155 -10.09 -33.29 -48.57
CA SER C 155 -10.51 -33.75 -47.24
C SER C 155 -10.75 -35.26 -47.15
N ASP C 156 -10.84 -35.92 -48.30
CA ASP C 156 -10.99 -37.38 -48.37
C ASP C 156 -9.66 -38.11 -48.60
N VAL C 157 -8.58 -37.34 -48.64
CA VAL C 157 -7.22 -37.88 -48.67
C VAL C 157 -6.52 -37.46 -47.37
N TYR C 158 -5.61 -38.30 -46.87
CA TYR C 158 -4.91 -38.01 -45.62
C TYR C 158 -3.40 -38.15 -45.76
N ILE C 159 -2.69 -37.05 -45.50
CA ILE C 159 -1.23 -37.04 -45.53
C ILE C 159 -0.69 -36.52 -44.20
N THR C 160 0.09 -37.35 -43.52
CA THR C 160 0.67 -37.00 -42.23
C THR C 160 1.87 -36.08 -42.41
N ASP C 161 2.26 -35.40 -41.35
CA ASP C 161 3.45 -34.56 -41.34
C ASP C 161 4.71 -35.44 -41.32
N LYS C 162 5.85 -34.85 -41.68
CA LYS C 162 7.12 -35.59 -41.73
C LYS C 162 7.52 -36.12 -40.36
N CYS C 163 8.24 -37.25 -40.38
CA CYS C 163 8.65 -37.93 -39.15
C CYS C 163 10.05 -38.49 -39.37
N VAL C 164 10.91 -38.35 -38.37
CA VAL C 164 12.28 -38.87 -38.49
C VAL C 164 12.55 -40.04 -37.54
N LEU C 165 12.95 -41.17 -38.14
CA LEU C 165 13.31 -42.36 -37.38
C LEU C 165 14.82 -42.51 -37.31
N ASP C 166 15.31 -43.12 -36.24
CA ASP C 166 16.74 -43.33 -36.07
C ASP C 166 17.07 -44.82 -35.91
N MET C 167 17.57 -45.41 -36.98
CA MET C 167 18.08 -46.79 -36.93
C MET C 167 19.40 -46.73 -36.17
N ARG C 168 19.28 -46.87 -34.85
CA ARG C 168 20.35 -46.52 -33.91
C ARG C 168 21.59 -47.39 -34.04
N SER C 169 21.38 -48.71 -34.13
CA SER C 169 22.47 -49.68 -34.22
C SER C 169 23.25 -49.61 -35.53
N MET C 170 22.73 -48.85 -36.49
CA MET C 170 23.40 -48.63 -37.77
C MET C 170 23.94 -47.20 -37.89
N ASP C 171 23.50 -46.33 -36.98
CA ASP C 171 23.74 -44.88 -37.06
C ASP C 171 23.23 -44.31 -38.38
N PHE C 172 21.92 -44.39 -38.58
CA PHE C 172 21.28 -43.97 -39.82
C PHE C 172 19.93 -43.31 -39.55
N LYS C 173 19.72 -42.15 -40.16
CA LYS C 173 18.49 -41.37 -39.99
C LYS C 173 17.77 -41.21 -41.31
N SER C 174 16.43 -41.17 -41.26
CA SER C 174 15.62 -40.97 -42.46
C SER C 174 14.30 -40.25 -42.15
N ASN C 175 13.90 -39.36 -43.06
CA ASN C 175 12.61 -38.71 -42.99
C ASN C 175 11.56 -39.52 -43.72
N SER C 176 10.32 -39.45 -43.24
CA SER C 176 9.21 -40.21 -43.82
C SER C 176 7.87 -39.52 -43.62
N ALA C 177 6.96 -39.74 -44.57
CA ALA C 177 5.59 -39.24 -44.46
C ALA C 177 4.64 -40.22 -45.14
N VAL C 178 3.50 -40.47 -44.49
CA VAL C 178 2.55 -41.49 -44.96
C VAL C 178 1.29 -40.84 -45.52
N ALA C 179 0.88 -41.28 -46.70
CA ALA C 179 -0.34 -40.79 -47.34
C ALA C 179 -1.22 -41.94 -47.83
N TRP C 180 -2.53 -41.82 -47.56
CA TRP C 180 -3.51 -42.83 -47.96
C TRP C 180 -4.85 -42.19 -48.21
N SER C 181 -5.65 -42.84 -49.06
CA SER C 181 -7.02 -42.40 -49.36
C SER C 181 -7.91 -43.57 -49.76
N ASN C 182 -9.21 -43.41 -49.51
CA ASN C 182 -10.21 -44.42 -49.87
CA ASN C 182 -10.20 -44.43 -49.87
C ASN C 182 -11.03 -44.04 -51.10
N LYS C 183 -11.02 -42.76 -51.44
CA LYS C 183 -11.74 -42.23 -52.59
C LYS C 183 -10.89 -41.23 -53.37
N ASP C 185 -8.64 -44.16 -58.51
CA ASP C 185 -8.79 -42.70 -58.34
C ASP C 185 -7.74 -42.11 -57.39
N PHE C 186 -6.97 -42.98 -56.75
CA PHE C 186 -5.86 -42.56 -55.88
C PHE C 186 -4.69 -43.54 -56.02
N ALA C 187 -3.50 -43.00 -56.26
CA ALA C 187 -2.28 -43.80 -56.42
C ALA C 187 -1.06 -43.05 -55.89
N CYS C 188 0.02 -43.79 -55.66
CA CYS C 188 1.27 -43.24 -55.10
C CYS C 188 1.98 -42.31 -56.06
N ALA C 189 1.80 -42.54 -57.36
CA ALA C 189 2.38 -41.68 -58.40
C ALA C 189 1.80 -40.27 -58.34
N ASN C 190 0.52 -40.17 -57.97
CA ASN C 190 -0.14 -38.88 -57.79
C ASN C 190 -0.71 -38.69 -56.38
N ALA C 191 0.19 -38.61 -55.41
CA ALA C 191 -0.19 -38.43 -54.01
C ALA C 191 0.52 -37.23 -53.39
N PHE C 192 1.80 -37.09 -53.70
CA PHE C 192 2.62 -36.01 -53.14
C PHE C 192 2.87 -34.89 -54.16
N ASN C 193 1.85 -34.63 -54.99
CA ASN C 193 1.84 -33.47 -55.88
C ASN C 193 1.52 -32.21 -55.08
N ASN C 194 0.89 -32.43 -53.93
CA ASN C 194 0.56 -31.39 -52.96
C ASN C 194 1.81 -30.70 -52.41
N SER C 195 2.88 -31.47 -52.24
CA SER C 195 4.14 -30.98 -51.69
C SER C 195 5.19 -30.80 -52.78
N ILE C 196 6.15 -29.90 -52.52
CA ILE C 196 7.26 -29.67 -53.45
C ILE C 196 8.30 -30.78 -53.33
N ILE C 197 8.15 -31.79 -54.18
CA ILE C 197 9.05 -32.96 -54.18
C ILE C 197 10.27 -32.74 -55.09
N PRO C 198 11.42 -33.33 -54.72
CA PRO C 198 12.61 -33.29 -55.58
C PRO C 198 12.37 -33.92 -56.95
N GLU C 199 13.17 -33.49 -57.93
CA GLU C 199 13.03 -33.96 -59.30
C GLU C 199 13.50 -35.40 -59.50
N ASP C 200 14.45 -35.83 -58.68
CA ASP C 200 15.02 -37.19 -58.78
C ASP C 200 14.39 -38.17 -57.77
N THR C 201 13.13 -37.92 -57.42
CA THR C 201 12.38 -38.80 -56.53
C THR C 201 12.05 -40.11 -57.25
N PHE C 202 12.48 -41.22 -56.66
CA PHE C 202 12.35 -42.54 -57.27
C PHE C 202 10.90 -43.06 -57.22
N PHE C 203 10.34 -43.31 -58.40
CA PHE C 203 9.02 -43.91 -58.53
C PHE C 203 9.12 -45.26 -59.25
N PRO C 204 8.94 -46.37 -58.50
CA PRO C 204 9.12 -47.72 -59.04
C PRO C 204 7.87 -48.30 -59.70
N SER C 205 8.01 -49.50 -60.27
CA SER C 205 6.92 -50.23 -60.93
C SER C 205 6.34 -49.46 -62.11
N ALA D 3 15.21 -43.28 -5.82
CA ALA D 3 13.80 -42.98 -5.40
C ALA D 3 12.84 -43.09 -6.57
N ALA D 4 11.74 -43.79 -6.37
CA ALA D 4 10.72 -44.00 -7.40
C ALA D 4 9.33 -43.57 -6.96
N VAL D 5 8.62 -42.89 -7.85
CA VAL D 5 7.24 -42.45 -7.60
C VAL D 5 6.36 -42.88 -8.76
N THR D 6 5.26 -43.57 -8.45
CA THR D 6 4.33 -44.05 -9.48
C THR D 6 2.97 -43.34 -9.42
N GLN D 7 2.27 -43.33 -10.55
CA GLN D 7 0.94 -42.73 -10.65
C GLN D 7 -0.04 -43.68 -11.35
N SER D 8 -1.29 -43.69 -10.88
CA SER D 8 -2.35 -44.48 -11.49
C SER D 8 -3.68 -43.73 -11.43
N PRO D 9 -4.38 -43.64 -12.59
CA PRO D 9 -3.97 -44.19 -13.88
C PRO D 9 -2.89 -43.34 -14.53
N ARG D 10 -2.32 -43.85 -15.61
CA ARG D 10 -1.32 -43.11 -16.37
C ARG D 10 -2.01 -42.13 -17.32
N ASN D 11 -3.24 -42.48 -17.70
CA ASN D 11 -4.02 -41.74 -18.67
C ASN D 11 -5.50 -41.97 -18.40
N LYS D 12 -6.31 -40.92 -18.49
CA LYS D 12 -7.72 -41.01 -18.12
C LYS D 12 -8.63 -40.10 -18.94
N VAL D 13 -9.78 -40.65 -19.34
CA VAL D 13 -10.83 -39.89 -20.00
C VAL D 13 -12.07 -39.92 -19.10
N ALA D 14 -12.59 -38.74 -18.78
CA ALA D 14 -13.73 -38.61 -17.87
C ALA D 14 -14.82 -37.67 -18.40
N VAL D 15 -15.96 -37.65 -17.72
CA VAL D 15 -17.10 -36.81 -18.11
C VAL D 15 -17.40 -35.71 -17.08
N THR D 16 -17.90 -34.58 -17.55
CA THR D 16 -18.29 -33.46 -16.69
C THR D 16 -19.28 -33.90 -15.62
N GLY D 17 -18.99 -33.59 -14.37
CA GLY D 17 -19.84 -33.97 -13.24
C GLY D 17 -19.45 -35.27 -12.56
N GLY D 18 -18.65 -36.09 -13.26
CA GLY D 18 -18.17 -37.36 -12.70
C GLY D 18 -17.08 -37.20 -11.66
N LYS D 19 -16.88 -38.24 -10.86
CA LYS D 19 -15.82 -38.26 -9.84
C LYS D 19 -14.57 -38.92 -10.39
N VAL D 20 -13.43 -38.26 -10.24
CA VAL D 20 -12.14 -38.78 -10.72
C VAL D 20 -11.11 -38.77 -9.59
N THR D 21 -10.48 -39.92 -9.38
CA THR D 21 -9.44 -40.04 -8.35
C THR D 21 -8.09 -40.38 -8.97
N LEU D 22 -7.15 -39.45 -8.88
CA LEU D 22 -5.78 -39.68 -9.33
C LEU D 22 -4.94 -40.13 -8.15
N SER D 23 -4.27 -41.27 -8.30
CA SER D 23 -3.49 -41.86 -7.21
C SER D 23 -1.99 -41.67 -7.40
N CYS D 24 -1.27 -41.67 -6.28
CA CYS D 24 0.17 -41.55 -6.29
C CYS D 24 0.80 -42.47 -5.25
N ASN D 25 1.64 -43.39 -5.71
CA ASN D 25 2.31 -44.32 -4.82
C ASN D 25 3.81 -44.08 -4.73
N GLN D 26 4.32 -44.14 -3.50
CA GLN D 26 5.72 -43.92 -3.20
C GLN D 26 6.13 -44.80 -2.02
N THR D 27 7.13 -45.65 -2.25
CA THR D 27 7.65 -46.55 -1.23
C THR D 27 9.03 -46.08 -0.73
N ASN D 28 9.27 -44.78 -0.87
CA ASN D 28 10.52 -44.16 -0.42
C ASN D 28 10.47 -43.75 1.05
N ASN D 29 9.30 -43.93 1.65
CA ASN D 29 9.02 -43.54 3.03
C ASN D 29 9.07 -42.02 3.24
N HIS D 30 8.89 -41.27 2.17
CA HIS D 30 8.88 -39.80 2.22
C HIS D 30 7.67 -39.29 2.95
N ASN D 31 7.90 -38.37 3.89
CA ASN D 31 6.82 -37.74 4.63
C ASN D 31 5.95 -36.86 3.75
N ASN D 32 6.59 -36.15 2.81
CA ASN D 32 5.93 -35.09 2.06
C ASN D 32 5.60 -35.50 0.62
N MET D 33 4.38 -35.17 0.19
CA MET D 33 3.92 -35.48 -1.16
C MET D 33 3.13 -34.30 -1.74
N TYR D 34 3.30 -34.08 -3.04
CA TYR D 34 2.83 -32.85 -3.68
C TYR D 34 2.07 -33.14 -4.97
N TRP D 35 0.97 -32.40 -5.19
CA TRP D 35 0.20 -32.50 -6.44
C TRP D 35 0.27 -31.25 -7.26
N TYR D 36 0.72 -31.41 -8.50
CA TYR D 36 0.85 -30.31 -9.45
C TYR D 36 0.01 -30.59 -10.70
N ARG D 37 -0.21 -29.55 -11.49
CA ARG D 37 -0.73 -29.69 -12.84
C ARG D 37 0.08 -28.87 -13.84
N GLN D 38 0.27 -29.43 -15.03
CA GLN D 38 1.00 -28.76 -16.10
C GLN D 38 0.04 -28.34 -17.20
N ASP D 39 0.13 -27.08 -17.60
CA ASP D 39 -0.66 -26.54 -18.71
C ASP D 39 0.22 -25.68 -19.61
N THR D 40 0.12 -25.91 -20.92
CA THR D 40 0.89 -25.15 -21.91
C THR D 40 0.75 -23.65 -21.69
N GLY D 41 1.87 -22.95 -21.63
CA GLY D 41 1.89 -21.52 -21.33
C GLY D 41 2.25 -21.24 -19.88
N HIS D 42 1.97 -22.21 -19.01
CA HIS D 42 2.30 -22.10 -17.59
C HIS D 42 3.34 -23.11 -17.22
N GLY D 43 4.00 -22.88 -16.09
CA GLY D 43 4.83 -23.91 -15.46
C GLY D 43 3.95 -24.78 -14.58
N LEU D 44 4.55 -25.72 -13.86
CA LEU D 44 3.82 -26.53 -12.90
C LEU D 44 3.35 -25.67 -11.74
N ARG D 45 2.04 -25.74 -11.46
CA ARG D 45 1.44 -25.02 -10.36
C ARG D 45 0.96 -26.00 -9.29
N LEU D 46 1.22 -25.67 -8.03
CA LEU D 46 0.88 -26.54 -6.91
C LEU D 46 -0.61 -26.51 -6.59
N ILE D 47 -1.19 -27.69 -6.41
CA ILE D 47 -2.61 -27.84 -6.07
C ILE D 47 -2.78 -28.16 -4.58
N HIS D 48 -2.20 -29.27 -4.15
CA HIS D 48 -2.27 -29.72 -2.76
C HIS D 48 -1.01 -30.41 -2.35
N TYR D 49 -0.76 -30.47 -1.04
CA TYR D 49 0.38 -31.19 -0.51
C TYR D 49 0.15 -31.69 0.92
N SER D 50 0.87 -32.74 1.29
CA SER D 50 0.70 -33.39 2.57
C SER D 50 2.05 -33.57 3.25
N TYR D 51 2.09 -33.34 4.57
CA TYR D 51 3.33 -33.50 5.34
C TYR D 51 3.41 -34.86 6.04
N GLY D 52 2.49 -35.75 5.71
CA GLY D 52 2.41 -37.08 6.33
C GLY D 52 0.99 -37.60 6.36
N ALA D 53 0.84 -38.85 6.81
CA ALA D 53 -0.47 -39.50 6.90
C ALA D 53 -1.45 -38.62 7.68
N GLY D 54 -2.61 -38.38 7.07
CA GLY D 54 -3.67 -37.57 7.70
C GLY D 54 -3.66 -36.13 7.21
N SER D 55 -2.47 -35.56 7.06
CA SER D 55 -2.30 -34.17 6.65
C SER D 55 -2.75 -33.90 5.21
N THR D 56 -3.25 -32.70 4.97
CA THR D 56 -3.46 -32.13 3.64
C THR D 56 -3.49 -30.61 3.73
N GLU D 57 -2.84 -29.95 2.78
CA GLU D 57 -2.75 -28.50 2.78
C GLU D 57 -2.99 -27.95 1.38
N LYS D 58 -3.70 -26.83 1.31
CA LYS D 58 -3.98 -26.17 0.04
C LYS D 58 -2.72 -25.55 -0.55
N GLY D 59 -2.59 -25.66 -1.87
CA GLY D 59 -1.45 -25.08 -2.59
C GLY D 59 -1.79 -23.71 -3.15
N ASP D 60 -1.27 -23.43 -4.35
CA ASP D 60 -1.51 -22.16 -5.02
C ASP D 60 -2.86 -22.15 -5.75
N ILE D 61 -3.20 -23.27 -6.39
CA ILE D 61 -4.49 -23.42 -7.07
C ILE D 61 -5.26 -24.67 -6.59
N PRO D 62 -5.94 -24.57 -5.44
CA PRO D 62 -6.59 -25.72 -4.83
C PRO D 62 -8.06 -25.90 -5.21
N ASP D 63 -8.61 -24.93 -5.94
CA ASP D 63 -10.04 -24.93 -6.26
C ASP D 63 -10.45 -26.03 -7.25
N GLY D 64 -11.47 -26.79 -6.88
CA GLY D 64 -11.97 -27.88 -7.71
C GLY D 64 -11.33 -29.20 -7.38
N TYR D 65 -10.38 -29.18 -6.44
CA TYR D 65 -9.65 -30.37 -6.05
C TYR D 65 -9.71 -30.60 -4.55
N LYS D 66 -9.91 -31.86 -4.16
CA LYS D 66 -9.81 -32.28 -2.78
C LYS D 66 -8.71 -33.32 -2.68
N ALA D 67 -7.90 -33.26 -1.62
CA ALA D 67 -6.77 -34.17 -1.47
C ALA D 67 -6.94 -35.07 -0.26
N SER D 68 -6.42 -36.29 -0.38
CA SER D 68 -6.49 -37.26 0.71
C SER D 68 -5.17 -38.00 0.87
N ARG D 69 -4.66 -38.03 2.09
CA ARG D 69 -3.46 -38.79 2.43
C ARG D 69 -3.82 -39.89 3.43
N PRO D 70 -4.30 -41.04 2.93
CA PRO D 70 -4.65 -42.15 3.81
C PRO D 70 -3.45 -42.73 4.55
N SER D 71 -2.29 -42.73 3.91
CA SER D 71 -1.07 -43.29 4.48
C SER D 71 0.18 -42.63 3.92
N GLN D 72 1.32 -42.92 4.55
CA GLN D 72 2.64 -42.49 4.09
C GLN D 72 2.85 -42.85 2.61
N GLU D 73 2.38 -44.04 2.24
CA GLU D 73 2.57 -44.59 0.90
C GLU D 73 1.77 -43.86 -0.18
N ASN D 74 0.49 -43.59 0.09
CA ASN D 74 -0.40 -43.04 -0.93
C ASN D 74 -0.94 -41.63 -0.67
N PHE D 75 -1.01 -40.85 -1.74
CA PHE D 75 -1.58 -39.51 -1.70
C PHE D 75 -2.43 -39.33 -2.95
N SER D 76 -3.72 -39.07 -2.74
CA SER D 76 -4.68 -39.00 -3.84
C SER D 76 -5.19 -37.59 -4.10
N LEU D 77 -5.38 -37.29 -5.37
CA LEU D 77 -6.07 -36.08 -5.78
C LEU D 77 -7.48 -36.48 -6.22
N ILE D 78 -8.47 -35.86 -5.61
CA ILE D 78 -9.88 -36.18 -5.89
C ILE D 78 -10.58 -34.99 -6.53
N LEU D 79 -11.13 -35.22 -7.73
CA LEU D 79 -11.93 -34.23 -8.43
C LEU D 79 -13.38 -34.62 -8.25
N GLU D 80 -14.10 -33.86 -7.42
CA GLU D 80 -15.46 -34.20 -7.01
C GLU D 80 -16.47 -34.09 -8.14
N LEU D 81 -16.54 -32.91 -8.74
CA LEU D 81 -17.40 -32.68 -9.90
C LEU D 81 -16.56 -32.12 -11.05
N ALA D 82 -16.10 -33.04 -11.91
CA ALA D 82 -15.15 -32.74 -12.98
C ALA D 82 -15.66 -31.68 -13.97
N THR D 83 -14.72 -30.90 -14.50
CA THR D 83 -15.02 -29.85 -15.47
C THR D 83 -13.93 -29.82 -16.56
N PRO D 84 -14.27 -29.31 -17.77
CA PRO D 84 -13.30 -29.22 -18.86
C PRO D 84 -12.10 -28.31 -18.53
N SER D 85 -12.28 -27.41 -17.57
CA SER D 85 -11.20 -26.55 -17.08
C SER D 85 -10.15 -27.35 -16.31
N GLN D 86 -10.47 -28.60 -16.00
CA GLN D 86 -9.56 -29.49 -15.26
C GLN D 86 -8.84 -30.47 -16.17
N THR D 87 -8.91 -30.23 -17.48
CA THR D 87 -8.14 -30.99 -18.45
C THR D 87 -6.67 -30.55 -18.35
N SER D 88 -5.81 -31.47 -17.95
CA SER D 88 -4.39 -31.17 -17.74
C SER D 88 -3.56 -32.45 -17.58
N VAL D 89 -2.24 -32.28 -17.62
CA VAL D 89 -1.32 -33.33 -17.20
C VAL D 89 -1.01 -33.07 -15.73
N TYR D 90 -1.32 -34.05 -14.87
CA TYR D 90 -1.14 -33.89 -13.43
C TYR D 90 0.09 -34.64 -12.94
N PHE D 91 0.99 -33.91 -12.28
CA PHE D 91 2.22 -34.49 -11.76
C PHE D 91 2.20 -34.64 -10.24
N CYS D 92 2.67 -35.78 -9.77
CA CYS D 92 2.83 -36.04 -8.36
C CYS D 92 4.31 -36.05 -8.00
N ALA D 93 4.63 -35.52 -6.83
CA ALA D 93 6.01 -35.49 -6.33
C ALA D 93 6.06 -35.86 -4.86
N SER D 94 7.19 -36.40 -4.43
CA SER D 94 7.41 -36.71 -3.02
C SER D 94 8.84 -36.38 -2.62
N GLY D 95 9.07 -36.24 -1.32
CA GLY D 95 10.40 -35.93 -0.80
C GLY D 95 10.48 -35.95 0.71
N ASP D 96 11.68 -36.14 1.22
CA ASP D 96 11.93 -36.12 2.66
C ASP D 96 12.12 -34.69 3.16
N GLU D 97 12.98 -34.49 4.15
CA GLU D 97 13.21 -33.17 4.74
C GLU D 97 14.08 -32.28 3.85
N GLY D 98 14.72 -32.87 2.85
CA GLY D 98 15.56 -32.13 1.89
C GLY D 98 14.71 -31.31 0.93
N TYR D 99 15.37 -30.60 0.02
CA TYR D 99 14.65 -29.79 -0.96
C TYR D 99 14.27 -30.54 -2.23
N THR D 100 14.87 -31.70 -2.46
CA THR D 100 14.64 -32.46 -3.69
C THR D 100 13.25 -33.09 -3.72
N GLN D 101 12.50 -32.79 -4.76
CA GLN D 101 11.19 -33.40 -5.00
C GLN D 101 11.25 -34.35 -6.18
N TYR D 102 10.94 -35.62 -5.92
CA TYR D 102 11.01 -36.66 -6.94
C TYR D 102 9.65 -36.82 -7.61
N PHE D 103 9.62 -36.62 -8.93
CA PHE D 103 8.38 -36.59 -9.69
C PHE D 103 7.98 -37.94 -10.30
N GLY D 104 6.68 -38.20 -10.32
CA GLY D 104 6.12 -39.37 -11.00
C GLY D 104 6.04 -39.18 -12.49
N PRO D 105 5.60 -40.22 -13.23
CA PRO D 105 5.54 -40.21 -14.69
C PRO D 105 4.56 -39.22 -15.31
N GLY D 106 3.51 -38.86 -14.59
CA GLY D 106 2.53 -37.90 -15.07
C GLY D 106 1.23 -38.54 -15.52
N THR D 107 0.11 -37.85 -15.29
CA THR D 107 -1.22 -38.36 -15.61
C THR D 107 -1.96 -37.37 -16.50
N ARG D 108 -2.31 -37.81 -17.70
CA ARG D 108 -3.12 -36.99 -18.61
C ARG D 108 -4.60 -37.21 -18.32
N LEU D 109 -5.31 -36.12 -18.02
CA LEU D 109 -6.74 -36.17 -17.77
C LEU D 109 -7.49 -35.33 -18.79
N LEU D 110 -8.50 -35.95 -19.42
CA LEU D 110 -9.37 -35.25 -20.36
C LEU D 110 -10.83 -35.35 -19.95
N VAL D 111 -11.41 -34.20 -19.60
CA VAL D 111 -12.82 -34.14 -19.22
C VAL D 111 -13.65 -33.67 -20.42
N LEU D 112 -14.49 -34.58 -20.92
CA LEU D 112 -15.38 -34.30 -22.04
C LEU D 112 -16.78 -33.96 -21.54
N GLU D 113 -17.53 -33.24 -22.37
CA GLU D 113 -18.92 -32.90 -22.05
C GLU D 113 -19.78 -34.16 -22.07
N ASP D 114 -19.59 -35.00 -23.08
CA ASP D 114 -20.34 -36.23 -23.23
C ASP D 114 -19.44 -37.36 -23.76
N LEU D 115 -19.70 -38.57 -23.29
CA LEU D 115 -18.90 -39.75 -23.66
C LEU D 115 -19.47 -40.48 -24.89
N ARG D 116 -20.49 -39.91 -25.51
CA ARG D 116 -21.20 -40.55 -26.62
C ARG D 116 -20.33 -40.82 -27.87
N ASN D 117 -19.40 -39.91 -28.13
CA ASN D 117 -18.61 -39.96 -29.36
C ASN D 117 -17.32 -40.80 -29.27
N VAL D 118 -17.10 -41.41 -28.10
CA VAL D 118 -15.89 -42.21 -27.84
C VAL D 118 -15.88 -43.53 -28.66
N THR D 119 -14.76 -43.77 -29.34
CA THR D 119 -14.61 -44.91 -30.24
C THR D 119 -13.16 -45.42 -30.22
N PRO D 120 -12.97 -46.75 -30.03
CA PRO D 120 -11.64 -47.35 -30.15
C PRO D 120 -11.10 -47.32 -31.59
N PRO D 121 -9.77 -47.44 -31.76
CA PRO D 121 -9.18 -47.38 -33.09
C PRO D 121 -9.27 -48.70 -33.88
N LYS D 122 -9.11 -48.59 -35.19
CA LYS D 122 -8.95 -49.75 -36.06
C LYS D 122 -7.50 -49.75 -36.58
N VAL D 123 -6.73 -50.74 -36.14
CA VAL D 123 -5.30 -50.78 -36.40
C VAL D 123 -4.96 -51.68 -37.59
N SER D 124 -4.11 -51.17 -38.48
CA SER D 124 -3.71 -51.90 -39.68
C SER D 124 -2.21 -51.77 -39.91
N LEU D 125 -1.53 -52.91 -39.94
CA LEU D 125 -0.10 -52.94 -40.22
C LEU D 125 0.15 -53.24 -41.70
N PHE D 126 0.87 -52.32 -42.35
CA PHE D 126 1.18 -52.43 -43.77
C PHE D 126 2.62 -52.90 -43.96
N GLU D 127 2.77 -54.01 -44.65
CA GLU D 127 4.08 -54.64 -44.87
C GLU D 127 4.93 -53.81 -45.84
N PRO D 128 6.28 -53.88 -45.68
CA PRO D 128 7.19 -53.09 -46.51
C PRO D 128 7.07 -53.40 -48.01
N SER D 129 7.55 -52.48 -48.83
CA SER D 129 7.57 -52.66 -50.28
C SER D 129 8.79 -53.44 -50.71
N LYS D 130 8.62 -54.31 -51.71
CA LYS D 130 9.73 -55.06 -52.30
C LYS D 130 10.64 -54.10 -53.07
N ALA D 131 10.06 -53.01 -53.56
CA ALA D 131 10.80 -51.95 -54.24
C ALA D 131 11.81 -51.29 -53.32
N GLU D 132 11.41 -51.05 -52.07
CA GLU D 132 12.28 -50.47 -51.05
C GLU D 132 13.41 -51.43 -50.68
N ILE D 133 13.07 -52.70 -50.49
CA ILE D 133 14.03 -53.73 -50.06
C ILE D 133 15.21 -53.84 -51.03
N SER D 134 14.91 -53.93 -52.32
CA SER D 134 15.93 -54.00 -53.37
C SER D 134 16.72 -52.71 -53.50
N HIS D 135 16.03 -51.58 -53.36
CA HIS D 135 16.63 -50.27 -53.60
C HIS D 135 17.44 -49.70 -52.46
N THR D 136 16.99 -49.96 -51.23
CA THR D 136 17.61 -49.36 -50.05
C THR D 136 18.32 -50.36 -49.14
N GLN D 137 18.04 -51.64 -49.33
CA GLN D 137 18.50 -52.72 -48.44
C GLN D 137 17.92 -52.56 -47.03
N LYS D 138 16.78 -51.88 -46.96
CA LYS D 138 16.08 -51.62 -45.71
C LYS D 138 14.57 -51.79 -45.91
N ALA D 139 13.88 -52.18 -44.85
CA ALA D 139 12.43 -52.41 -44.92
C ALA D 139 11.68 -51.58 -43.89
N THR D 140 10.73 -50.77 -44.38
CA THR D 140 9.91 -49.91 -43.53
C THR D 140 8.49 -50.45 -43.37
N LEU D 141 8.16 -50.88 -42.16
CA LEU D 141 6.80 -51.26 -41.81
C LEU D 141 6.03 -50.00 -41.43
N VAL D 142 4.76 -49.92 -41.84
CA VAL D 142 3.92 -48.77 -41.51
C VAL D 142 2.63 -49.20 -40.83
N CYS D 143 2.36 -48.58 -39.68
CA CYS D 143 1.15 -48.85 -38.91
C CYS D 143 0.17 -47.69 -39.00
N LEU D 144 -1.10 -47.99 -38.72
CA LEU D 144 -2.17 -47.00 -38.89
C LEU D 144 -3.34 -47.25 -37.95
N ALA D 145 -3.58 -46.30 -37.05
CA ALA D 145 -4.76 -46.32 -36.18
C ALA D 145 -5.75 -45.30 -36.70
N THR D 146 -7.00 -45.72 -36.89
CA THR D 146 -8.02 -44.89 -37.51
C THR D 146 -9.34 -44.91 -36.75
N GLY D 147 -10.14 -43.85 -36.95
CA GLY D 147 -11.51 -43.79 -36.46
C GLY D 147 -11.68 -43.75 -34.95
N PHE D 148 -10.66 -43.29 -34.25
CA PHE D 148 -10.70 -43.24 -32.79
C PHE D 148 -10.96 -41.85 -32.22
N TYR D 149 -11.67 -41.81 -31.10
CA TYR D 149 -11.95 -40.58 -30.39
C TYR D 149 -12.04 -40.89 -28.89
N PRO D 150 -11.38 -40.08 -28.03
CA PRO D 150 -10.53 -38.93 -28.34
C PRO D 150 -9.11 -39.34 -28.74
N ASP D 151 -8.18 -38.38 -28.75
CA ASP D 151 -6.82 -38.62 -29.21
C ASP D 151 -5.86 -39.22 -28.17
N HIS D 152 -6.43 -39.80 -27.11
CA HIS D 152 -5.63 -40.37 -26.03
C HIS D 152 -5.25 -41.80 -26.29
N VAL D 153 -4.22 -41.98 -27.13
CA VAL D 153 -3.67 -43.30 -27.43
C VAL D 153 -2.14 -43.34 -27.33
N GLU D 154 -1.59 -44.54 -27.14
CA GLU D 154 -0.14 -44.76 -27.15
C GLU D 154 0.21 -45.87 -28.12
N LEU D 155 0.95 -45.52 -29.17
CA LEU D 155 1.34 -46.51 -30.17
C LEU D 155 2.76 -47.01 -29.89
N SER D 156 2.92 -48.33 -29.89
CA SER D 156 4.22 -48.95 -29.64
C SER D 156 4.47 -50.13 -30.58
N TRP D 157 5.74 -50.35 -30.90
CA TRP D 157 6.16 -51.44 -31.77
C TRP D 157 6.77 -52.57 -31.00
N TRP D 158 6.37 -53.79 -31.34
CA TRP D 158 6.81 -54.98 -30.63
C TRP D 158 7.38 -56.01 -31.56
N VAL D 159 8.64 -56.33 -31.35
CA VAL D 159 9.32 -57.37 -32.14
C VAL D 159 9.63 -58.57 -31.25
N ASN D 160 8.99 -59.69 -31.57
CA ASN D 160 9.15 -60.95 -30.83
C ASN D 160 8.82 -60.85 -29.34
N GLY D 161 7.73 -60.16 -29.03
CA GLY D 161 7.25 -60.01 -27.66
C GLY D 161 7.97 -58.94 -26.85
N LYS D 162 8.95 -58.29 -27.46
CA LYS D 162 9.71 -57.24 -26.79
C LYS D 162 9.67 -55.94 -27.58
N GLU D 163 9.44 -54.84 -26.85
CA GLU D 163 9.25 -53.52 -27.44
C GLU D 163 10.55 -52.98 -28.03
N VAL D 164 10.44 -52.42 -29.25
CA VAL D 164 11.56 -51.75 -29.92
C VAL D 164 11.33 -50.24 -29.98
N HIS D 165 12.44 -49.50 -29.99
CA HIS D 165 12.40 -48.05 -30.13
C HIS D 165 13.29 -47.59 -31.25
N SER D 166 14.39 -48.30 -31.46
CA SER D 166 15.31 -47.99 -32.54
C SER D 166 14.64 -48.17 -33.89
N GLY D 167 14.82 -47.20 -34.78
CA GLY D 167 14.20 -47.21 -36.11
C GLY D 167 12.70 -47.00 -36.09
N VAL D 168 12.22 -46.41 -35.00
CA VAL D 168 10.79 -46.10 -34.84
C VAL D 168 10.60 -44.60 -34.77
N CYS D 169 9.48 -44.12 -35.34
CA CYS D 169 8.96 -42.80 -35.05
C CYS D 169 7.46 -42.73 -35.30
N THR D 170 6.75 -42.04 -34.42
CA THR D 170 5.32 -41.86 -34.54
C THR D 170 5.02 -40.39 -34.82
N ASP D 171 3.86 -40.13 -35.41
CA ASP D 171 3.36 -38.76 -35.57
C ASP D 171 3.32 -38.11 -34.20
N PRO D 172 3.84 -36.88 -34.08
CA PRO D 172 3.83 -36.17 -32.80
C PRO D 172 2.40 -35.86 -32.37
N GLN D 173 1.50 -35.73 -33.35
CA GLN D 173 0.11 -35.41 -33.10
C GLN D 173 -0.79 -36.20 -34.06
N PRO D 174 -1.94 -36.71 -33.57
CA PRO D 174 -2.89 -37.40 -34.46
C PRO D 174 -3.70 -36.37 -35.25
N LEU D 175 -3.95 -36.66 -36.53
CA LEU D 175 -4.73 -35.76 -37.37
C LEU D 175 -6.21 -36.12 -37.40
N LYS D 176 -7.06 -35.11 -37.54
CA LYS D 176 -8.51 -35.29 -37.60
C LYS D 176 -8.93 -35.86 -38.95
N GLU D 177 -9.84 -36.83 -38.92
CA GLU D 177 -10.38 -37.42 -40.14
C GLU D 177 -11.39 -36.49 -40.81
N GLN D 178 -12.19 -35.82 -39.99
CA GLN D 178 -13.16 -34.84 -40.46
C GLN D 178 -12.86 -33.47 -39.84
N PRO D 179 -11.90 -32.71 -40.44
CA PRO D 179 -11.54 -31.39 -39.90
C PRO D 179 -12.73 -30.43 -39.87
N ALA D 180 -13.68 -30.64 -40.77
CA ALA D 180 -14.92 -29.85 -40.84
C ALA D 180 -15.87 -30.13 -39.66
N LEU D 181 -15.62 -31.23 -38.95
CA LEU D 181 -16.41 -31.60 -37.78
C LEU D 181 -15.70 -31.21 -36.47
N ASN D 182 -16.50 -30.86 -35.46
CA ASN D 182 -15.97 -30.45 -34.16
C ASN D 182 -15.64 -31.64 -33.25
N ASP D 183 -16.31 -32.75 -33.47
CA ASP D 183 -16.11 -33.97 -32.68
C ASP D 183 -15.28 -35.01 -33.44
N SER D 184 -14.56 -34.54 -34.46
CA SER D 184 -13.84 -35.42 -35.39
C SER D 184 -13.07 -36.55 -34.73
N ARG D 185 -13.19 -37.74 -35.32
CA ARG D 185 -12.37 -38.88 -34.94
C ARG D 185 -10.98 -38.71 -35.56
N TYR D 186 -9.98 -39.33 -34.94
CA TYR D 186 -8.58 -39.09 -35.30
C TYR D 186 -7.94 -40.25 -36.05
N SER D 187 -6.79 -39.97 -36.65
CA SER D 187 -5.92 -40.99 -37.25
C SER D 187 -4.47 -40.75 -36.84
N LEU D 188 -3.73 -41.84 -36.65
CA LEU D 188 -2.31 -41.76 -36.28
C LEU D 188 -1.52 -42.77 -37.08
N SER D 189 -0.37 -42.34 -37.60
CA SER D 189 0.52 -43.22 -38.34
C SER D 189 1.85 -43.39 -37.61
N SER D 190 2.47 -44.56 -37.79
CA SER D 190 3.81 -44.81 -37.23
C SER D 190 4.60 -45.75 -38.12
N ARG D 191 5.91 -45.58 -38.11
CA ARG D 191 6.79 -46.39 -38.95
C ARG D 191 7.83 -47.14 -38.14
N LEU D 192 8.08 -48.39 -38.52
CA LEU D 192 9.20 -49.16 -38.02
C LEU D 192 10.10 -49.50 -39.20
N ARG D 193 11.38 -49.16 -39.10
CA ARG D 193 12.34 -49.53 -40.13
C ARG D 193 13.40 -50.48 -39.62
N VAL D 194 13.55 -51.59 -40.32
CA VAL D 194 14.58 -52.58 -40.01
C VAL D 194 15.35 -52.93 -41.28
N SER D 195 16.47 -53.63 -41.13
CA SER D 195 17.24 -54.09 -42.28
C SER D 195 16.45 -55.11 -43.08
N ALA D 196 16.69 -55.13 -44.38
CA ALA D 196 16.01 -56.05 -45.29
C ALA D 196 16.12 -57.50 -44.82
N THR D 197 17.35 -57.90 -44.48
CA THR D 197 17.64 -59.26 -44.02
C THR D 197 16.91 -59.64 -42.72
N PHE D 198 16.61 -58.63 -41.89
CA PHE D 198 15.84 -58.85 -40.66
C PHE D 198 14.36 -59.10 -40.96
N TRP D 199 13.82 -58.37 -41.93
CA TRP D 199 12.43 -58.57 -42.36
C TRP D 199 12.28 -59.85 -43.15
N GLN D 200 13.35 -60.25 -43.82
CA GLN D 200 13.34 -61.49 -44.62
C GLN D 200 13.31 -62.76 -43.77
N ASN D 201 13.69 -62.62 -42.50
CA ASN D 201 13.63 -63.72 -41.53
C ASN D 201 12.18 -64.07 -41.18
N PRO D 202 11.75 -65.30 -41.51
CA PRO D 202 10.35 -65.73 -41.30
C PRO D 202 9.98 -65.98 -39.84
N ARG D 203 10.99 -66.06 -38.98
CA ARG D 203 10.77 -66.32 -37.55
C ARG D 203 10.56 -65.04 -36.75
N ASN D 204 10.74 -63.88 -37.40
CA ASN D 204 10.55 -62.59 -36.75
C ASN D 204 9.10 -62.12 -36.77
N HIS D 205 8.53 -61.98 -35.58
CA HIS D 205 7.14 -61.58 -35.41
C HIS D 205 7.04 -60.10 -35.16
N PHE D 206 6.36 -59.40 -36.06
CA PHE D 206 6.20 -57.95 -35.97
C PHE D 206 4.78 -57.60 -35.56
N ARG D 207 4.64 -56.73 -34.56
CA ARG D 207 3.32 -56.32 -34.09
C ARG D 207 3.27 -54.84 -33.71
N CYS D 208 2.35 -54.12 -34.35
CA CYS D 208 2.06 -52.74 -33.98
C CYS D 208 0.93 -52.76 -32.97
N GLN D 209 1.11 -52.04 -31.87
CA GLN D 209 0.12 -52.01 -30.80
C GLN D 209 -0.32 -50.59 -30.46
N VAL D 210 -1.63 -50.39 -30.41
CA VAL D 210 -2.22 -49.14 -29.95
C VAL D 210 -2.97 -49.38 -28.65
N GLN D 211 -2.57 -48.69 -27.60
CA GLN D 211 -3.32 -48.69 -26.34
C GLN D 211 -4.31 -47.53 -26.40
N PHE D 212 -5.59 -47.87 -26.36
CA PHE D 212 -6.65 -46.87 -26.38
C PHE D 212 -7.14 -46.59 -24.95
N TYR D 213 -7.37 -45.31 -24.67
CA TYR D 213 -7.92 -44.90 -23.39
C TYR D 213 -9.34 -44.37 -23.59
N GLY D 214 -10.31 -45.08 -23.01
CA GLY D 214 -11.71 -44.71 -23.11
C GLY D 214 -12.45 -44.88 -21.79
N LEU D 215 -13.62 -45.49 -21.86
CA LEU D 215 -14.51 -45.61 -20.70
C LEU D 215 -14.02 -46.64 -19.69
N SER D 216 -14.33 -46.38 -18.42
CA SER D 216 -14.00 -47.29 -17.33
C SER D 216 -15.01 -48.44 -17.27
N GLU D 217 -14.67 -49.46 -16.49
CA GLU D 217 -15.57 -50.60 -16.26
C GLU D 217 -16.73 -50.22 -15.32
N ASN D 218 -16.89 -48.92 -15.07
CA ASN D 218 -17.95 -48.39 -14.22
C ASN D 218 -18.84 -47.36 -14.91
N ASP D 219 -18.39 -46.88 -16.07
CA ASP D 219 -19.15 -45.91 -16.85
C ASP D 219 -20.41 -46.54 -17.46
N GLU D 220 -21.49 -45.77 -17.51
CA GLU D 220 -22.74 -46.23 -18.10
C GLU D 220 -22.73 -46.09 -19.62
N TRP D 221 -23.25 -47.11 -20.31
CA TRP D 221 -23.29 -47.13 -21.77
C TRP D 221 -24.64 -47.61 -22.23
N THR D 222 -25.39 -46.72 -22.89
CA THR D 222 -26.76 -47.01 -23.30
C THR D 222 -26.89 -47.21 -24.81
N GLN D 223 -25.87 -46.78 -25.54
CA GLN D 223 -25.91 -46.77 -27.01
C GLN D 223 -25.83 -48.14 -27.66
N ASP D 224 -26.03 -48.16 -28.98
CA ASP D 224 -26.22 -49.39 -29.74
C ASP D 224 -24.95 -50.24 -29.83
N ARG D 225 -23.89 -49.67 -30.42
CA ARG D 225 -22.62 -50.39 -30.63
C ARG D 225 -21.90 -50.76 -29.34
N ALA D 226 -20.83 -51.54 -29.48
CA ALA D 226 -20.05 -52.03 -28.35
C ALA D 226 -19.42 -50.90 -27.51
N LYS D 227 -19.28 -51.15 -26.22
CA LYS D 227 -18.74 -50.19 -25.26
C LYS D 227 -17.27 -49.85 -25.53
N PRO D 228 -16.95 -48.56 -25.71
CA PRO D 228 -15.60 -48.11 -26.05
C PRO D 228 -14.67 -48.00 -24.83
N VAL D 229 -14.46 -49.12 -24.17
CA VAL D 229 -13.63 -49.18 -22.96
C VAL D 229 -12.13 -49.09 -23.26
N THR D 230 -11.38 -48.64 -22.26
CA THR D 230 -9.93 -48.64 -22.30
C THR D 230 -9.44 -50.02 -22.68
N GLN D 231 -8.75 -50.10 -23.82
CA GLN D 231 -8.37 -51.38 -24.39
C GLN D 231 -7.13 -51.27 -25.28
N ILE D 232 -6.58 -52.43 -25.63
CA ILE D 232 -5.51 -52.50 -26.62
C ILE D 232 -6.07 -53.02 -27.95
N VAL D 233 -5.70 -52.35 -29.04
CA VAL D 233 -5.98 -52.84 -30.39
C VAL D 233 -4.65 -52.90 -31.13
N SER D 234 -4.41 -54.02 -31.80
CA SER D 234 -3.12 -54.25 -32.46
C SER D 234 -3.26 -54.96 -33.79
N ALA D 235 -2.27 -54.75 -34.65
CA ALA D 235 -2.15 -55.48 -35.90
C ALA D 235 -0.77 -56.12 -35.95
N GLU D 236 -0.66 -57.25 -36.64
CA GLU D 236 0.56 -58.05 -36.61
C GLU D 236 0.91 -58.70 -37.96
N ALA D 237 2.19 -58.95 -38.18
CA ALA D 237 2.67 -59.64 -39.38
C ALA D 237 3.96 -60.41 -39.10
N TRP D 238 4.20 -61.46 -39.90
CA TRP D 238 5.44 -62.23 -39.82
C TRP D 238 6.37 -61.88 -40.95
N GLY D 239 7.66 -62.10 -40.75
CA GLY D 239 8.67 -61.84 -41.77
C GLY D 239 8.65 -62.86 -42.89
N ARG D 240 9.22 -62.47 -44.05
CA ARG D 240 9.24 -63.34 -45.23
C ARG D 240 10.41 -63.02 -46.17
N ALA D 241 10.94 -64.06 -46.82
CA ALA D 241 12.05 -63.92 -47.74
C ALA D 241 11.58 -63.72 -49.18
N ASN E 7 32.96 29.16 8.22
CA ASN E 7 31.63 29.58 7.68
C ASN E 7 30.89 28.42 7.00
N TYR E 8 30.35 27.52 7.81
CA TYR E 8 29.58 26.38 7.30
C TYR E 8 28.16 26.80 6.90
N THR E 9 27.69 26.28 5.77
CA THR E 9 26.36 26.58 5.26
C THR E 9 25.44 25.36 5.32
N PHE E 10 24.28 25.52 5.95
CA PHE E 10 23.27 24.48 6.05
C PHE E 10 22.23 24.65 4.96
N ARG E 11 21.81 23.54 4.36
CA ARG E 11 20.90 23.57 3.21
C ARG E 11 19.90 22.41 3.24
N CYS E 12 18.62 22.74 3.17
CA CYS E 12 17.58 21.76 2.87
C CYS E 12 17.15 21.99 1.43
N LEU E 13 17.34 20.97 0.60
CA LEU E 13 17.06 21.09 -0.83
C LEU E 13 15.88 20.23 -1.25
N GLN E 14 14.83 20.89 -1.73
CA GLN E 14 13.60 20.23 -2.14
C GLN E 14 13.36 20.45 -3.63
N MET E 15 13.04 19.36 -4.33
CA MET E 15 12.75 19.43 -5.77
C MET E 15 11.44 18.72 -6.10
N SER E 16 10.50 19.48 -6.68
CA SER E 16 9.16 18.97 -6.95
C SER E 16 8.73 19.15 -8.42
N SER E 17 8.33 18.05 -9.04
CA SER E 17 7.89 18.04 -10.43
C SER E 17 6.40 17.83 -10.53
N PHE E 18 5.77 18.51 -11.48
CA PHE E 18 4.35 18.36 -11.76
C PHE E 18 4.16 18.19 -13.27
N ALA E 19 4.09 16.95 -13.73
CA ALA E 19 4.03 16.66 -15.16
C ALA E 19 2.70 17.06 -15.78
N ASN E 20 1.62 16.68 -15.11
CA ASN E 20 0.27 17.05 -15.53
C ASN E 20 -0.62 17.29 -14.30
N ARG E 21 -1.91 17.48 -14.53
CA ARG E 21 -2.86 17.88 -13.49
C ARG E 21 -2.96 16.91 -12.30
N SER E 22 -2.36 15.72 -12.43
CA SER E 22 -2.46 14.69 -11.40
C SER E 22 -1.12 14.12 -10.91
N TRP E 23 -0.25 13.75 -11.85
CA TRP E 23 1.04 13.13 -11.54
C TRP E 23 2.06 14.13 -11.03
N SER E 24 2.67 13.81 -9.89
CA SER E 24 3.68 14.67 -9.26
C SER E 24 4.52 13.93 -8.23
N ARG E 25 5.75 14.41 -7.99
CA ARG E 25 6.61 13.84 -6.96
C ARG E 25 7.56 14.86 -6.31
N THR E 26 7.96 14.58 -5.07
CA THR E 26 8.79 15.49 -4.29
C THR E 26 9.96 14.76 -3.65
N ASP E 27 11.17 15.17 -4.00
CA ASP E 27 12.38 14.58 -3.45
C ASP E 27 13.21 15.63 -2.73
N SER E 28 13.82 15.25 -1.61
CA SER E 28 14.58 16.18 -0.78
C SER E 28 15.90 15.61 -0.31
N VAL E 29 16.92 16.48 -0.28
CA VAL E 29 18.24 16.15 0.27
C VAL E 29 18.76 17.30 1.13
N VAL E 30 19.57 16.97 2.13
CA VAL E 30 20.08 17.97 3.08
C VAL E 30 21.61 17.96 3.13
N TRP E 31 22.20 19.15 3.09
CA TRP E 31 23.65 19.30 3.06
C TRP E 31 24.19 20.14 4.18
N LEU E 32 25.36 19.77 4.68
CA LEU E 32 26.13 20.60 5.59
C LEU E 32 27.46 20.89 4.92
N GLY E 33 27.58 22.09 4.35
CA GLY E 33 28.79 22.48 3.62
C GLY E 33 28.95 21.73 2.32
N ASP E 34 29.49 20.52 2.40
CA ASP E 34 29.69 19.66 1.23
C ASP E 34 29.56 18.17 1.56
N LEU E 35 28.84 17.87 2.63
CA LEU E 35 28.59 16.49 3.06
C LEU E 35 27.11 16.27 3.31
N GLN E 36 26.53 15.27 2.64
CA GLN E 36 25.10 14.99 2.72
C GLN E 36 24.72 14.47 4.10
N THR E 37 23.73 15.12 4.71
CA THR E 37 23.30 14.79 6.06
C THR E 37 21.96 14.03 6.10
N HIS E 38 21.09 14.31 5.14
CA HIS E 38 19.79 13.62 5.05
C HIS E 38 19.37 13.30 3.65
N ARG E 39 18.47 12.32 3.52
CA ARG E 39 17.80 12.01 2.27
C ARG E 39 16.33 11.69 2.53
N TRP E 40 15.44 12.43 1.89
CA TRP E 40 14.00 12.13 1.94
C TRP E 40 13.45 11.90 0.57
N SER E 41 13.29 10.63 0.22
CA SER E 41 12.75 10.23 -1.08
C SER E 41 11.23 10.40 -1.09
N ASN E 42 10.64 10.44 -2.30
CA ASN E 42 9.19 10.55 -2.44
C ASN E 42 8.48 9.31 -1.92
N ASP E 43 9.09 8.16 -2.15
CA ASP E 43 8.53 6.86 -1.75
C ASP E 43 8.64 6.67 -0.24
N SER E 44 9.71 7.19 0.35
CA SER E 44 9.96 7.11 1.77
C SER E 44 9.02 8.03 2.56
N ALA E 45 8.32 7.45 3.53
CA ALA E 45 7.40 8.20 4.37
C ALA E 45 8.15 9.04 5.41
N THR E 46 9.37 8.62 5.75
CA THR E 46 10.16 9.32 6.75
C THR E 46 11.50 9.80 6.18
N ILE E 47 12.09 10.79 6.84
CA ILE E 47 13.42 11.30 6.48
C ILE E 47 14.51 10.38 7.03
N SER E 48 15.47 10.03 6.17
CA SER E 48 16.57 9.13 6.54
C SER E 48 17.87 9.89 6.83
N PHE E 49 18.61 9.41 7.82
CA PHE E 49 19.94 9.93 8.13
C PHE E 49 20.98 9.26 7.23
N THR E 50 21.85 10.05 6.63
CA THR E 50 22.96 9.52 5.82
C THR E 50 24.26 9.53 6.60
N LYS E 51 24.40 10.50 7.50
CA LYS E 51 25.51 10.55 8.44
C LYS E 51 25.10 9.90 9.77
N PRO E 52 26.08 9.60 10.64
CA PRO E 52 25.76 9.04 11.96
C PRO E 52 25.15 10.07 12.89
N TRP E 53 25.59 11.31 12.78
CA TRP E 53 25.24 12.38 13.72
C TRP E 53 24.29 13.39 13.16
N SER E 54 23.43 12.95 12.24
CA SER E 54 22.50 13.85 11.56
C SER E 54 21.43 14.45 12.48
N GLN E 55 21.20 13.80 13.63
CA GLN E 55 20.23 14.27 14.62
C GLN E 55 20.87 15.22 15.63
N GLY E 56 21.82 16.03 15.16
CA GLY E 56 22.52 17.04 15.97
C GLY E 56 22.60 16.75 17.45
N LYS E 57 21.95 17.59 18.25
CA LYS E 57 21.85 17.39 19.69
C LYS E 57 20.38 17.21 20.11
N LEU E 58 19.49 17.28 19.13
CA LEU E 58 18.05 17.15 19.36
C LEU E 58 17.66 15.73 19.77
N SER E 59 16.67 15.64 20.66
CA SER E 59 16.19 14.35 21.18
C SER E 59 15.42 13.55 20.13
N ASN E 60 14.92 12.39 20.54
CA ASN E 60 14.01 11.62 19.70
C ASN E 60 12.64 12.26 19.64
N GLN E 61 12.22 12.86 20.76
CA GLN E 61 10.95 13.58 20.83
C GLN E 61 10.96 14.82 19.93
N GLN E 62 12.01 15.62 20.07
CA GLN E 62 12.17 16.86 19.29
C GLN E 62 12.21 16.61 17.79
N TRP E 63 12.85 15.51 17.39
CA TRP E 63 12.97 15.14 15.97
C TRP E 63 11.67 14.65 15.40
N GLU E 64 11.01 13.73 16.10
CA GLU E 64 9.75 13.16 15.65
C GLU E 64 8.64 14.22 15.58
N LYS E 65 8.84 15.32 16.30
CA LYS E 65 7.95 16.48 16.21
C LYS E 65 8.19 17.25 14.91
N LEU E 66 9.45 17.38 14.53
CA LEU E 66 9.83 18.08 13.29
C LEU E 66 9.54 17.23 12.05
N GLN E 67 9.78 15.93 12.13
CA GLN E 67 9.55 15.02 11.01
C GLN E 67 8.06 14.97 10.63
N HIS E 68 7.19 14.95 11.64
CA HIS E 68 5.75 14.94 11.41
C HIS E 68 5.27 16.20 10.76
N MET E 69 5.86 17.32 11.15
CA MET E 69 5.58 18.62 10.53
C MET E 69 5.91 18.60 9.04
N PHE E 70 7.11 18.12 8.70
CA PHE E 70 7.55 18.00 7.31
C PHE E 70 6.69 17.03 6.50
N GLN E 71 6.27 15.94 7.16
CA GLN E 71 5.39 14.94 6.55
C GLN E 71 4.03 15.54 6.17
N VAL E 72 3.54 16.44 7.02
CA VAL E 72 2.29 17.17 6.76
C VAL E 72 2.51 18.19 5.64
N TYR E 73 3.64 18.89 5.70
CA TYR E 73 4.00 19.90 4.70
C TYR E 73 4.04 19.33 3.28
N ARG E 74 4.75 18.22 3.10
CA ARG E 74 4.92 17.61 1.79
C ARG E 74 3.59 17.40 1.06
N VAL E 75 2.63 16.81 1.77
CA VAL E 75 1.30 16.53 1.21
C VAL E 75 0.52 17.83 0.96
N SER E 76 0.60 18.74 1.91
CA SER E 76 -0.05 20.05 1.81
C SER E 76 0.45 20.80 0.60
N PHE E 77 1.78 20.91 0.52
CA PHE E 77 2.47 21.62 -0.57
C PHE E 77 2.10 21.10 -1.96
N THR E 78 2.04 19.78 -2.11
CA THR E 78 1.72 19.15 -3.39
C THR E 78 0.36 19.62 -3.90
N ARG E 79 -0.64 19.62 -3.02
CA ARG E 79 -2.00 20.03 -3.37
C ARG E 79 -2.10 21.54 -3.58
N ASP E 80 -1.37 22.29 -2.76
CA ASP E 80 -1.38 23.75 -2.82
C ASP E 80 -0.85 24.29 -4.15
N ILE E 81 0.22 23.69 -4.66
CA ILE E 81 0.76 24.06 -5.96
C ILE E 81 -0.27 23.77 -7.04
N GLN E 82 -0.83 22.56 -7.00
CA GLN E 82 -1.87 22.14 -7.95
C GLN E 82 -3.08 23.07 -7.97
N GLU E 83 -3.38 23.69 -6.82
CA GLU E 83 -4.44 24.69 -6.73
C GLU E 83 -4.02 26.03 -7.32
N LEU E 84 -2.76 26.41 -7.10
CA LEU E 84 -2.23 27.67 -7.61
C LEU E 84 -2.12 27.67 -9.13
N VAL E 85 -1.98 26.49 -9.73
CA VAL E 85 -2.00 26.35 -11.18
C VAL E 85 -3.42 26.62 -11.67
N LYS E 86 -4.40 26.02 -11.01
CA LYS E 86 -5.82 26.26 -11.28
C LYS E 86 -6.13 27.74 -11.13
N MET E 87 -5.58 28.35 -10.08
CA MET E 87 -5.76 29.76 -9.78
C MET E 87 -5.12 30.66 -10.84
N MET E 88 -4.18 30.11 -11.60
CA MET E 88 -3.47 30.88 -12.63
C MET E 88 -4.01 30.65 -14.05
N SER E 89 -4.16 29.39 -14.45
CA SER E 89 -4.61 29.05 -15.80
C SER E 89 -5.87 29.83 -16.18
N PRO E 90 -5.95 30.33 -17.44
CA PRO E 90 -5.09 30.07 -18.61
C PRO E 90 -3.64 30.55 -18.52
N LYS E 91 -3.34 31.49 -17.64
CA LYS E 91 -2.00 32.10 -17.54
C LYS E 91 -0.85 31.09 -17.46
N GLU E 92 -0.96 30.11 -16.56
CA GLU E 92 0.10 29.12 -16.35
C GLU E 92 -0.31 27.71 -16.74
N ASP E 93 0.68 26.86 -17.02
CA ASP E 93 0.44 25.48 -17.44
C ASP E 93 1.61 24.54 -17.15
N TYR E 94 1.30 23.25 -17.07
CA TYR E 94 2.26 22.18 -16.87
C TYR E 94 3.12 21.94 -18.13
N PRO E 95 4.31 21.29 -17.97
CA PRO E 95 4.91 20.81 -16.72
C PRO E 95 5.42 21.95 -15.87
N ILE E 96 5.46 21.75 -14.57
CA ILE E 96 5.93 22.76 -13.64
C ILE E 96 7.01 22.19 -12.72
N GLU E 97 8.04 23.00 -12.50
CA GLU E 97 9.22 22.57 -11.78
C GLU E 97 9.52 23.56 -10.66
N ILE E 98 9.51 23.07 -9.43
CA ILE E 98 9.75 23.92 -8.26
C ILE E 98 10.94 23.42 -7.43
N GLN E 99 11.77 24.36 -6.99
CA GLN E 99 12.94 24.06 -6.17
C GLN E 99 12.97 24.95 -4.94
N LEU E 100 13.16 24.34 -3.77
CA LEU E 100 13.35 25.07 -2.52
C LEU E 100 14.74 24.85 -1.95
N SER E 101 15.37 25.94 -1.52
CA SER E 101 16.69 25.90 -0.91
C SER E 101 16.65 26.69 0.40
N ALA E 102 16.44 25.98 1.50
CA ALA E 102 16.23 26.60 2.81
C ALA E 102 17.16 26.08 3.89
N GLY E 103 17.85 27.01 4.56
CA GLY E 103 18.77 26.69 5.63
C GLY E 103 19.34 27.95 6.25
N CYS E 104 20.47 27.81 6.94
CA CYS E 104 21.13 28.95 7.59
C CYS E 104 22.65 28.81 7.61
N GLU E 105 23.34 29.90 7.30
CA GLU E 105 24.80 29.92 7.26
C GLU E 105 25.38 30.43 8.59
N MET E 106 26.30 29.66 9.15
CA MET E 106 26.88 29.96 10.47
C MET E 106 28.15 30.79 10.37
N TYR E 107 28.29 31.73 11.31
CA TYR E 107 29.50 32.55 11.43
C TYR E 107 30.12 32.33 12.83
N PRO E 108 31.32 32.89 13.09
CA PRO E 108 31.89 32.82 14.43
C PRO E 108 31.00 33.45 15.51
N GLY E 109 30.99 32.86 16.69
CA GLY E 109 30.16 33.33 17.80
C GLY E 109 28.78 32.73 17.76
N ASN E 110 27.76 33.59 17.83
CA ASN E 110 26.37 33.17 17.73
C ASN E 110 25.66 33.83 16.55
N ALA E 111 26.42 34.15 15.51
CA ALA E 111 25.89 34.84 14.33
C ALA E 111 25.53 33.86 13.22
N SER E 112 24.28 33.96 12.75
CA SER E 112 23.80 33.16 11.63
C SER E 112 22.78 33.95 10.81
N GLU E 113 22.64 33.60 9.54
CA GLU E 113 21.64 34.21 8.69
C GLU E 113 20.85 33.14 7.93
N SER E 114 19.55 33.09 8.21
CA SER E 114 18.66 32.09 7.61
C SER E 114 18.11 32.53 6.26
N PHE E 115 17.70 31.55 5.45
CA PHE E 115 17.16 31.80 4.12
C PHE E 115 16.11 30.77 3.70
N LEU E 116 15.15 31.22 2.89
CA LEU E 116 14.23 30.33 2.18
C LEU E 116 14.12 30.83 0.74
N HIS E 117 14.58 30.02 -0.19
CA HIS E 117 14.71 30.43 -1.59
C HIS E 117 13.96 29.50 -2.50
N VAL E 118 13.00 30.06 -3.24
CA VAL E 118 12.15 29.26 -4.12
C VAL E 118 12.44 29.59 -5.59
N ALA E 119 12.56 28.54 -6.40
CA ALA E 119 12.81 28.70 -7.83
C ALA E 119 11.73 28.03 -8.67
N PHE E 120 11.01 28.84 -9.43
CA PHE E 120 9.94 28.35 -10.30
C PHE E 120 10.47 28.24 -11.73
N GLN E 121 10.41 27.03 -12.27
CA GLN E 121 10.93 26.71 -13.61
C GLN E 121 12.43 27.01 -13.76
N GLY E 122 13.20 26.63 -12.74
CA GLY E 122 14.64 26.81 -12.76
C GLY E 122 15.14 28.24 -12.61
N LYS E 123 14.25 29.13 -12.18
CA LYS E 123 14.60 30.52 -11.96
C LYS E 123 14.18 30.99 -10.56
N TYR E 124 15.12 31.62 -9.86
CA TYR E 124 14.90 32.13 -8.50
C TYR E 124 13.90 33.29 -8.53
N VAL E 125 12.75 33.09 -7.89
CA VAL E 125 11.65 34.05 -7.96
C VAL E 125 11.08 34.51 -6.62
N VAL E 126 11.05 33.61 -5.64
CA VAL E 126 10.40 33.90 -4.35
C VAL E 126 11.30 33.57 -3.15
N ARG E 127 11.25 34.43 -2.14
CA ARG E 127 11.94 34.22 -0.88
C ARG E 127 11.02 34.50 0.31
N PHE E 128 11.32 33.88 1.45
CA PHE E 128 10.67 34.25 2.71
C PHE E 128 11.60 35.20 3.46
N TRP E 129 11.09 36.40 3.75
CA TRP E 129 11.89 37.44 4.39
C TRP E 129 11.06 38.21 5.37
N GLY E 130 11.56 38.32 6.59
CA GLY E 130 10.85 39.01 7.66
C GLY E 130 9.75 38.17 8.26
N THR E 131 8.51 38.55 7.98
CA THR E 131 7.34 37.83 8.49
C THR E 131 6.45 37.32 7.37
N SER E 132 6.89 37.50 6.12
CA SER E 132 6.05 37.22 4.96
C SER E 132 6.84 36.72 3.76
N TRP E 133 6.12 36.20 2.77
CA TRP E 133 6.69 35.85 1.48
C TRP E 133 6.75 37.06 0.60
N GLN E 134 7.67 37.05 -0.35
CA GLN E 134 7.79 38.13 -1.33
C GLN E 134 8.49 37.65 -2.60
N THR E 135 8.25 38.37 -3.69
CA THR E 135 8.93 38.07 -4.96
C THR E 135 10.21 38.89 -5.09
N VAL E 136 11.29 38.23 -5.50
CA VAL E 136 12.57 38.89 -5.74
C VAL E 136 12.52 39.67 -7.07
N PRO E 137 13.53 40.53 -7.33
CA PRO E 137 13.58 41.21 -8.62
C PRO E 137 13.77 40.24 -9.78
N GLY E 138 13.12 40.53 -10.92
CA GLY E 138 13.17 39.66 -12.09
C GLY E 138 11.97 38.76 -12.22
N ALA E 139 11.26 38.53 -11.11
CA ALA E 139 10.12 37.61 -11.07
C ALA E 139 8.92 38.13 -11.88
N PRO E 140 8.22 37.20 -12.55
CA PRO E 140 7.00 37.56 -13.29
C PRO E 140 5.90 38.02 -12.33
N SER E 141 5.19 39.08 -12.73
CA SER E 141 4.26 39.80 -11.86
C SER E 141 3.07 38.97 -11.35
N TRP E 142 2.64 38.00 -12.14
CA TRP E 142 1.48 37.17 -11.78
C TRP E 142 1.65 36.43 -10.48
N LEU E 143 2.89 36.33 -10.01
CA LEU E 143 3.21 35.69 -8.75
C LEU E 143 2.74 36.48 -7.53
N ASP E 144 2.32 37.73 -7.76
CA ASP E 144 1.81 38.59 -6.67
C ASP E 144 0.54 38.03 -6.02
N LEU E 145 -0.29 37.35 -6.82
CA LEU E 145 -1.50 36.72 -6.29
C LEU E 145 -1.16 35.53 -5.38
N PRO E 146 -0.43 34.50 -5.90
CA PRO E 146 -0.02 33.40 -5.03
C PRO E 146 0.67 33.87 -3.74
N ILE E 147 1.57 34.84 -3.86
CA ILE E 147 2.25 35.41 -2.70
C ILE E 147 1.26 36.03 -1.71
N LYS E 148 0.26 36.74 -2.23
CA LYS E 148 -0.81 37.30 -1.41
C LYS E 148 -1.60 36.19 -0.69
N VAL E 149 -1.86 35.10 -1.39
CA VAL E 149 -2.55 33.94 -0.83
C VAL E 149 -1.71 33.28 0.28
N LEU E 150 -0.42 33.10 0.02
CA LEU E 150 0.50 32.52 1.00
C LEU E 150 0.69 33.40 2.23
N ASN E 151 0.63 34.72 2.02
CA ASN E 151 0.73 35.67 3.12
C ASN E 151 -0.55 35.82 3.91
N ALA E 152 -1.65 35.28 3.39
CA ALA E 152 -2.90 35.23 4.12
C ALA E 152 -2.85 34.13 5.18
N ASP E 153 -2.08 33.08 4.88
CA ASP E 153 -1.93 31.93 5.77
C ASP E 153 -1.00 32.25 6.94
N GLN E 154 -1.59 32.65 8.06
CA GLN E 154 -0.83 33.14 9.21
C GLN E 154 -0.13 32.04 10.00
N GLY E 155 -0.71 30.85 10.00
CA GLY E 155 -0.12 29.68 10.65
C GLY E 155 1.23 29.31 10.05
N THR E 156 1.26 29.20 8.71
CA THR E 156 2.48 28.94 7.96
C THR E 156 3.55 29.99 8.28
N SER E 157 3.14 31.26 8.27
CA SER E 157 4.02 32.36 8.58
C SER E 157 4.68 32.18 9.95
N ALA E 158 3.87 31.87 10.95
CA ALA E 158 4.35 31.60 12.31
C ALA E 158 5.40 30.48 12.31
N THR E 159 5.04 29.34 11.72
CA THR E 159 5.89 28.16 11.65
C THR E 159 7.23 28.44 10.96
N VAL E 160 7.16 29.02 9.76
CA VAL E 160 8.36 29.33 8.98
C VAL E 160 9.25 30.35 9.68
N GLN E 161 8.64 31.33 10.36
CA GLN E 161 9.40 32.30 11.14
C GLN E 161 10.18 31.63 12.26
N MET E 162 9.51 30.72 12.97
CA MET E 162 10.15 29.94 14.03
C MET E 162 11.31 29.11 13.49
N LEU E 163 11.01 28.28 12.48
CA LEU E 163 12.00 27.39 11.86
C LEU E 163 13.26 28.11 11.39
N LEU E 164 13.09 29.29 10.79
CA LEU E 164 14.22 30.06 10.29
C LEU E 164 14.98 30.77 11.40
N ASN E 165 14.25 31.45 12.29
CA ASN E 165 14.86 32.26 13.36
C ASN E 165 15.49 31.45 14.48
N ASP E 166 14.78 30.42 14.94
CA ASP E 166 15.19 29.67 16.14
C ASP E 166 15.69 28.27 15.82
N THR E 167 14.84 27.47 15.16
CA THR E 167 15.08 26.05 14.93
C THR E 167 16.36 25.75 14.12
N CYS E 168 16.59 26.53 13.07
CA CYS E 168 17.78 26.34 12.23
C CYS E 168 19.10 26.53 12.99
N PRO E 169 19.40 27.77 13.44
CA PRO E 169 20.71 28.02 14.05
C PRO E 169 21.00 27.21 15.32
N LEU E 170 19.96 26.81 16.05
CA LEU E 170 20.11 25.92 17.19
C LEU E 170 20.55 24.54 16.73
N PHE E 171 19.93 24.07 15.65
CA PHE E 171 20.16 22.74 15.10
C PHE E 171 21.55 22.58 14.45
N VAL E 172 21.99 23.64 13.78
CA VAL E 172 23.30 23.64 13.12
C VAL E 172 24.44 23.74 14.13
N ARG E 173 24.26 24.58 15.16
CA ARG E 173 25.19 24.63 16.29
C ARG E 173 25.23 23.25 16.96
N GLY E 174 24.08 22.59 17.00
CA GLY E 174 23.98 21.22 17.49
C GLY E 174 24.61 20.21 16.57
N LEU E 175 24.71 20.55 15.28
CA LEU E 175 25.34 19.68 14.29
C LEU E 175 26.85 19.84 14.23
N LEU E 176 27.32 21.08 14.21
CA LEU E 176 28.74 21.41 14.09
C LEU E 176 29.60 20.82 15.22
N GLU E 177 29.00 20.67 16.40
CA GLU E 177 29.65 20.02 17.52
C GLU E 177 29.56 18.49 17.39
N ALA E 178 28.40 18.01 16.96
CA ALA E 178 28.12 16.57 16.85
C ALA E 178 28.87 15.91 15.68
N GLY E 179 29.22 16.70 14.68
CA GLY E 179 29.94 16.20 13.51
C GLY E 179 31.23 16.94 13.22
N LYS E 180 31.91 17.40 14.27
CA LYS E 180 33.19 18.09 14.14
C LYS E 180 34.30 17.16 13.63
N SER E 181 34.09 15.86 13.79
CA SER E 181 35.03 14.84 13.32
C SER E 181 35.13 14.82 11.80
N ASP E 182 33.99 14.56 11.14
CA ASP E 182 33.93 14.42 9.68
C ASP E 182 34.13 15.74 8.94
N LEU E 183 33.72 16.84 9.56
CA LEU E 183 33.88 18.17 8.97
C LEU E 183 35.34 18.60 8.91
N GLU E 184 36.10 18.22 9.94
CA GLU E 184 37.52 18.57 10.04
C GLU E 184 38.44 17.42 9.65
N LYS E 185 37.86 16.30 9.22
CA LYS E 185 38.60 15.13 8.77
C LYS E 185 39.43 15.45 7.52
N GLN E 186 40.71 15.08 7.56
CA GLN E 186 41.63 15.36 6.46
C GLN E 186 41.84 14.12 5.59
N GLU E 187 41.85 14.32 4.27
CA GLU E 187 42.09 13.23 3.32
C GLU E 187 43.19 13.59 2.32
N LYS E 188 44.16 12.68 2.17
CA LYS E 188 45.31 12.89 1.31
C LYS E 188 44.99 12.68 -0.17
N PRO E 189 45.38 13.64 -1.03
CA PRO E 189 45.13 13.57 -2.47
C PRO E 189 46.08 12.62 -3.22
N VAL E 190 45.52 11.91 -4.20
CA VAL E 190 46.32 11.07 -5.11
C VAL E 190 46.32 11.71 -6.49
N ALA E 191 47.51 12.00 -7.02
CA ALA E 191 47.65 12.70 -8.30
C ALA E 191 48.50 11.94 -9.31
N TRP E 192 48.03 11.91 -10.56
CA TRP E 192 48.76 11.30 -11.66
C TRP E 192 48.74 12.20 -12.88
N LEU E 193 49.66 11.93 -13.82
CA LEU E 193 49.83 12.81 -14.98
C LEU E 193 49.57 12.10 -16.31
N SER E 194 49.01 12.85 -17.25
CA SER E 194 48.79 12.39 -18.63
C SER E 194 48.63 13.60 -19.56
N SER E 195 48.70 13.35 -20.87
CA SER E 195 48.56 14.42 -21.85
C SER E 195 47.68 14.00 -23.04
N VAL E 196 47.09 14.98 -23.72
CA VAL E 196 46.20 14.73 -24.85
C VAL E 196 46.55 15.61 -26.07
N PRO E 197 46.43 15.03 -27.29
CA PRO E 197 46.67 15.78 -28.52
C PRO E 197 45.66 16.91 -28.72
N ARG E 204 49.65 20.37 -27.52
CA ARG E 204 49.29 19.29 -26.60
C ARG E 204 49.03 19.82 -25.20
N GLN E 205 47.92 19.38 -24.61
CA GLN E 205 47.55 19.78 -23.25
C GLN E 205 47.86 18.68 -22.24
N LEU E 206 48.76 18.97 -21.31
CA LEU E 206 49.11 18.04 -20.24
C LEU E 206 48.20 18.26 -19.04
N VAL E 207 47.77 17.17 -18.41
CA VAL E 207 46.77 17.23 -17.34
C VAL E 207 47.27 16.60 -16.03
N CYS E 208 47.01 17.31 -14.93
CA CYS E 208 47.32 16.84 -13.58
C CYS E 208 46.04 16.34 -12.92
N HIS E 209 45.98 15.04 -12.65
CA HIS E 209 44.74 14.39 -12.19
C HIS E 209 44.67 14.21 -10.70
N VAL E 210 44.24 15.25 -9.99
CA VAL E 210 44.14 15.20 -8.52
C VAL E 210 42.82 14.55 -8.10
N SER E 211 42.90 13.59 -7.18
CA SER E 211 41.70 12.86 -6.74
C SER E 211 41.80 12.37 -5.28
N GLY E 212 40.79 12.70 -4.49
CA GLY E 212 40.66 12.17 -3.13
C GLY E 212 40.83 13.15 -1.98
N PHE E 213 41.05 14.42 -2.31
CA PHE E 213 41.35 15.43 -1.30
C PHE E 213 40.12 16.02 -0.61
N TYR E 214 40.27 16.30 0.68
CA TYR E 214 39.23 16.95 1.49
C TYR E 214 39.87 17.71 2.64
N PRO E 215 39.40 18.94 2.93
CA PRO E 215 38.29 19.68 2.32
C PRO E 215 38.57 20.25 0.93
N LYS E 216 37.59 20.94 0.37
CA LYS E 216 37.66 21.50 -0.98
C LYS E 216 38.82 22.47 -1.25
N PRO E 217 39.09 23.43 -0.34
CA PRO E 217 40.19 24.38 -0.60
C PRO E 217 41.53 23.69 -0.88
N VAL E 218 42.01 23.83 -2.11
CA VAL E 218 43.25 23.20 -2.57
C VAL E 218 44.01 24.12 -3.53
N TRP E 219 45.32 23.92 -3.61
CA TRP E 219 46.16 24.70 -4.52
C TRP E 219 46.93 23.79 -5.44
N VAL E 220 46.48 23.70 -6.68
CA VAL E 220 47.12 22.88 -7.70
C VAL E 220 47.67 23.77 -8.82
N MET E 221 48.98 23.68 -9.05
CA MET E 221 49.66 24.55 -10.01
C MET E 221 50.78 23.82 -10.75
N TRP E 222 51.00 24.23 -12.00
CA TRP E 222 52.12 23.72 -12.80
C TRP E 222 53.37 24.53 -12.56
N MET E 223 54.51 23.85 -12.62
CA MET E 223 55.80 24.48 -12.33
C MET E 223 56.89 24.11 -13.32
N ARG E 224 57.80 25.05 -13.56
CA ARG E 224 59.02 24.80 -14.33
C ARG E 224 60.21 24.93 -13.38
N GLY E 225 60.27 24.03 -12.40
CA GLY E 225 61.26 24.09 -11.33
C GLY E 225 60.80 25.00 -10.21
N ASP E 226 60.93 26.30 -10.44
CA ASP E 226 60.50 27.32 -9.48
C ASP E 226 59.61 28.38 -10.11
N GLN E 227 59.76 28.57 -11.41
CA GLN E 227 58.97 29.55 -12.17
C GLN E 227 57.52 29.10 -12.28
N GLU E 228 56.64 29.84 -11.60
CA GLU E 228 55.20 29.53 -11.56
C GLU E 228 54.54 29.72 -12.92
N GLN E 229 54.01 28.62 -13.47
CA GLN E 229 53.39 28.62 -14.80
C GLN E 229 52.15 29.52 -14.83
N GLN E 230 52.16 30.49 -15.75
CA GLN E 230 51.09 31.48 -15.86
C GLN E 230 49.91 31.01 -16.72
N GLY E 231 50.09 29.88 -17.41
CA GLY E 231 49.05 29.33 -18.27
C GLY E 231 48.36 28.10 -17.71
N THR E 232 48.18 28.07 -16.39
CA THR E 232 47.52 26.96 -15.71
C THR E 232 46.00 27.19 -15.70
N HIS E 233 45.26 26.17 -16.13
CA HIS E 233 43.80 26.24 -16.15
C HIS E 233 43.19 25.27 -15.18
N ARG E 234 42.65 25.81 -14.09
CA ARG E 234 42.01 25.00 -13.05
C ARG E 234 40.61 24.57 -13.48
N GLY E 235 40.33 23.28 -13.34
CA GLY E 235 39.03 22.72 -13.68
C GLY E 235 37.99 22.96 -12.60
N ASP E 236 36.96 22.11 -12.58
CA ASP E 236 35.92 22.19 -11.55
C ASP E 236 36.05 21.07 -10.54
N PHE E 237 35.57 21.33 -9.33
CA PHE E 237 35.59 20.34 -8.26
C PHE E 237 34.48 19.31 -8.51
N LEU E 238 34.89 18.08 -8.80
CA LEU E 238 33.96 17.02 -9.14
C LEU E 238 34.01 15.90 -8.09
N PRO E 239 32.87 15.58 -7.47
CA PRO E 239 32.84 14.66 -6.33
C PRO E 239 33.03 13.18 -6.70
N ASN E 240 33.53 12.41 -5.74
CA ASN E 240 33.64 10.96 -5.85
C ASN E 240 32.59 10.26 -4.99
N ALA E 241 32.44 8.95 -5.16
CA ALA E 241 31.42 8.16 -4.46
C ALA E 241 31.60 8.06 -2.93
N ASP E 242 32.83 8.33 -2.46
CA ASP E 242 33.16 8.22 -1.03
C ASP E 242 33.18 9.58 -0.32
N GLU E 243 32.70 10.61 -1.01
CA GLU E 243 32.68 12.00 -0.51
C GLU E 243 34.08 12.63 -0.46
N THR E 244 34.81 12.52 -1.57
CA THR E 244 36.10 13.18 -1.73
C THR E 244 36.16 13.89 -3.07
N TRP E 245 36.81 15.05 -3.10
CA TRP E 245 36.84 15.89 -4.31
C TRP E 245 37.87 15.47 -5.32
N TYR E 246 37.53 15.64 -6.59
CA TYR E 246 38.46 15.45 -7.72
C TYR E 246 38.59 16.79 -8.46
N LEU E 247 39.84 17.17 -8.73
CA LEU E 247 40.13 18.37 -9.52
C LEU E 247 41.24 18.09 -10.52
N GLN E 248 41.25 18.83 -11.63
CA GLN E 248 42.33 18.71 -12.61
C GLN E 248 42.77 20.05 -13.17
N ALA E 249 44.04 20.12 -13.55
CA ALA E 249 44.63 21.31 -14.15
C ALA E 249 45.31 20.97 -15.47
N THR E 250 45.02 21.76 -16.49
CA THR E 250 45.58 21.55 -17.83
C THR E 250 46.67 22.58 -18.13
N LEU E 251 47.63 22.19 -18.96
CA LEU E 251 48.70 23.09 -19.39
C LEU E 251 48.99 22.90 -20.89
N ASP E 252 48.71 23.94 -21.67
CA ASP E 252 48.94 23.93 -23.12
C ASP E 252 50.43 24.12 -23.42
N VAL E 253 51.03 23.14 -24.09
CA VAL E 253 52.46 23.15 -24.38
C VAL E 253 52.80 22.50 -25.73
N GLU E 254 53.91 22.95 -26.33
CA GLU E 254 54.42 22.36 -27.56
C GLU E 254 55.11 21.02 -27.26
N ALA E 255 54.94 20.07 -28.18
CA ALA E 255 55.45 18.71 -28.01
C ALA E 255 56.97 18.66 -27.80
N GLY E 256 57.39 17.78 -26.89
CA GLY E 256 58.80 17.61 -26.56
C GLY E 256 59.17 18.12 -25.17
N GLU E 257 58.24 18.83 -24.54
CA GLU E 257 58.46 19.43 -23.22
C GLU E 257 57.79 18.62 -22.11
N GLU E 258 57.81 17.30 -22.25
CA GLU E 258 57.11 16.38 -21.33
C GLU E 258 57.87 16.12 -20.04
N ALA E 259 59.08 15.55 -20.18
CA ALA E 259 59.86 15.08 -19.03
C ALA E 259 60.37 16.19 -18.12
N GLY E 260 60.58 15.84 -16.85
CA GLY E 260 61.14 16.76 -15.86
C GLY E 260 60.08 17.57 -15.12
N LEU E 261 59.28 18.32 -15.87
CA LEU E 261 58.23 19.18 -15.30
C LEU E 261 57.30 18.40 -14.38
N ALA E 262 56.95 19.02 -13.26
CA ALA E 262 56.17 18.36 -12.22
C ALA E 262 54.98 19.19 -11.74
N CYS E 263 53.99 18.51 -11.17
CA CYS E 263 52.77 19.15 -10.69
C CYS E 263 52.86 19.43 -9.20
N ARG E 264 52.60 20.68 -8.82
CA ARG E 264 52.64 21.11 -7.43
C ARG E 264 51.25 21.19 -6.80
N VAL E 265 51.06 20.45 -5.71
CA VAL E 265 49.78 20.41 -5.01
C VAL E 265 49.96 20.72 -3.52
N LYS E 266 49.29 21.78 -3.06
CA LYS E 266 49.29 22.14 -1.65
C LYS E 266 47.96 21.81 -1.01
N HIS E 267 47.99 21.11 0.12
CA HIS E 267 46.79 20.69 0.83
C HIS E 267 47.01 20.61 2.31
N SER E 268 45.93 20.79 3.07
CA SER E 268 45.99 20.78 4.53
C SER E 268 46.22 19.38 5.12
N SER E 269 45.85 18.35 4.36
CA SER E 269 46.03 16.96 4.78
C SER E 269 47.49 16.50 4.68
N LEU E 270 48.26 17.21 3.86
CA LEU E 270 49.69 16.94 3.70
C LEU E 270 50.49 17.60 4.81
N GLY E 271 50.19 18.88 5.09
CA GLY E 271 50.84 19.64 6.15
C GLY E 271 52.31 19.91 5.88
N GLY E 272 52.59 20.51 4.73
CA GLY E 272 53.97 20.81 4.33
C GLY E 272 54.59 19.73 3.45
N GLN E 273 53.94 18.57 3.41
CA GLN E 273 54.39 17.45 2.57
C GLN E 273 53.80 17.57 1.17
N ASP E 274 54.12 18.67 0.48
CA ASP E 274 53.58 18.96 -0.84
C ASP E 274 53.91 17.88 -1.86
N ILE E 275 52.89 17.14 -2.30
CA ILE E 275 53.06 16.06 -3.27
C ILE E 275 53.52 16.59 -4.63
N ILE E 276 54.72 16.16 -5.02
CA ILE E 276 55.32 16.52 -6.29
C ILE E 276 55.54 15.24 -7.11
N LEU E 277 55.23 15.30 -8.40
CA LEU E 277 55.35 14.14 -9.27
C LEU E 277 56.07 14.48 -10.58
N TYR E 278 57.31 14.00 -10.70
CA TYR E 278 58.13 14.22 -11.89
C TYR E 278 57.67 13.29 -13.01
N TRP E 279 57.42 13.86 -14.18
CA TRP E 279 56.97 13.09 -15.34
C TRP E 279 58.13 12.39 -16.00
N GLN F 2 14.85 24.98 -20.88
CA GLN F 2 15.55 23.68 -20.73
C GLN F 2 17.07 23.85 -20.75
N LYS F 3 17.72 23.43 -19.67
CA LYS F 3 19.18 23.46 -19.58
C LYS F 3 19.77 22.17 -20.14
N THR F 4 20.79 22.30 -20.97
CA THR F 4 21.43 21.16 -21.63
C THR F 4 22.53 20.53 -20.76
N PRO F 5 22.48 19.20 -20.55
CA PRO F 5 23.33 18.52 -19.57
C PRO F 5 24.80 18.39 -19.99
N GLN F 6 25.70 18.63 -19.04
CA GLN F 6 27.13 18.43 -19.24
C GLN F 6 27.53 17.08 -18.63
N ILE F 7 28.17 16.25 -19.44
CA ILE F 7 28.61 14.92 -18.99
C ILE F 7 30.12 14.92 -18.81
N GLN F 8 30.57 14.42 -17.65
CA GLN F 8 31.99 14.29 -17.37
C GLN F 8 32.32 12.93 -16.77
N VAL F 9 33.11 12.15 -17.51
CA VAL F 9 33.49 10.80 -17.09
C VAL F 9 34.94 10.77 -16.61
N TYR F 10 35.14 10.24 -15.41
CA TYR F 10 36.46 10.16 -14.79
C TYR F 10 36.57 8.97 -13.83
N SER F 11 37.77 8.77 -13.28
CA SER F 11 38.03 7.63 -12.39
C SER F 11 38.45 8.08 -10.98
N ARG F 12 38.23 7.21 -10.00
CA ARG F 12 38.56 7.47 -8.60
C ARG F 12 40.07 7.41 -8.35
N HIS F 13 40.66 6.24 -8.62
CA HIS F 13 42.10 6.02 -8.45
C HIS F 13 42.79 6.11 -9.79
N PRO F 14 44.13 6.25 -9.79
CA PRO F 14 44.92 6.28 -11.05
C PRO F 14 44.59 5.10 -11.98
N PRO F 15 44.54 5.36 -13.30
CA PRO F 15 44.20 4.34 -14.28
C PRO F 15 45.31 3.31 -14.46
N GLU F 16 45.09 2.11 -13.90
CA GLU F 16 46.03 1.00 -14.05
C GLU F 16 45.32 -0.20 -14.65
N ASN F 17 45.81 -0.63 -15.81
CA ASN F 17 45.23 -1.75 -16.55
C ASN F 17 45.24 -3.06 -15.76
N GLY F 18 44.15 -3.82 -15.87
CA GLY F 18 44.02 -5.10 -15.18
C GLY F 18 43.74 -4.98 -13.70
N LYS F 19 43.92 -3.77 -13.17
CA LYS F 19 43.64 -3.47 -11.77
C LYS F 19 42.27 -2.82 -11.62
N PRO F 20 41.41 -3.39 -10.73
CA PRO F 20 40.06 -2.88 -10.52
C PRO F 20 40.03 -1.44 -10.00
N ASN F 21 38.98 -0.71 -10.37
CA ASN F 21 38.83 0.70 -10.02
C ASN F 21 37.34 1.09 -10.06
N ILE F 22 37.04 2.35 -9.72
CA ILE F 22 35.68 2.87 -9.83
C ILE F 22 35.61 3.95 -10.91
N LEU F 23 34.61 3.83 -11.78
CA LEU F 23 34.36 4.81 -12.83
C LEU F 23 33.21 5.73 -12.43
N ASN F 24 33.42 7.04 -12.61
CA ASN F 24 32.43 8.04 -12.21
C ASN F 24 31.86 8.82 -13.40
N CYS F 25 30.54 8.79 -13.54
CA CYS F 25 29.84 9.65 -14.50
C CYS F 25 29.10 10.75 -13.74
N TYR F 26 29.44 12.00 -14.08
CA TYR F 26 28.92 13.18 -13.38
C TYR F 26 28.17 14.09 -14.34
N VAL F 27 26.83 14.11 -14.19
CA VAL F 27 25.95 14.89 -15.05
C VAL F 27 25.50 16.17 -14.34
N THR F 28 25.66 17.30 -15.02
CA THR F 28 25.41 18.62 -14.42
C THR F 28 24.67 19.59 -15.34
N GLN F 29 24.30 20.74 -14.78
CA GLN F 29 23.77 21.90 -15.52
C GLN F 29 22.50 21.62 -16.36
N PHE F 30 21.70 20.66 -15.93
CA PHE F 30 20.49 20.29 -16.67
C PHE F 30 19.18 20.66 -15.97
N HIS F 31 18.14 20.85 -16.77
CA HIS F 31 16.80 21.13 -16.29
C HIS F 31 15.91 20.91 -17.47
N PRO F 32 14.78 20.20 -17.30
CA PRO F 32 14.17 19.59 -16.10
C PRO F 32 14.97 18.41 -15.51
N PRO F 33 14.71 18.07 -14.23
CA PRO F 33 15.45 17.03 -13.50
C PRO F 33 15.12 15.58 -13.84
N HIS F 34 14.21 15.33 -14.79
CA HIS F 34 13.99 13.95 -15.23
C HIS F 34 15.05 13.57 -16.22
N ILE F 35 15.75 12.47 -15.95
CA ILE F 35 16.90 12.07 -16.75
C ILE F 35 17.21 10.57 -16.65
N GLU F 36 17.55 9.95 -17.78
CA GLU F 36 18.02 8.58 -17.80
C GLU F 36 19.52 8.56 -18.07
N ILE F 37 20.26 7.92 -17.16
CA ILE F 37 21.71 7.82 -17.28
C ILE F 37 22.13 6.36 -17.29
N GLN F 38 23.01 6.01 -18.22
CA GLN F 38 23.54 4.66 -18.35
C GLN F 38 25.05 4.68 -18.41
N MET F 39 25.66 3.68 -17.78
CA MET F 39 27.09 3.47 -17.90
C MET F 39 27.33 2.22 -18.73
N LEU F 40 28.19 2.32 -19.73
CA LEU F 40 28.32 1.27 -20.73
C LEU F 40 29.72 0.66 -20.81
N LYS F 41 29.76 -0.66 -20.94
CA LYS F 41 31.00 -1.41 -21.20
C LYS F 41 30.92 -1.99 -22.61
N ASN F 42 31.75 -1.45 -23.51
CA ASN F 42 31.75 -1.82 -24.92
C ASN F 42 30.38 -1.62 -25.61
N GLY F 43 29.69 -0.55 -25.20
CA GLY F 43 28.38 -0.21 -25.76
C GLY F 43 27.22 -1.00 -25.18
N LYS F 44 27.47 -1.71 -24.09
CA LYS F 44 26.43 -2.51 -23.41
C LYS F 44 26.24 -2.04 -21.98
N LYS F 45 24.99 -2.08 -21.51
CA LYS F 45 24.62 -1.58 -20.18
C LYS F 45 25.25 -2.39 -19.04
N ILE F 46 26.08 -1.71 -18.24
CA ILE F 46 26.65 -2.27 -17.02
C ILE F 46 25.52 -2.45 -15.99
N PRO F 47 25.40 -3.66 -15.39
CA PRO F 47 24.29 -4.04 -14.50
C PRO F 47 24.05 -3.10 -13.30
N LYS F 48 24.55 -3.49 -12.13
CA LYS F 48 24.27 -2.75 -10.89
C LYS F 48 25.15 -1.50 -10.73
N VAL F 49 24.77 -0.43 -11.41
CA VAL F 49 25.43 0.86 -11.27
C VAL F 49 24.74 1.64 -10.15
N GLU F 50 25.55 2.22 -9.25
CA GLU F 50 25.02 2.98 -8.12
C GLU F 50 24.68 4.42 -8.51
N MET F 51 23.48 4.84 -8.16
CA MET F 51 23.01 6.20 -8.41
C MET F 51 22.98 6.99 -7.11
N SER F 52 23.66 8.13 -7.09
CA SER F 52 23.57 9.07 -5.98
C SER F 52 22.24 9.81 -6.06
N ASP F 53 21.79 10.37 -4.93
CA ASP F 53 20.58 11.18 -4.91
C ASP F 53 20.80 12.47 -5.69
N MET F 54 19.78 12.89 -6.44
CA MET F 54 19.88 14.13 -7.20
C MET F 54 19.85 15.34 -6.27
N SER F 55 20.57 16.38 -6.67
CA SER F 55 20.63 17.63 -5.94
C SER F 55 20.82 18.75 -6.94
N PHE F 56 20.99 19.98 -6.45
CA PHE F 56 21.25 21.12 -7.33
C PHE F 56 22.18 22.15 -6.69
N SER F 57 22.95 22.84 -7.53
CA SER F 57 23.94 23.81 -7.08
C SER F 57 23.30 25.15 -6.72
N LYS F 58 24.13 26.09 -6.26
CA LYS F 58 23.68 27.43 -5.88
C LYS F 58 23.00 28.16 -7.03
N ASP F 59 23.51 27.95 -8.25
CA ASP F 59 22.92 28.53 -9.45
C ASP F 59 21.63 27.81 -9.88
N TRP F 60 21.20 26.86 -9.05
CA TRP F 60 19.95 26.10 -9.24
C TRP F 60 20.04 24.90 -10.14
N SER F 61 21.16 24.78 -10.87
CA SER F 61 21.35 23.71 -11.85
C SER F 61 21.51 22.36 -11.17
N PHE F 62 20.82 21.36 -11.71
CA PHE F 62 20.84 20.00 -11.15
C PHE F 62 22.14 19.25 -11.42
N TYR F 63 22.52 18.39 -10.48
CA TYR F 63 23.66 17.48 -10.64
C TYR F 63 23.37 16.11 -10.03
N ILE F 64 24.01 15.08 -10.59
CA ILE F 64 23.86 13.71 -10.10
C ILE F 64 25.08 12.87 -10.51
N LEU F 65 25.48 11.96 -9.63
CA LEU F 65 26.66 11.13 -9.87
C LEU F 65 26.29 9.65 -10.00
N ALA F 66 26.72 9.03 -11.09
CA ALA F 66 26.59 7.60 -11.28
C ALA F 66 27.99 6.99 -11.25
N HIS F 67 28.15 5.89 -10.51
CA HIS F 67 29.44 5.22 -10.38
C HIS F 67 29.33 3.73 -10.38
N THR F 68 30.31 3.08 -10.99
CA THR F 68 30.36 1.62 -11.05
C THR F 68 31.80 1.10 -11.00
N GLU F 69 31.95 -0.13 -10.50
CA GLU F 69 33.24 -0.79 -10.43
C GLU F 69 33.63 -1.38 -11.79
N PHE F 70 34.85 -1.08 -12.23
CA PHE F 70 35.35 -1.57 -13.52
C PHE F 70 36.82 -1.97 -13.46
N THR F 71 37.27 -2.70 -14.47
CA THR F 71 38.65 -3.15 -14.56
C THR F 71 39.22 -2.81 -15.95
N PRO F 72 39.87 -1.63 -16.07
CA PRO F 72 40.31 -1.11 -17.37
C PRO F 72 41.36 -1.96 -18.07
N THR F 73 41.35 -1.92 -19.40
CA THR F 73 42.38 -2.54 -20.23
C THR F 73 42.71 -1.59 -21.40
N GLU F 74 43.53 -2.05 -22.33
CA GLU F 74 43.83 -1.27 -23.54
C GLU F 74 42.77 -1.47 -24.63
N THR F 75 41.90 -2.47 -24.44
CA THR F 75 40.88 -2.82 -25.43
C THR F 75 39.47 -2.34 -25.06
N ASP F 76 39.01 -2.72 -23.86
CA ASP F 76 37.65 -2.42 -23.40
C ASP F 76 37.38 -0.91 -23.29
N THR F 77 36.32 -0.46 -23.96
CA THR F 77 35.89 0.94 -23.86
C THR F 77 34.77 1.08 -22.83
N TYR F 78 34.76 2.22 -22.14
CA TYR F 78 33.75 2.52 -21.14
C TYR F 78 33.15 3.90 -21.39
N ALA F 79 31.82 3.99 -21.36
CA ALA F 79 31.11 5.22 -21.70
C ALA F 79 29.93 5.55 -20.78
N CYS F 80 29.28 6.68 -21.06
CA CYS F 80 28.11 7.11 -20.31
C CYS F 80 27.05 7.68 -21.26
N ARG F 81 25.93 6.97 -21.40
CA ARG F 81 24.81 7.41 -22.23
C ARG F 81 23.75 8.12 -21.39
N VAL F 82 23.41 9.34 -21.80
CA VAL F 82 22.43 10.15 -21.10
C VAL F 82 21.32 10.57 -22.05
N LYS F 83 20.08 10.26 -21.67
CA LYS F 83 18.89 10.69 -22.41
C LYS F 83 18.18 11.79 -21.63
N HIS F 84 17.92 12.91 -22.30
CA HIS F 84 17.32 14.07 -21.66
C HIS F 84 16.48 14.87 -22.63
N ALA F 85 15.39 15.43 -22.12
CA ALA F 85 14.42 16.19 -22.90
C ALA F 85 15.01 17.32 -23.74
N SER F 86 16.14 17.87 -23.31
CA SER F 86 16.76 19.01 -24.00
C SER F 86 17.59 18.59 -25.22
N MET F 87 17.78 17.29 -25.39
CA MET F 87 18.52 16.75 -26.53
C MET F 87 17.64 15.85 -27.39
N ALA F 88 17.78 15.97 -28.71
CA ALA F 88 17.08 15.10 -29.65
C ALA F 88 17.66 13.69 -29.58
N GLU F 89 18.98 13.60 -29.68
CA GLU F 89 19.68 12.32 -29.63
C GLU F 89 20.29 12.13 -28.24
N PRO F 90 20.30 10.88 -27.74
CA PRO F 90 21.05 10.55 -26.52
C PRO F 90 22.53 10.86 -26.69
N LYS F 91 23.14 11.44 -25.67
CA LYS F 91 24.55 11.82 -25.72
C LYS F 91 25.43 10.77 -25.06
N THR F 92 26.40 10.27 -25.82
CA THR F 92 27.34 9.27 -25.32
C THR F 92 28.73 9.90 -25.16
N VAL F 93 29.25 9.84 -23.93
CA VAL F 93 30.59 10.33 -23.62
C VAL F 93 31.46 9.17 -23.15
N TYR F 94 32.59 8.98 -23.83
CA TYR F 94 33.52 7.89 -23.54
C TYR F 94 34.61 8.32 -22.57
N TRP F 95 35.05 7.37 -21.73
CA TRP F 95 36.12 7.62 -20.76
C TRP F 95 37.45 7.72 -21.43
N ASP F 96 38.19 8.78 -21.10
CA ASP F 96 39.51 9.03 -21.68
C ASP F 96 40.63 8.83 -20.65
N ARG F 97 41.79 8.43 -21.14
CA ARG F 97 42.96 8.19 -20.29
C ARG F 97 43.81 9.45 -20.16
N THR G 3 -16.50 12.18 5.27
CA THR G 3 -16.86 11.64 6.61
C THR G 3 -15.71 11.83 7.63
N GLN G 4 -14.94 12.88 7.42
CA GLN G 4 -13.81 13.20 8.30
C GLN G 4 -14.27 14.05 9.50
N VAL G 5 -15.51 14.49 9.48
CA VAL G 5 -16.09 15.28 10.57
C VAL G 5 -17.35 14.59 11.09
N GLU G 6 -17.33 14.21 12.37
CA GLU G 6 -18.45 13.53 13.01
C GLU G 6 -18.98 14.36 14.18
N GLN G 7 -20.31 14.52 14.24
CA GLN G 7 -20.93 15.31 15.30
C GLN G 7 -21.84 14.48 16.19
N SER G 8 -21.74 14.70 17.50
CA SER G 8 -22.56 13.99 18.48
C SER G 8 -23.16 14.98 19.48
N PRO G 9 -24.45 14.80 19.82
CA PRO G 9 -25.37 13.76 19.35
C PRO G 9 -25.88 14.07 17.95
N GLN G 10 -26.67 13.16 17.39
CA GLN G 10 -27.32 13.39 16.10
C GLN G 10 -28.42 14.42 16.29
N SER G 11 -29.18 14.27 17.38
CA SER G 11 -30.23 15.21 17.77
C SER G 11 -30.46 15.13 19.28
N LEU G 12 -30.88 16.24 19.87
CA LEU G 12 -31.25 16.27 21.28
C LEU G 12 -32.42 17.24 21.54
N VAL G 13 -33.16 16.97 22.62
CA VAL G 13 -34.33 17.78 23.00
C VAL G 13 -34.15 18.35 24.42
N VAL G 14 -34.03 19.66 24.54
CA VAL G 14 -33.88 20.31 25.85
C VAL G 14 -35.01 21.29 26.19
N ARG G 15 -35.22 21.49 27.50
CA ARG G 15 -36.22 22.45 27.98
C ARG G 15 -35.61 23.84 28.08
N GLN G 16 -36.33 24.83 27.55
CA GLN G 16 -35.90 26.23 27.60
C GLN G 16 -35.34 26.59 28.96
N GLY G 17 -34.17 27.20 28.97
CA GLY G 17 -33.49 27.57 30.20
C GLY G 17 -32.36 26.62 30.56
N GLU G 18 -32.46 25.39 30.06
CA GLU G 18 -31.42 24.39 30.26
C GLU G 18 -30.22 24.64 29.36
N ASN G 19 -29.07 24.06 29.74
CA ASN G 19 -27.86 24.13 28.94
C ASN G 19 -27.64 22.81 28.20
N CYS G 20 -26.89 22.89 27.10
CA CYS G 20 -26.53 21.70 26.33
C CYS G 20 -25.16 21.85 25.71
N VAL G 21 -24.46 20.73 25.57
CA VAL G 21 -23.14 20.70 24.97
C VAL G 21 -23.20 19.90 23.67
N LEU G 22 -22.40 20.29 22.68
CA LEU G 22 -22.37 19.59 21.40
C LEU G 22 -20.94 19.21 21.02
N GLN G 23 -20.76 17.94 20.66
CA GLN G 23 -19.43 17.41 20.33
C GLN G 23 -19.17 17.46 18.83
N CYS G 24 -17.91 17.69 18.49
CA CYS G 24 -17.42 17.57 17.12
C CYS G 24 -16.04 16.91 17.12
N ASN G 25 -15.95 15.75 16.48
CA ASN G 25 -14.68 15.06 16.34
C ASN G 25 -14.29 14.91 14.88
N TYR G 26 -13.04 15.22 14.57
CA TYR G 26 -12.57 15.24 13.19
C TYR G 26 -11.23 14.53 13.02
N SER G 27 -10.94 14.12 11.79
CA SER G 27 -9.66 13.51 11.44
C SER G 27 -8.85 14.43 10.51
N VAL G 28 -9.57 15.36 9.87
CA VAL G 28 -9.02 16.32 8.89
C VAL G 28 -7.59 16.76 9.21
N THR G 29 -6.68 16.47 8.28
CA THR G 29 -5.29 16.91 8.38
C THR G 29 -4.94 17.78 7.16
N PRO G 30 -4.44 19.00 7.39
CA PRO G 30 -4.27 19.67 8.68
C PRO G 30 -5.56 20.31 9.19
N ASP G 31 -5.55 20.70 10.46
CA ASP G 31 -6.69 21.36 11.08
C ASP G 31 -6.35 22.79 11.49
N ASN G 32 -6.53 23.71 10.55
CA ASN G 32 -6.21 25.12 10.75
C ASN G 32 -7.20 25.82 11.67
N HIS G 33 -8.48 25.63 11.38
CA HIS G 33 -9.54 26.28 12.16
C HIS G 33 -10.79 25.44 12.16
N LEU G 34 -11.62 25.65 13.17
CA LEU G 34 -12.92 24.99 13.27
C LEU G 34 -14.00 26.03 13.48
N ARG G 35 -15.09 25.89 12.72
CA ARG G 35 -16.19 26.83 12.78
C ARG G 35 -17.50 26.15 13.15
N TRP G 36 -18.33 26.85 13.91
CA TRP G 36 -19.68 26.39 14.25
C TRP G 36 -20.71 27.21 13.53
N PHE G 37 -21.61 26.53 12.84
CA PHE G 37 -22.69 27.19 12.10
C PHE G 37 -24.05 26.91 12.73
N LYS G 38 -24.97 27.87 12.61
CA LYS G 38 -26.35 27.71 13.06
C LYS G 38 -27.28 27.88 11.87
N GLN G 39 -28.03 26.82 11.57
CA GLN G 39 -28.92 26.83 10.42
C GLN G 39 -30.38 26.63 10.84
N ASP G 40 -31.13 27.72 10.91
CA ASP G 40 -32.57 27.67 11.19
C ASP G 40 -33.29 26.88 10.11
N THR G 41 -34.35 26.18 10.49
CA THR G 41 -35.07 25.28 9.58
C THR G 41 -35.63 26.07 8.40
N GLY G 42 -35.27 25.64 7.20
CA GLY G 42 -35.64 26.34 5.98
C GLY G 42 -34.67 27.43 5.58
N LYS G 43 -33.99 28.01 6.57
CA LYS G 43 -33.03 29.09 6.35
C LYS G 43 -31.64 28.58 5.90
N GLY G 44 -30.62 29.40 6.11
CA GLY G 44 -29.26 29.09 5.70
C GLY G 44 -28.26 29.23 6.84
N LEU G 45 -26.99 29.33 6.49
CA LEU G 45 -25.89 29.23 7.47
C LEU G 45 -25.50 30.54 8.13
N VAL G 46 -25.57 30.57 9.46
CA VAL G 46 -25.13 31.70 10.27
C VAL G 46 -23.94 31.26 11.12
N SER G 47 -22.82 31.98 11.02
CA SER G 47 -21.60 31.62 11.73
C SER G 47 -21.65 32.08 13.19
N LEU G 48 -21.43 31.14 14.10
CA LEU G 48 -21.51 31.42 15.55
C LEU G 48 -20.16 31.79 16.13
N THR G 49 -19.16 30.92 15.89
CA THR G 49 -17.78 31.19 16.29
C THR G 49 -16.77 30.41 15.45
N VAL G 50 -15.51 30.84 15.53
CA VAL G 50 -14.40 30.13 14.90
C VAL G 50 -13.19 30.03 15.84
N LEU G 51 -12.67 28.82 15.97
CA LEU G 51 -11.53 28.54 16.84
C LEU G 51 -10.28 28.31 16.00
N VAL G 52 -9.14 28.83 16.47
CA VAL G 52 -7.91 28.83 15.66
C VAL G 52 -6.65 28.23 16.32
N ASP G 53 -6.54 28.37 17.63
CA ASP G 53 -5.34 27.94 18.36
C ASP G 53 -5.32 26.43 18.62
N GLN G 54 -4.13 25.92 18.96
CA GLN G 54 -3.91 24.51 19.29
C GLN G 54 -4.81 24.06 20.45
N LYS G 55 -4.82 24.88 21.51
CA LYS G 55 -5.79 24.78 22.59
C LYS G 55 -6.54 26.11 22.63
N ASP G 56 -7.79 26.09 22.17
CA ASP G 56 -8.54 27.32 21.97
C ASP G 56 -9.91 27.31 22.67
N LYS G 57 -10.30 28.48 23.14
CA LYS G 57 -11.64 28.72 23.68
C LYS G 57 -12.15 30.06 23.16
N THR G 58 -13.38 30.06 22.66
CA THR G 58 -14.04 31.29 22.20
C THR G 58 -15.45 31.37 22.77
N SER G 59 -16.02 32.57 22.76
CA SER G 59 -17.41 32.75 23.18
C SER G 59 -18.11 33.82 22.34
N ASN G 60 -19.41 33.65 22.17
CA ASN G 60 -20.25 34.62 21.49
C ASN G 60 -21.61 34.65 22.17
N GLY G 61 -21.78 35.61 23.09
CA GLY G 61 -22.97 35.69 23.91
C GLY G 61 -23.16 34.42 24.71
N ARG G 62 -24.32 33.81 24.56
CA ARG G 62 -24.67 32.60 25.28
C ARG G 62 -23.90 31.38 24.77
N TYR G 63 -23.46 31.44 23.52
CA TYR G 63 -22.65 30.36 22.93
C TYR G 63 -21.20 30.48 23.35
N SER G 64 -20.60 29.35 23.69
CA SER G 64 -19.17 29.27 23.96
C SER G 64 -18.61 27.96 23.40
N ALA G 65 -17.37 28.00 22.92
CA ALA G 65 -16.76 26.84 22.28
C ALA G 65 -15.34 26.54 22.79
N THR G 66 -14.90 25.30 22.57
CA THR G 66 -13.56 24.87 22.93
C THR G 66 -12.98 24.08 21.77
N LEU G 67 -11.66 24.13 21.62
CA LEU G 67 -10.97 23.31 20.61
C LEU G 67 -9.67 22.73 21.15
N ASP G 68 -9.54 21.41 21.01
CA ASP G 68 -8.29 20.71 21.29
C ASP G 68 -7.81 20.05 20.01
N LYS G 69 -6.72 20.60 19.45
CA LYS G 69 -6.19 20.10 18.18
C LYS G 69 -5.42 18.79 18.30
N ASP G 70 -4.83 18.54 19.47
CA ASP G 70 -4.20 17.26 19.77
C ASP G 70 -5.25 16.15 19.73
N ALA G 71 -6.32 16.34 20.50
CA ALA G 71 -7.40 15.38 20.58
C ALA G 71 -8.34 15.46 19.37
N LYS G 72 -8.15 16.49 18.54
CA LYS G 72 -9.00 16.75 17.37
C LYS G 72 -10.47 16.71 17.75
N HIS G 73 -10.82 17.58 18.69
CA HIS G 73 -12.11 17.54 19.36
C HIS G 73 -12.58 18.93 19.71
N SER G 74 -13.86 19.19 19.47
CA SER G 74 -14.46 20.48 19.81
C SER G 74 -15.83 20.31 20.46
N THR G 75 -16.17 21.25 21.33
CA THR G 75 -17.49 21.29 21.96
C THR G 75 -18.12 22.67 21.81
N LEU G 76 -19.44 22.68 21.64
CA LEU G 76 -20.22 23.92 21.63
C LEU G 76 -21.19 23.93 22.81
N HIS G 77 -21.11 24.96 23.64
CA HIS G 77 -21.93 25.08 24.84
C HIS G 77 -22.91 26.19 24.67
N ILE G 78 -24.20 25.87 24.67
CA ILE G 78 -25.25 26.88 24.65
C ILE G 78 -25.76 27.10 26.08
N THR G 79 -25.39 28.24 26.65
CA THR G 79 -25.73 28.56 28.04
C THR G 79 -27.11 29.21 28.11
N ALA G 80 -28.03 28.58 28.84
CA ALA G 80 -29.43 29.00 28.94
C ALA G 80 -30.13 29.06 27.57
N THR G 81 -30.65 27.92 27.13
CA THR G 81 -31.29 27.82 25.81
C THR G 81 -32.62 28.56 25.72
N LEU G 82 -32.87 29.13 24.56
CA LEU G 82 -34.13 29.78 24.25
C LEU G 82 -34.79 29.05 23.10
N LEU G 83 -36.06 29.33 22.86
CA LEU G 83 -36.83 28.74 21.77
C LEU G 83 -36.17 29.01 20.41
N ASP G 84 -35.51 30.16 20.28
CA ASP G 84 -34.84 30.56 19.04
C ASP G 84 -33.60 29.72 18.70
N ASP G 85 -33.18 28.86 19.63
CA ASP G 85 -32.05 27.97 19.41
C ASP G 85 -32.44 26.69 18.68
N THR G 86 -33.75 26.55 18.41
CA THR G 86 -34.26 25.39 17.69
C THR G 86 -33.78 25.44 16.23
N ALA G 87 -32.66 24.78 15.98
CA ALA G 87 -32.01 24.75 14.68
C ALA G 87 -31.07 23.54 14.60
N THR G 88 -30.46 23.35 13.43
CA THR G 88 -29.39 22.38 13.26
C THR G 88 -28.04 23.09 13.40
N TYR G 89 -27.17 22.54 14.24
CA TYR G 89 -25.85 23.11 14.46
C TYR G 89 -24.78 22.32 13.71
N ILE G 90 -24.02 23.01 12.87
CA ILE G 90 -23.07 22.36 11.98
C ILE G 90 -21.62 22.73 12.30
N CYS G 91 -20.76 21.71 12.34
CA CYS G 91 -19.34 21.84 12.61
C CYS G 91 -18.53 21.77 11.32
N VAL G 92 -17.58 22.69 11.17
CA VAL G 92 -16.80 22.79 9.92
C VAL G 92 -15.31 22.96 10.18
N VAL G 93 -14.50 22.12 9.52
CA VAL G 93 -13.05 22.17 9.65
C VAL G 93 -12.39 22.58 8.34
N GLY G 94 -11.55 23.60 8.38
CA GLY G 94 -10.81 24.07 7.21
C GLY G 94 -9.35 23.66 7.27
N ASP G 95 -8.85 23.09 6.17
CA ASP G 95 -7.50 22.50 6.17
C ASP G 95 -6.33 23.46 5.95
N ARG G 96 -6.61 24.67 5.44
CA ARG G 96 -5.57 25.70 5.32
C ARG G 96 -5.96 26.98 6.04
N GLY G 97 -4.98 27.87 6.22
CA GLY G 97 -5.21 29.20 6.77
C GLY G 97 -5.39 30.25 5.69
N SER G 98 -5.83 29.81 4.52
CA SER G 98 -6.05 30.69 3.37
C SER G 98 -7.10 30.11 2.42
N ALA G 99 -7.24 30.73 1.25
CA ALA G 99 -8.18 30.29 0.21
C ALA G 99 -7.83 28.94 -0.42
N LEU G 100 -6.59 28.49 -0.19
CA LEU G 100 -6.15 27.19 -0.67
C LEU G 100 -6.83 26.03 0.05
N GLY G 101 -7.49 26.36 1.17
CA GLY G 101 -8.14 25.35 2.00
C GLY G 101 -9.42 24.79 1.43
N ARG G 102 -9.79 23.61 1.94
CA ARG G 102 -11.07 23.00 1.65
C ARG G 102 -11.81 22.84 2.97
N LEU G 103 -13.09 23.20 2.97
CA LEU G 103 -13.90 23.09 4.17
C LEU G 103 -14.52 21.70 4.26
N HIS G 104 -14.46 21.11 5.44
CA HIS G 104 -15.01 19.78 5.67
C HIS G 104 -16.20 19.88 6.60
N PHE G 105 -17.37 19.52 6.07
CA PHE G 105 -18.64 19.73 6.76
C PHE G 105 -19.12 18.49 7.50
N GLY G 106 -19.55 18.68 8.74
CA GLY G 106 -20.20 17.61 9.50
C GLY G 106 -21.69 17.59 9.20
N ALA G 107 -22.33 16.45 9.47
CA ALA G 107 -23.75 16.26 9.21
C ALA G 107 -24.66 17.06 10.14
N GLY G 108 -24.07 17.72 11.14
CA GLY G 108 -24.82 18.58 12.05
C GLY G 108 -25.54 17.88 13.17
N THR G 109 -25.77 18.61 14.26
CA THR G 109 -26.57 18.15 15.38
C THR G 109 -27.88 18.92 15.37
N GLN G 110 -28.99 18.23 15.54
CA GLN G 110 -30.31 18.85 15.53
C GLN G 110 -30.80 19.14 16.95
N LEU G 111 -31.00 20.42 17.26
CA LEU G 111 -31.49 20.82 18.56
C LEU G 111 -32.94 21.30 18.51
N ILE G 112 -33.77 20.72 19.36
CA ILE G 112 -35.16 21.16 19.55
C ILE G 112 -35.32 21.64 21.00
N VAL G 113 -35.75 22.90 21.14
CA VAL G 113 -35.91 23.51 22.45
C VAL G 113 -37.39 23.62 22.80
N ILE G 114 -37.80 22.91 23.85
CA ILE G 114 -39.18 22.93 24.32
C ILE G 114 -39.48 24.27 25.00
N PRO G 115 -40.56 24.96 24.58
CA PRO G 115 -40.89 26.27 25.13
C PRO G 115 -41.46 26.18 26.55
N ASP G 116 -41.01 27.08 27.42
CA ASP G 116 -41.47 27.13 28.80
C ASP G 116 -42.77 27.92 28.90
N ILE G 117 -43.88 27.20 29.04
CA ILE G 117 -45.21 27.82 29.14
C ILE G 117 -45.43 28.38 30.55
N GLN G 118 -45.64 29.70 30.62
CA GLN G 118 -45.80 30.41 31.88
C GLN G 118 -47.08 29.96 32.60
N ASN G 119 -48.22 30.29 32.02
CA ASN G 119 -49.53 29.96 32.58
C ASN G 119 -50.44 29.36 31.52
N PRO G 120 -50.64 28.03 31.56
CA PRO G 120 -51.50 27.36 30.57
C PRO G 120 -52.98 27.73 30.75
N ASP G 121 -53.71 27.79 29.64
CA ASP G 121 -55.14 28.06 29.65
C ASP G 121 -55.81 27.34 28.48
N PRO G 122 -55.68 26.00 28.42
CA PRO G 122 -56.10 25.22 27.26
C PRO G 122 -57.57 25.45 26.86
N ALA G 123 -57.79 25.72 25.58
CA ALA G 123 -59.12 25.96 25.05
C ALA G 123 -59.21 25.54 23.58
N VAL G 124 -60.42 25.16 23.15
CA VAL G 124 -60.68 24.83 21.76
C VAL G 124 -61.73 25.79 21.20
N TYR G 125 -61.31 26.60 20.24
CA TYR G 125 -62.18 27.62 19.65
C TYR G 125 -62.60 27.25 18.22
N GLN G 126 -63.71 27.83 17.77
CA GLN G 126 -64.12 27.74 16.37
C GLN G 126 -63.88 29.08 15.69
N LEU G 127 -63.26 29.03 14.52
CA LEU G 127 -62.88 30.22 13.76
C LEU G 127 -63.47 30.16 12.36
N ARG G 128 -64.24 31.18 12.00
CA ARG G 128 -64.98 31.16 10.72
C ARG G 128 -64.26 31.90 9.59
N ASP G 129 -64.38 31.34 8.38
CA ASP G 129 -63.78 31.91 7.18
C ASP G 129 -64.33 33.31 6.90
N SER G 130 -63.44 34.20 6.45
CA SER G 130 -63.80 35.59 6.18
C SER G 130 -64.62 35.74 4.90
N LYS G 131 -64.19 35.06 3.83
CA LYS G 131 -64.87 35.14 2.53
C LYS G 131 -66.19 34.36 2.50
N SER G 132 -66.25 33.26 3.24
CA SER G 132 -67.45 32.42 3.31
C SER G 132 -67.63 31.83 4.70
N SER G 133 -68.42 32.51 5.54
CA SER G 133 -68.56 32.17 6.96
C SER G 133 -69.46 30.98 7.27
N ASP G 134 -69.34 29.93 6.47
CA ASP G 134 -70.01 28.65 6.73
C ASP G 134 -68.98 27.54 6.98
N LYS G 135 -67.84 27.62 6.28
CA LYS G 135 -66.71 26.72 6.51
C LYS G 135 -65.81 27.30 7.61
N SER G 136 -65.44 26.47 8.58
CA SER G 136 -64.65 26.92 9.73
C SER G 136 -63.57 25.93 10.16
N VAL G 137 -62.78 26.31 11.17
CA VAL G 137 -61.70 25.48 11.71
C VAL G 137 -61.72 25.40 13.24
N CYS G 138 -61.13 24.34 13.78
CA CYS G 138 -60.99 24.17 15.23
C CYS G 138 -59.54 24.44 15.65
N LEU G 139 -59.38 25.29 16.66
CA LEU G 139 -58.06 25.72 17.12
C LEU G 139 -57.87 25.41 18.61
N PHE G 140 -57.23 24.28 18.88
CA PHE G 140 -56.82 23.93 20.24
C PHE G 140 -55.54 24.68 20.54
N THR G 141 -55.60 25.56 21.55
CA THR G 141 -54.50 26.49 21.82
C THR G 141 -54.28 26.72 23.33
N ASP G 142 -53.17 27.40 23.66
CA ASP G 142 -52.85 27.82 25.02
C ASP G 142 -52.63 26.67 26.00
N PHE G 143 -52.05 25.57 25.51
CA PHE G 143 -51.73 24.43 26.37
C PHE G 143 -50.23 24.35 26.68
N ASP G 144 -49.89 23.72 27.80
CA ASP G 144 -48.50 23.50 28.18
C ASP G 144 -47.85 22.42 27.29
N SER G 145 -46.53 22.37 27.30
CA SER G 145 -45.78 21.46 26.42
C SER G 145 -45.92 19.98 26.76
N GLN G 146 -46.33 19.68 28.00
CA GLN G 146 -46.56 18.30 28.43
C GLN G 146 -47.80 17.68 27.80
N THR G 147 -48.29 18.30 26.72
CA THR G 147 -49.44 17.80 25.98
C THR G 147 -49.03 17.51 24.53
N ASN G 148 -49.38 16.32 24.06
CA ASN G 148 -49.14 15.92 22.67
C ASN G 148 -50.41 15.94 21.84
N VAL G 149 -50.27 16.27 20.56
CA VAL G 149 -51.39 16.28 19.62
C VAL G 149 -51.24 15.12 18.64
N SER G 150 -52.22 14.22 18.66
CA SER G 150 -52.19 13.02 17.83
C SER G 150 -52.66 13.30 16.41
N GLN G 151 -51.95 12.73 15.42
CA GLN G 151 -52.30 12.84 14.01
C GLN G 151 -53.69 12.31 13.74
N SER G 152 -54.34 12.83 12.69
CA SER G 152 -55.72 12.51 12.38
C SER G 152 -55.91 11.05 11.94
N LYS G 153 -56.85 10.36 12.58
CA LYS G 153 -57.15 8.97 12.27
C LYS G 153 -57.96 8.84 10.98
N ASP G 154 -59.09 9.55 10.93
CA ASP G 154 -59.94 9.59 9.74
C ASP G 154 -59.27 10.43 8.65
N SER G 155 -59.18 9.85 7.45
CA SER G 155 -58.46 10.49 6.33
C SER G 155 -59.18 11.73 5.79
N ASP G 156 -60.46 11.86 6.08
CA ASP G 156 -61.26 13.02 5.67
C ASP G 156 -61.23 14.17 6.69
N VAL G 157 -60.49 13.95 7.78
CA VAL G 157 -60.25 14.98 8.79
C VAL G 157 -58.75 15.28 8.83
N TYR G 158 -58.40 16.54 9.08
CA TYR G 158 -56.99 16.95 9.14
C TYR G 158 -56.64 17.66 10.45
N ILE G 159 -55.55 17.22 11.07
CA ILE G 159 -55.03 17.84 12.29
C ILE G 159 -53.53 18.09 12.11
N THR G 160 -53.11 19.33 12.38
CA THR G 160 -51.72 19.72 12.28
C THR G 160 -50.98 19.49 13.59
N ASP G 161 -49.67 19.30 13.51
CA ASP G 161 -48.82 19.17 14.69
C ASP G 161 -48.82 20.48 15.48
N LYS G 162 -48.57 20.39 16.79
CA LYS G 162 -48.50 21.58 17.64
C LYS G 162 -47.43 22.55 17.16
N CYS G 163 -47.66 23.84 17.37
CA CYS G 163 -46.76 24.87 16.89
C CYS G 163 -46.79 26.05 17.85
N VAL G 164 -45.61 26.52 18.24
CA VAL G 164 -45.49 27.61 19.21
C VAL G 164 -45.24 28.98 18.54
N LEU G 165 -46.22 29.87 18.68
CA LEU G 165 -46.07 31.27 18.25
C LEU G 165 -45.56 32.11 19.41
N ASP G 166 -44.80 33.16 19.09
CA ASP G 166 -44.23 34.02 20.12
C ASP G 166 -44.58 35.50 19.90
N MET G 167 -45.49 36.00 20.73
CA MET G 167 -45.79 37.42 20.77
C MET G 167 -44.66 38.14 21.51
N ARG G 168 -43.65 38.52 20.72
CA ARG G 168 -42.35 38.94 21.22
C ARG G 168 -42.38 40.12 22.19
N SER G 169 -43.18 41.14 21.87
CA SER G 169 -43.22 42.37 22.66
C SER G 169 -43.96 42.23 23.99
N MET G 170 -44.80 41.19 24.11
CA MET G 170 -45.54 40.93 25.34
C MET G 170 -44.90 39.84 26.20
N ASP G 171 -43.81 39.25 25.70
CA ASP G 171 -43.15 38.10 26.31
C ASP G 171 -44.15 36.96 26.56
N PHE G 172 -44.99 36.70 25.56
CA PHE G 172 -46.05 35.70 25.66
C PHE G 172 -45.95 34.67 24.55
N LYS G 173 -45.72 33.42 24.93
CA LYS G 173 -45.67 32.31 24.01
C LYS G 173 -46.88 31.39 24.22
N SER G 174 -47.39 30.82 23.15
CA SER G 174 -48.54 29.91 23.22
C SER G 174 -48.48 28.79 22.19
N ASN G 175 -48.88 27.59 22.60
CA ASN G 175 -49.01 26.46 21.71
C ASN G 175 -50.32 26.52 20.93
N SER G 176 -50.38 25.84 19.80
CA SER G 176 -51.57 25.81 18.96
C SER G 176 -51.57 24.64 18.00
N ALA G 177 -52.73 23.99 17.88
CA ALA G 177 -52.96 22.97 16.86
C ALA G 177 -54.26 23.30 16.14
N VAL G 178 -54.30 23.00 14.84
CA VAL G 178 -55.46 23.35 14.02
C VAL G 178 -56.08 22.11 13.37
N ALA G 179 -57.34 21.85 13.70
CA ALA G 179 -58.10 20.76 13.10
C ALA G 179 -59.20 21.31 12.22
N TRP G 180 -59.42 20.66 11.07
CA TRP G 180 -60.49 21.03 10.15
C TRP G 180 -60.93 19.85 9.33
N SER G 181 -62.21 19.84 8.95
CA SER G 181 -62.78 18.80 8.11
C SER G 181 -64.03 19.30 7.35
N ASN G 182 -64.45 18.54 6.36
CA ASN G 182 -65.70 18.78 5.66
C ASN G 182 -66.72 17.66 5.88
N LYS G 183 -66.22 16.48 6.27
CA LYS G 183 -67.07 15.35 6.64
C LYS G 183 -67.41 15.41 8.12
N ASP G 185 -71.61 16.54 11.08
CA ASP G 185 -70.71 15.39 10.92
C ASP G 185 -69.29 15.64 11.45
N PHE G 186 -69.01 16.89 11.83
CA PHE G 186 -67.72 17.28 12.41
C PHE G 186 -67.88 18.54 13.27
N ALA G 187 -67.49 18.45 14.55
CA ALA G 187 -67.60 19.57 15.48
C ALA G 187 -66.36 19.73 16.35
N CYS G 188 -66.14 20.95 16.83
CA CYS G 188 -64.96 21.29 17.64
C CYS G 188 -64.94 20.60 19.00
N ALA G 189 -66.13 20.32 19.54
CA ALA G 189 -66.25 19.61 20.83
C ALA G 189 -65.75 18.16 20.74
N ASN G 190 -65.86 17.58 19.54
CA ASN G 190 -65.42 16.20 19.30
C ASN G 190 -64.33 16.13 18.22
N ALA G 191 -63.49 17.15 18.17
CA ALA G 191 -62.42 17.24 17.18
C ALA G 191 -61.11 16.66 17.68
N PHE G 192 -60.80 16.90 18.96
CA PHE G 192 -59.54 16.47 19.55
C PHE G 192 -59.72 15.33 20.55
N ASN G 193 -60.72 14.49 20.32
CA ASN G 193 -60.90 13.24 21.07
C ASN G 193 -59.77 12.27 20.75
N ASN G 194 -59.14 12.49 19.61
CA ASN G 194 -58.00 11.73 19.13
C ASN G 194 -56.76 11.87 20.03
N SER G 195 -56.59 13.07 20.61
CA SER G 195 -55.45 13.39 21.45
C SER G 195 -55.75 13.23 22.94
N ILE G 196 -54.69 13.19 23.75
CA ILE G 196 -54.83 13.16 25.20
C ILE G 196 -54.84 14.58 25.76
N ILE G 197 -55.97 15.27 25.55
CA ILE G 197 -56.14 16.66 25.98
C ILE G 197 -56.42 16.75 27.49
N PRO G 198 -56.08 17.89 28.12
CA PRO G 198 -56.38 18.09 29.55
C PRO G 198 -57.87 18.05 29.85
N GLU G 199 -58.21 17.74 31.10
CA GLU G 199 -59.61 17.63 31.53
C GLU G 199 -60.24 18.99 31.82
N ASP G 200 -59.43 20.05 31.80
CA ASP G 200 -59.92 21.40 32.07
C ASP G 200 -59.89 22.30 30.82
N THR G 201 -59.98 21.69 29.65
CA THR G 201 -59.99 22.42 28.38
C THR G 201 -61.30 23.20 28.22
N PHE G 202 -61.17 24.49 27.95
CA PHE G 202 -62.33 25.40 27.83
C PHE G 202 -63.01 25.25 26.47
N PHE G 203 -64.30 24.93 26.51
CA PHE G 203 -65.13 24.84 25.30
C PHE G 203 -66.26 25.86 25.39
N PRO G 204 -66.43 26.68 24.32
CA PRO G 204 -67.37 27.80 24.36
C PRO G 204 -68.77 27.45 23.82
N SER G 205 -69.59 28.49 23.67
CA SER G 205 -70.94 28.38 23.08
C SER G 205 -71.83 27.41 23.84
N ALA H 3 -20.20 41.07 3.87
CA ALA H 3 -20.09 40.47 2.50
C ALA H 3 -21.42 39.84 2.06
N ALA H 4 -22.04 40.44 1.05
CA ALA H 4 -23.34 39.99 0.54
C ALA H 4 -23.20 38.99 -0.60
N VAL H 5 -23.90 37.86 -0.47
CA VAL H 5 -23.97 36.84 -1.51
C VAL H 5 -25.42 36.41 -1.74
N THR H 6 -25.93 36.69 -2.94
CA THR H 6 -27.32 36.41 -3.29
C THR H 6 -27.45 35.24 -4.26
N GLN H 7 -28.56 34.52 -4.17
CA GLN H 7 -28.85 33.40 -5.06
C GLN H 7 -30.22 33.56 -5.68
N SER H 8 -30.31 33.29 -6.98
CA SER H 8 -31.59 33.27 -7.69
C SER H 8 -31.62 32.10 -8.68
N PRO H 9 -32.74 31.35 -8.71
CA PRO H 9 -33.92 31.53 -7.87
C PRO H 9 -33.68 31.05 -6.44
N ARG H 10 -34.67 31.26 -5.57
CA ARG H 10 -34.59 30.76 -4.20
C ARG H 10 -35.24 29.39 -4.10
N ASN H 11 -36.18 29.12 -5.00
CA ASN H 11 -36.90 27.84 -5.04
C ASN H 11 -37.31 27.51 -6.48
N LYS H 12 -37.06 26.27 -6.90
CA LYS H 12 -37.30 25.86 -8.29
C LYS H 12 -37.80 24.42 -8.42
N VAL H 13 -38.89 24.26 -9.16
CA VAL H 13 -39.40 22.95 -9.54
C VAL H 13 -39.06 22.71 -11.00
N ALA H 14 -38.58 21.51 -11.33
CA ALA H 14 -38.16 21.17 -12.69
C ALA H 14 -38.49 19.73 -13.07
N VAL H 15 -38.39 19.43 -14.36
CA VAL H 15 -38.69 18.10 -14.89
C VAL H 15 -37.42 17.33 -15.29
N THR H 16 -37.45 16.02 -15.10
CA THR H 16 -36.36 15.13 -15.51
C THR H 16 -36.06 15.32 -17.00
N GLY H 17 -34.79 15.49 -17.32
CA GLY H 17 -34.36 15.76 -18.69
C GLY H 17 -34.27 17.24 -18.99
N GLY H 18 -34.96 18.05 -18.19
CA GLY H 18 -34.97 19.51 -18.35
C GLY H 18 -33.67 20.18 -17.94
N LYS H 19 -33.58 21.48 -18.20
CA LYS H 19 -32.39 22.27 -17.92
C LYS H 19 -32.66 23.29 -16.82
N VAL H 20 -31.79 23.33 -15.80
CA VAL H 20 -31.90 24.29 -14.71
C VAL H 20 -30.59 25.05 -14.50
N THR H 21 -30.70 26.37 -14.42
CA THR H 21 -29.54 27.22 -14.15
C THR H 21 -29.71 27.89 -12.78
N LEU H 22 -28.77 27.61 -11.88
CA LEU H 22 -28.77 28.24 -10.57
C LEU H 22 -27.72 29.36 -10.55
N SER H 23 -28.21 30.59 -10.43
CA SER H 23 -27.34 31.77 -10.46
C SER H 23 -26.97 32.26 -9.06
N CYS H 24 -25.79 32.84 -8.95
CA CYS H 24 -25.30 33.38 -7.69
C CYS H 24 -24.51 34.67 -7.92
N ASN H 25 -24.96 35.74 -7.26
CA ASN H 25 -24.35 37.06 -7.42
C ASN H 25 -23.67 37.54 -6.14
N GLN H 26 -22.46 38.06 -6.30
CA GLN H 26 -21.67 38.61 -5.20
C GLN H 26 -21.05 39.94 -5.62
N THR H 27 -21.14 40.95 -4.75
CA THR H 27 -20.59 42.28 -5.03
C THR H 27 -19.47 42.66 -4.06
N ASN H 28 -18.65 41.67 -3.70
CA ASN H 28 -17.56 41.87 -2.75
C ASN H 28 -16.21 41.95 -3.45
N ASN H 29 -16.24 41.88 -4.78
CA ASN H 29 -15.05 41.78 -5.63
C ASN H 29 -14.22 40.53 -5.34
N HIS H 30 -14.84 39.54 -4.69
CA HIS H 30 -14.18 38.28 -4.37
C HIS H 30 -13.79 37.52 -5.61
N ASN H 31 -12.53 37.11 -5.68
CA ASN H 31 -12.02 36.30 -6.79
C ASN H 31 -12.64 34.92 -6.83
N ASN H 32 -12.80 34.34 -5.64
CA ASN H 32 -13.12 32.92 -5.51
C ASN H 32 -14.58 32.68 -5.12
N MET H 33 -15.23 31.76 -5.82
CA MET H 33 -16.62 31.40 -5.58
C MET H 33 -16.80 29.88 -5.62
N TYR H 34 -17.74 29.38 -4.82
CA TYR H 34 -17.89 27.94 -4.59
C TYR H 34 -19.35 27.51 -4.63
N TRP H 35 -19.59 26.29 -5.13
CA TRP H 35 -20.94 25.71 -5.17
C TRP H 35 -21.05 24.47 -4.35
N TYR H 36 -22.00 24.46 -3.42
CA TYR H 36 -22.26 23.30 -2.58
C TYR H 36 -23.70 22.82 -2.70
N ARG H 37 -23.93 21.55 -2.39
CA ARG H 37 -25.27 21.01 -2.23
C ARG H 37 -25.42 20.36 -0.85
N GLN H 38 -26.56 20.63 -0.20
CA GLN H 38 -26.84 20.10 1.13
C GLN H 38 -27.89 19.00 1.09
N ASP H 39 -27.52 17.82 1.58
CA ASP H 39 -28.42 16.68 1.69
C ASP H 39 -28.39 16.13 3.12
N THR H 40 -29.55 15.72 3.63
CA THR H 40 -29.63 15.16 4.99
C THR H 40 -28.80 13.88 5.11
N GLY H 41 -28.24 13.66 6.30
CA GLY H 41 -27.30 12.56 6.52
C GLY H 41 -25.94 12.87 5.93
N HIS H 42 -25.75 14.11 5.49
CA HIS H 42 -24.50 14.59 4.93
C HIS H 42 -24.28 16.03 5.27
N GLY H 43 -23.03 16.46 5.18
CA GLY H 43 -22.71 17.88 5.25
C GLY H 43 -22.69 18.44 3.84
N LEU H 44 -22.43 19.75 3.72
CA LEU H 44 -22.28 20.39 2.42
C LEU H 44 -21.09 19.78 1.67
N ARG H 45 -21.32 19.46 0.39
CA ARG H 45 -20.28 18.89 -0.45
C ARG H 45 -20.01 19.80 -1.65
N LEU H 46 -18.74 19.86 -2.06
CA LEU H 46 -18.31 20.79 -3.11
C LEU H 46 -18.52 20.21 -4.51
N ILE H 47 -19.29 20.93 -5.33
CA ILE H 47 -19.60 20.50 -6.69
C ILE H 47 -18.61 21.12 -7.66
N HIS H 48 -18.56 22.45 -7.66
CA HIS H 48 -17.64 23.22 -8.49
C HIS H 48 -17.19 24.46 -7.78
N TYR H 49 -16.04 24.99 -8.19
CA TYR H 49 -15.58 26.27 -7.69
C TYR H 49 -14.91 27.07 -8.79
N SER H 50 -14.46 28.27 -8.44
CA SER H 50 -13.89 29.19 -9.42
C SER H 50 -12.87 30.10 -8.75
N TYR H 51 -11.85 30.50 -9.50
CA TYR H 51 -10.83 31.40 -8.99
C TYR H 51 -10.86 32.77 -9.68
N GLY H 52 -11.96 33.03 -10.40
CA GLY H 52 -12.14 34.27 -11.14
C GLY H 52 -12.88 34.05 -12.45
N ALA H 53 -13.08 35.13 -13.20
CA ALA H 53 -13.78 35.08 -14.48
C ALA H 53 -13.14 34.06 -15.42
N GLY H 54 -13.98 33.22 -16.02
CA GLY H 54 -13.52 32.21 -16.97
C GLY H 54 -13.12 30.89 -16.32
N SER H 55 -12.64 30.97 -15.09
CA SER H 55 -12.22 29.78 -14.33
C SER H 55 -13.41 28.96 -13.86
N THR H 56 -13.39 27.66 -14.15
CA THR H 56 -14.32 26.70 -13.55
C THR H 56 -13.55 25.44 -13.18
N GLU H 57 -13.69 25.03 -11.91
CA GLU H 57 -12.92 23.91 -11.39
C GLU H 57 -13.80 22.83 -10.78
N LYS H 58 -13.51 21.58 -11.12
CA LYS H 58 -14.24 20.42 -10.62
C LYS H 58 -14.07 20.28 -9.11
N GLY H 59 -15.20 20.10 -8.43
CA GLY H 59 -15.21 19.86 -6.98
C GLY H 59 -15.16 18.38 -6.66
N ASP H 60 -15.75 18.01 -5.53
CA ASP H 60 -15.76 16.62 -5.06
C ASP H 60 -16.80 15.77 -5.77
N ILE H 61 -17.95 16.37 -6.10
CA ILE H 61 -19.04 15.66 -6.78
C ILE H 61 -19.54 16.42 -8.01
N PRO H 62 -18.70 16.53 -9.06
CA PRO H 62 -19.03 17.37 -10.21
C PRO H 62 -19.98 16.72 -11.23
N ASP H 63 -20.12 15.39 -11.17
CA ASP H 63 -20.93 14.63 -12.13
C ASP H 63 -22.38 15.12 -12.21
N GLY H 64 -22.85 15.32 -13.43
CA GLY H 64 -24.19 15.81 -13.68
C GLY H 64 -24.30 17.32 -13.71
N TYR H 65 -23.34 18.00 -13.08
CA TYR H 65 -23.32 19.45 -13.01
C TYR H 65 -22.23 20.06 -13.89
N LYS H 66 -22.46 21.28 -14.34
CA LYS H 66 -21.49 22.01 -15.15
C LYS H 66 -21.57 23.49 -14.79
N ALA H 67 -20.46 24.05 -14.32
CA ALA H 67 -20.43 25.42 -13.81
C ALA H 67 -19.96 26.43 -14.86
N SER H 68 -20.27 27.70 -14.61
CA SER H 68 -19.88 28.80 -15.50
C SER H 68 -19.61 30.08 -14.71
N ARG H 69 -18.44 30.67 -14.95
CA ARG H 69 -18.08 31.94 -14.33
C ARG H 69 -17.91 33.02 -15.42
N PRO H 70 -19.03 33.67 -15.82
CA PRO H 70 -18.98 34.67 -16.87
C PRO H 70 -18.29 35.98 -16.45
N SER H 71 -18.31 36.26 -15.15
CA SER H 71 -17.75 37.50 -14.61
C SER H 71 -17.26 37.30 -13.18
N GLN H 72 -16.74 38.37 -12.58
CA GLN H 72 -16.32 38.35 -11.19
C GLN H 72 -17.54 38.21 -10.27
N GLU H 73 -18.61 38.92 -10.62
CA GLU H 73 -19.81 38.99 -9.77
C GLU H 73 -20.68 37.74 -9.86
N ASN H 74 -20.79 37.15 -11.06
CA ASN H 74 -21.71 36.04 -11.29
C ASN H 74 -21.04 34.69 -11.48
N PHE H 75 -21.62 33.67 -10.86
CA PHE H 75 -21.15 32.29 -10.96
C PHE H 75 -22.38 31.39 -11.00
N SER H 76 -22.55 30.69 -12.11
CA SER H 76 -23.74 29.86 -12.32
C SER H 76 -23.44 28.37 -12.30
N LEU H 77 -24.36 27.61 -11.71
CA LEU H 77 -24.32 26.16 -11.71
C LEU H 77 -25.41 25.68 -12.66
N ILE H 78 -25.01 24.97 -13.70
CA ILE H 78 -25.95 24.54 -14.74
C ILE H 78 -26.15 23.03 -14.75
N LEU H 79 -27.42 22.63 -14.69
CA LEU H 79 -27.81 21.23 -14.78
C LEU H 79 -28.31 20.95 -16.19
N GLU H 80 -27.51 20.20 -16.94
CA GLU H 80 -27.75 19.96 -18.37
C GLU H 80 -29.02 19.16 -18.61
N LEU H 81 -29.06 17.95 -18.06
CA LEU H 81 -30.24 17.09 -18.12
C LEU H 81 -30.60 16.66 -16.70
N ALA H 82 -31.52 17.37 -16.09
CA ALA H 82 -31.87 17.18 -14.68
C ALA H 82 -32.36 15.78 -14.37
N THR H 83 -32.02 15.31 -13.18
CA THR H 83 -32.49 14.02 -12.66
C THR H 83 -32.94 14.18 -11.22
N PRO H 84 -33.90 13.35 -10.76
CA PRO H 84 -34.42 13.41 -9.39
C PRO H 84 -33.36 13.28 -8.29
N SER H 85 -32.21 12.68 -8.63
CA SER H 85 -31.09 12.59 -7.69
C SER H 85 -30.49 13.96 -7.39
N GLN H 86 -30.66 14.90 -8.32
CA GLN H 86 -30.16 16.27 -8.17
C GLN H 86 -31.13 17.17 -7.39
N THR H 87 -32.12 16.56 -6.75
CA THR H 87 -33.03 17.26 -5.84
C THR H 87 -32.29 17.50 -4.52
N SER H 88 -32.13 18.77 -4.17
CA SER H 88 -31.36 19.16 -2.98
C SER H 88 -31.54 20.65 -2.66
N VAL H 89 -30.79 21.12 -1.67
CA VAL H 89 -30.67 22.55 -1.38
C VAL H 89 -29.26 22.98 -1.76
N TYR H 90 -29.15 24.02 -2.57
CA TYR H 90 -27.87 24.43 -3.14
C TYR H 90 -27.32 25.72 -2.55
N PHE H 91 -26.10 25.65 -2.04
CA PHE H 91 -25.44 26.79 -1.42
C PHE H 91 -24.26 27.31 -2.26
N CYS H 92 -24.33 28.59 -2.58
CA CYS H 92 -23.22 29.28 -3.20
C CYS H 92 -22.47 30.06 -2.13
N ALA H 93 -21.15 30.08 -2.22
CA ALA H 93 -20.33 30.86 -1.31
C ALA H 93 -19.27 31.61 -2.10
N SER H 94 -18.73 32.66 -1.49
CA SER H 94 -17.63 33.42 -2.10
C SER H 94 -16.61 33.83 -1.04
N GLY H 95 -15.37 34.03 -1.47
CA GLY H 95 -14.29 34.46 -0.58
C GLY H 95 -13.13 35.05 -1.34
N ASP H 96 -12.29 35.79 -0.62
CA ASP H 96 -11.04 36.33 -1.16
C ASP H 96 -9.88 35.36 -0.89
N GLU H 97 -8.69 35.89 -0.64
CA GLU H 97 -7.51 35.05 -0.38
C GLU H 97 -7.52 34.43 1.02
N GLY H 98 -8.35 34.96 1.91
CA GLY H 98 -8.55 34.39 3.25
C GLY H 98 -9.29 33.07 3.19
N TYR H 99 -9.36 32.37 4.31
CA TYR H 99 -10.06 31.08 4.36
C TYR H 99 -11.58 31.23 4.45
N THR H 100 -12.04 32.32 5.06
CA THR H 100 -13.47 32.54 5.29
C THR H 100 -14.25 32.55 4.00
N GLN H 101 -15.27 31.69 3.93
CA GLN H 101 -16.24 31.72 2.84
C GLN H 101 -17.54 32.32 3.34
N TYR H 102 -18.21 33.07 2.47
CA TYR H 102 -19.46 33.74 2.83
C TYR H 102 -20.60 33.14 2.01
N PHE H 103 -21.48 32.40 2.70
CA PHE H 103 -22.50 31.60 2.05
C PHE H 103 -23.76 32.39 1.71
N GLY H 104 -24.42 31.98 0.63
CA GLY H 104 -25.70 32.56 0.21
C GLY H 104 -26.87 32.02 1.02
N PRO H 105 -28.10 32.49 0.72
CA PRO H 105 -29.30 32.08 1.46
C PRO H 105 -29.84 30.70 1.09
N GLY H 106 -29.28 30.10 0.04
CA GLY H 106 -29.67 28.76 -0.39
C GLY H 106 -30.74 28.75 -1.47
N THR H 107 -30.74 27.69 -2.26
CA THR H 107 -31.73 27.47 -3.30
C THR H 107 -32.28 26.07 -3.17
N ARG H 108 -33.60 25.93 -3.11
CA ARG H 108 -34.21 24.61 -3.12
C ARG H 108 -34.53 24.20 -4.55
N LEU H 109 -34.16 22.97 -4.89
CA LEU H 109 -34.47 22.42 -6.20
C LEU H 109 -35.17 21.07 -6.06
N LEU H 110 -36.35 20.97 -6.66
CA LEU H 110 -37.06 19.69 -6.75
C LEU H 110 -37.21 19.26 -8.21
N VAL H 111 -36.55 18.16 -8.54
CA VAL H 111 -36.65 17.58 -9.88
C VAL H 111 -37.67 16.46 -9.82
N LEU H 112 -38.78 16.63 -10.55
CA LEU H 112 -39.83 15.64 -10.64
C LEU H 112 -39.78 14.91 -11.98
N GLU H 113 -40.28 13.67 -11.99
CA GLU H 113 -40.35 12.87 -13.21
C GLU H 113 -41.33 13.50 -14.20
N ASP H 114 -42.51 13.87 -13.69
CA ASP H 114 -43.56 14.49 -14.48
C ASP H 114 -44.04 15.77 -13.80
N LEU H 115 -44.55 16.70 -14.60
CA LEU H 115 -45.11 17.95 -14.08
C LEU H 115 -46.64 17.97 -14.15
N ARG H 116 -47.24 16.82 -14.43
CA ARG H 116 -48.68 16.73 -14.70
C ARG H 116 -49.59 16.98 -13.48
N ASN H 117 -49.06 16.76 -12.28
CA ASN H 117 -49.85 16.86 -11.06
C ASN H 117 -49.61 18.15 -10.25
N VAL H 118 -48.84 19.08 -10.82
CA VAL H 118 -48.54 20.36 -10.17
C VAL H 118 -49.78 21.25 -10.07
N THR H 119 -50.10 21.67 -8.84
CA THR H 119 -51.31 22.44 -8.56
C THR H 119 -51.02 23.58 -7.58
N PRO H 120 -51.50 24.81 -7.90
CA PRO H 120 -51.42 25.95 -6.98
C PRO H 120 -52.37 25.80 -5.78
N PRO H 121 -52.08 26.50 -4.67
CA PRO H 121 -52.89 26.34 -3.45
C PRO H 121 -54.16 27.18 -3.41
N LYS H 122 -55.13 26.71 -2.65
CA LYS H 122 -56.29 27.52 -2.29
C LYS H 122 -56.04 28.07 -0.89
N VAL H 123 -56.14 29.40 -0.75
CA VAL H 123 -55.85 30.05 0.52
C VAL H 123 -57.14 30.58 1.15
N SER H 124 -57.31 30.33 2.45
CA SER H 124 -58.48 30.79 3.18
C SER H 124 -58.10 31.25 4.59
N LEU H 125 -58.43 32.51 4.90
CA LEU H 125 -58.14 33.10 6.20
C LEU H 125 -59.34 33.04 7.14
N PHE H 126 -59.14 32.50 8.33
CA PHE H 126 -60.20 32.34 9.31
C PHE H 126 -60.08 33.38 10.42
N GLU H 127 -61.18 34.06 10.70
CA GLU H 127 -61.21 35.16 11.66
C GLU H 127 -61.20 34.67 13.10
N PRO H 128 -60.59 35.45 14.03
CA PRO H 128 -60.53 35.16 15.46
C PRO H 128 -61.90 34.86 16.06
N SER H 129 -61.90 34.08 17.14
CA SER H 129 -63.13 33.74 17.84
C SER H 129 -63.49 34.81 18.86
N LYS H 130 -64.77 35.21 18.87
CA LYS H 130 -65.29 36.17 19.85
C LYS H 130 -65.19 35.56 21.26
N ALA H 131 -65.32 34.23 21.32
CA ALA H 131 -65.09 33.47 22.54
C ALA H 131 -63.64 33.59 23.02
N GLU H 132 -62.71 33.59 22.07
CA GLU H 132 -61.28 33.74 22.38
C GLU H 132 -60.98 35.14 22.89
N ILE H 133 -61.48 36.15 22.18
CA ILE H 133 -61.26 37.56 22.50
C ILE H 133 -61.65 37.88 23.94
N SER H 134 -62.83 37.40 24.36
CA SER H 134 -63.30 37.63 25.72
C SER H 134 -62.44 36.89 26.75
N HIS H 135 -62.16 35.62 26.47
CA HIS H 135 -61.49 34.74 27.44
C HIS H 135 -60.02 34.99 27.61
N THR H 136 -59.33 35.30 26.50
CA THR H 136 -57.87 35.42 26.50
C THR H 136 -57.37 36.86 26.48
N GLN H 137 -58.22 37.76 25.99
CA GLN H 137 -57.83 39.15 25.69
C GLN H 137 -56.79 39.19 24.56
N LYS H 138 -56.86 38.18 23.71
CA LYS H 138 -56.00 38.03 22.53
C LYS H 138 -56.81 37.44 21.38
N ALA H 139 -56.37 37.68 20.15
CA ALA H 139 -57.08 37.22 18.96
C ALA H 139 -56.18 36.45 18.00
N THR H 140 -56.58 35.23 17.65
CA THR H 140 -55.79 34.37 16.77
C THR H 140 -56.45 34.19 15.40
N LEU H 141 -55.79 34.70 14.36
CA LEU H 141 -56.19 34.45 12.98
C LEU H 141 -55.51 33.19 12.49
N VAL H 142 -56.22 32.39 11.69
CA VAL H 142 -55.66 31.14 11.18
C VAL H 142 -55.76 31.06 9.65
N CYS H 143 -54.64 30.76 9.02
CA CYS H 143 -54.56 30.64 7.57
C CYS H 143 -54.49 29.18 7.12
N LEU H 144 -54.90 28.92 5.89
CA LEU H 144 -55.01 27.55 5.40
C LEU H 144 -54.75 27.47 3.89
N ALA H 145 -53.56 26.99 3.54
CA ALA H 145 -53.21 26.73 2.15
C ALA H 145 -53.50 25.26 1.87
N THR H 146 -54.35 25.00 0.88
CA THR H 146 -54.83 23.65 0.63
C THR H 146 -54.79 23.26 -0.85
N GLY H 147 -54.63 21.96 -1.10
CA GLY H 147 -54.72 21.39 -2.45
C GLY H 147 -53.57 21.72 -3.37
N PHE H 148 -52.38 21.93 -2.81
CA PHE H 148 -51.21 22.30 -3.61
C PHE H 148 -50.17 21.20 -3.74
N TYR H 149 -49.48 21.19 -4.87
CA TYR H 149 -48.39 20.27 -5.14
C TYR H 149 -47.35 20.94 -6.03
N PRO H 150 -46.06 20.86 -5.65
CA PRO H 150 -45.50 20.16 -4.50
C PRO H 150 -45.39 21.03 -3.24
N ASP H 151 -44.68 20.53 -2.23
CA ASP H 151 -44.59 21.18 -0.92
C ASP H 151 -43.66 22.41 -0.89
N HIS H 152 -43.29 22.90 -2.06
CA HIS H 152 -42.44 24.07 -2.20
C HIS H 152 -43.26 25.34 -2.20
N VAL H 153 -43.56 25.83 -1.01
CA VAL H 153 -44.31 27.08 -0.82
C VAL H 153 -43.70 27.92 0.30
N GLU H 154 -43.95 29.23 0.26
CA GLU H 154 -43.56 30.14 1.33
C GLU H 154 -44.77 30.93 1.82
N LEU H 155 -45.16 30.70 3.06
CA LEU H 155 -46.28 31.41 3.66
C LEU H 155 -45.78 32.60 4.46
N SER H 156 -46.51 33.71 4.37
CA SER H 156 -46.18 34.93 5.08
C SER H 156 -47.43 35.67 5.52
N TRP H 157 -47.34 36.35 6.66
CA TRP H 157 -48.44 37.17 7.17
C TRP H 157 -48.15 38.62 6.97
N TRP H 158 -49.14 39.35 6.46
CA TRP H 158 -48.98 40.78 6.18
C TRP H 158 -50.02 41.60 6.88
N VAL H 159 -49.56 42.64 7.58
CA VAL H 159 -50.45 43.55 8.29
C VAL H 159 -50.24 44.97 7.78
N ASN H 160 -51.27 45.52 7.16
CA ASN H 160 -51.24 46.86 6.55
C ASN H 160 -50.13 47.02 5.49
N GLY H 161 -50.00 46.01 4.64
CA GLY H 161 -49.00 46.02 3.58
C GLY H 161 -47.59 45.80 4.09
N LYS H 162 -47.46 45.50 5.38
CA LYS H 162 -46.16 45.24 5.98
C LYS H 162 -46.15 43.88 6.67
N GLU H 163 -45.19 43.06 6.28
CA GLU H 163 -45.06 41.69 6.77
C GLU H 163 -44.77 41.66 8.25
N VAL H 164 -45.35 40.69 8.95
CA VAL H 164 -45.10 40.49 10.37
C VAL H 164 -44.50 39.11 10.64
N HIS H 165 -43.72 39.01 11.72
CA HIS H 165 -43.13 37.74 12.13
C HIS H 165 -43.44 37.45 13.56
N SER H 166 -43.64 38.51 14.35
CA SER H 166 -43.99 38.39 15.76
C SER H 166 -45.40 37.84 15.90
N GLY H 167 -45.57 36.87 16.80
CA GLY H 167 -46.86 36.23 17.02
C GLY H 167 -47.30 35.33 15.89
N VAL H 168 -46.33 34.90 15.09
CA VAL H 168 -46.59 34.03 13.93
C VAL H 168 -45.92 32.68 14.12
N CYS H 169 -46.58 31.62 13.65
CA CYS H 169 -45.95 30.31 13.50
C CYS H 169 -46.69 29.48 12.44
N THR H 170 -45.91 28.85 11.58
CA THR H 170 -46.43 27.97 10.55
C THR H 170 -45.91 26.55 10.80
N ASP H 171 -46.70 25.54 10.43
CA ASP H 171 -46.28 24.15 10.56
C ASP H 171 -44.94 23.95 9.86
N PRO H 172 -44.02 23.20 10.52
CA PRO H 172 -42.72 22.95 9.90
C PRO H 172 -42.86 22.05 8.68
N GLN H 173 -43.85 21.17 8.71
CA GLN H 173 -44.10 20.25 7.61
C GLN H 173 -45.51 20.41 7.04
N PRO H 174 -45.63 20.48 5.70
CA PRO H 174 -46.94 20.51 5.05
C PRO H 174 -47.50 19.09 4.96
N LEU H 175 -48.64 18.86 5.61
CA LEU H 175 -49.24 17.52 5.68
C LEU H 175 -49.87 17.09 4.35
N LYS H 176 -49.85 15.78 4.10
CA LYS H 176 -50.44 15.21 2.89
C LYS H 176 -51.95 15.07 3.04
N GLU H 177 -52.68 15.37 1.96
CA GLU H 177 -54.14 15.28 1.96
C GLU H 177 -54.61 13.85 1.71
N GLN H 178 -53.93 13.16 0.79
CA GLN H 178 -54.23 11.76 0.48
C GLN H 178 -53.00 10.88 0.73
N PRO H 179 -52.72 10.54 2.00
CA PRO H 179 -51.51 9.77 2.33
C PRO H 179 -51.41 8.44 1.59
N ALA H 180 -52.56 7.91 1.15
CA ALA H 180 -52.64 6.67 0.38
C ALA H 180 -51.87 6.73 -0.94
N LEU H 181 -52.07 7.81 -1.68
CA LEU H 181 -51.39 8.02 -2.96
C LEU H 181 -49.99 8.60 -2.76
N ASN H 182 -49.08 8.29 -3.68
CA ASN H 182 -47.72 8.83 -3.65
C ASN H 182 -47.61 10.22 -4.30
N ASP H 183 -48.72 10.66 -4.90
CA ASP H 183 -48.80 11.97 -5.56
C ASP H 183 -49.61 12.98 -4.76
N SER H 184 -49.79 12.69 -3.47
CA SER H 184 -50.66 13.49 -2.59
C SER H 184 -50.42 14.99 -2.67
N ARG H 185 -51.50 15.74 -2.85
CA ARG H 185 -51.48 17.19 -2.75
C ARG H 185 -51.38 17.55 -1.27
N TYR H 186 -50.75 18.69 -0.99
CA TYR H 186 -50.43 19.07 0.38
C TYR H 186 -51.33 20.18 0.92
N SER H 187 -51.41 20.25 2.24
CA SER H 187 -52.04 21.35 2.94
C SER H 187 -51.10 21.89 4.01
N LEU H 188 -51.22 23.18 4.33
CA LEU H 188 -50.38 23.81 5.33
C LEU H 188 -51.20 24.87 6.08
N SER H 189 -51.05 24.89 7.40
CA SER H 189 -51.74 25.86 8.24
C SER H 189 -50.75 26.78 8.96
N SER H 190 -51.20 28.00 9.26
CA SER H 190 -50.40 28.95 10.02
C SER H 190 -51.30 29.77 10.94
N ARG H 191 -50.69 30.43 11.92
CA ARG H 191 -51.44 31.23 12.89
C ARG H 191 -50.77 32.57 13.14
N LEU H 192 -51.58 33.63 13.16
CA LEU H 192 -51.13 34.94 13.62
C LEU H 192 -51.94 35.34 14.86
N ARG H 193 -51.25 35.80 15.88
CA ARG H 193 -51.91 36.22 17.11
C ARG H 193 -51.51 37.63 17.51
N VAL H 194 -52.51 38.50 17.62
CA VAL H 194 -52.31 39.86 18.11
C VAL H 194 -53.29 40.16 19.24
N SER H 195 -53.09 41.30 19.90
CA SER H 195 -53.95 41.73 21.00
C SER H 195 -55.39 41.88 20.53
N ALA H 196 -56.33 41.57 21.42
CA ALA H 196 -57.76 41.70 21.14
C ALA H 196 -58.09 43.07 20.55
N THR H 197 -57.55 44.12 21.17
CA THR H 197 -57.79 45.49 20.73
C THR H 197 -57.20 45.81 19.36
N PHE H 198 -56.18 45.08 18.94
CA PHE H 198 -55.57 45.28 17.62
C PHE H 198 -56.46 44.69 16.50
N TRP H 199 -57.10 43.57 16.79
CA TRP H 199 -58.05 42.96 15.86
C TRP H 199 -59.33 43.76 15.77
N GLN H 200 -59.72 44.36 16.89
CA GLN H 200 -60.96 45.12 16.98
C GLN H 200 -60.95 46.41 16.13
N ASN H 201 -59.75 46.89 15.82
CA ASN H 201 -59.58 48.07 14.97
C ASN H 201 -59.88 47.75 13.51
N PRO H 202 -60.92 48.37 12.93
CA PRO H 202 -61.32 48.11 11.54
C PRO H 202 -60.37 48.73 10.51
N ARG H 203 -59.40 49.51 10.98
CA ARG H 203 -58.42 50.13 10.09
C ARG H 203 -57.25 49.20 9.80
N ASN H 204 -57.14 48.13 10.58
CA ASN H 204 -56.09 47.12 10.40
C ASN H 204 -56.45 46.09 9.34
N HIS H 205 -55.59 45.98 8.33
CA HIS H 205 -55.81 45.08 7.21
C HIS H 205 -54.89 43.90 7.30
N PHE H 206 -55.49 42.74 7.53
CA PHE H 206 -54.73 41.49 7.69
C PHE H 206 -54.79 40.68 6.40
N ARG H 207 -53.64 40.19 5.96
CA ARG H 207 -53.56 39.37 4.76
C ARG H 207 -52.58 38.22 4.92
N CYS H 208 -53.05 37.00 4.64
CA CYS H 208 -52.19 35.82 4.64
C CYS H 208 -51.75 35.50 3.21
N GLN H 209 -50.46 35.67 2.94
CA GLN H 209 -49.90 35.41 1.61
C GLN H 209 -49.28 34.02 1.55
N VAL H 210 -49.45 33.35 0.41
CA VAL H 210 -48.75 32.10 0.13
C VAL H 210 -48.06 32.19 -1.23
N GLN H 211 -46.74 32.30 -1.19
CA GLN H 211 -45.93 32.26 -2.40
C GLN H 211 -45.83 30.82 -2.85
N PHE H 212 -46.40 30.52 -4.01
CA PHE H 212 -46.34 29.18 -4.58
C PHE H 212 -45.28 29.10 -5.67
N TYR H 213 -44.52 28.00 -5.66
CA TYR H 213 -43.56 27.73 -6.72
C TYR H 213 -44.03 26.55 -7.54
N GLY H 214 -44.03 26.74 -8.86
CA GLY H 214 -44.44 25.71 -9.80
C GLY H 214 -43.72 25.85 -11.11
N LEU H 215 -44.49 26.04 -12.18
CA LEU H 215 -43.96 26.09 -13.53
C LEU H 215 -43.44 27.47 -13.92
N SER H 216 -42.38 27.46 -14.74
CA SER H 216 -41.85 28.68 -15.35
C SER H 216 -42.74 29.07 -16.53
N GLU H 217 -42.60 30.30 -17.00
CA GLU H 217 -43.33 30.78 -18.18
C GLU H 217 -42.81 30.14 -19.46
N ASN H 218 -41.79 29.29 -19.33
CA ASN H 218 -41.12 28.66 -20.47
C ASN H 218 -41.36 27.15 -20.54
N ASP H 219 -41.95 26.59 -19.49
CA ASP H 219 -42.25 25.17 -19.42
C ASP H 219 -43.44 24.82 -20.31
N GLU H 220 -43.35 23.68 -20.99
CA GLU H 220 -44.43 23.20 -21.85
C GLU H 220 -45.59 22.64 -21.02
N TRP H 221 -46.79 23.16 -21.27
CA TRP H 221 -47.99 22.69 -20.58
C TRP H 221 -49.06 22.35 -21.57
N THR H 222 -49.45 21.07 -21.58
CA THR H 222 -50.39 20.54 -22.58
C THR H 222 -51.81 20.40 -22.05
N GLN H 223 -51.92 20.05 -20.77
CA GLN H 223 -53.23 19.77 -20.14
C GLN H 223 -54.19 20.97 -20.13
N ASP H 224 -55.46 20.70 -19.86
CA ASP H 224 -56.52 21.70 -19.99
C ASP H 224 -56.56 22.71 -18.85
N ARG H 225 -56.55 22.23 -17.61
CA ARG H 225 -56.63 23.12 -16.44
C ARG H 225 -55.52 24.16 -16.42
N ALA H 226 -55.81 25.31 -15.79
CA ALA H 226 -54.92 26.48 -15.79
C ALA H 226 -53.47 26.13 -15.45
N LYS H 227 -52.55 26.66 -16.26
CA LYS H 227 -51.11 26.41 -16.10
C LYS H 227 -50.63 26.77 -14.69
N PRO H 228 -50.02 25.80 -13.99
CA PRO H 228 -49.62 26.01 -12.60
C PRO H 228 -48.31 26.79 -12.47
N VAL H 229 -48.34 28.06 -12.86
CA VAL H 229 -47.16 28.92 -12.78
C VAL H 229 -46.86 29.38 -11.34
N THR H 230 -45.62 29.79 -11.13
CA THR H 230 -45.20 30.42 -9.87
C THR H 230 -46.08 31.65 -9.63
N GLN H 231 -46.81 31.65 -8.53
CA GLN H 231 -47.78 32.70 -8.25
C GLN H 231 -48.00 32.94 -6.75
N ILE H 232 -48.58 34.10 -6.42
CA ILE H 232 -48.99 34.41 -5.07
C ILE H 232 -50.50 34.20 -4.91
N VAL H 233 -50.89 33.44 -3.89
CA VAL H 233 -52.30 33.25 -3.57
C VAL H 233 -52.53 33.69 -2.12
N SER H 234 -53.52 34.56 -1.91
CA SER H 234 -53.77 35.11 -0.59
C SER H 234 -55.26 35.31 -0.27
N ALA H 235 -55.54 35.39 1.03
CA ALA H 235 -56.85 35.75 1.53
C ALA H 235 -56.67 36.90 2.51
N GLU H 236 -57.72 37.70 2.69
CA GLU H 236 -57.63 38.84 3.60
C GLU H 236 -58.87 39.01 4.47
N ALA H 237 -58.73 39.79 5.53
CA ALA H 237 -59.85 40.19 6.37
C ALA H 237 -59.53 41.53 7.03
N TRP H 238 -60.58 42.30 7.33
CA TRP H 238 -60.42 43.54 8.07
C TRP H 238 -60.86 43.34 9.50
N GLY H 239 -60.36 44.21 10.38
CA GLY H 239 -60.71 44.15 11.79
C GLY H 239 -62.16 44.54 12.08
N ARG H 240 -62.65 44.14 13.25
CA ARG H 240 -64.03 44.43 13.65
C ARG H 240 -64.18 44.55 15.18
N ALA H 241 -64.87 45.61 15.61
CA ALA H 241 -65.10 45.88 17.03
C ALA H 241 -66.49 45.42 17.47
#